data_3A0D
# 
_entry.id   3A0D 
# 
_audit_conform.dict_name       mmcif_pdbx.dic 
_audit_conform.dict_version    5.399 
_audit_conform.dict_location   http://mmcif.pdb.org/dictionaries/ascii/mmcif_pdbx.dic 
# 
loop_
_database_2.database_id 
_database_2.database_code 
_database_2.pdbx_database_accession 
_database_2.pdbx_DOI 
PDB   3A0D         pdb_00003a0d 10.2210/pdb3a0d/pdb 
RCSB  RCSB028652   ?            ?                   
WWPDB D_1000028652 ?            ?                   
# 
loop_
_pdbx_audit_revision_history.ordinal 
_pdbx_audit_revision_history.data_content_type 
_pdbx_audit_revision_history.major_revision 
_pdbx_audit_revision_history.minor_revision 
_pdbx_audit_revision_history.revision_date 
1 'Structure model' 1 0 2010-03-16 
2 'Structure model' 1 1 2011-07-13 
3 'Structure model' 1 2 2012-03-21 
4 'Structure model' 1 3 2020-07-29 
5 'Structure model' 1 4 2023-11-01 
6 'Structure model' 1 5 2024-11-20 
# 
loop_
_pdbx_audit_revision_details.ordinal 
_pdbx_audit_revision_details.revision_ordinal 
_pdbx_audit_revision_details.data_content_type 
_pdbx_audit_revision_details.provider 
_pdbx_audit_revision_details.type 
_pdbx_audit_revision_details.description 
_pdbx_audit_revision_details.details 
1 1 'Structure model' repository 'Initial release' ?                          ? 
2 4 'Structure model' repository Remediation       'Carbohydrate remediation' ? 
# 
loop_
_pdbx_audit_revision_group.ordinal 
_pdbx_audit_revision_group.revision_ordinal 
_pdbx_audit_revision_group.data_content_type 
_pdbx_audit_revision_group.group 
1  2 'Structure model' 'Version format compliance' 
2  3 'Structure model' 'Database references'       
3  4 'Structure model' 'Data collection'           
4  4 'Structure model' 'Derived calculations'      
5  4 'Structure model' 'Structure summary'         
6  5 'Structure model' 'Data collection'           
7  5 'Structure model' 'Database references'       
8  5 'Structure model' 'Refinement description'    
9  5 'Structure model' 'Structure summary'         
10 6 'Structure model' 'Structure summary'         
# 
loop_
_pdbx_audit_revision_category.ordinal 
_pdbx_audit_revision_category.revision_ordinal 
_pdbx_audit_revision_category.data_content_type 
_pdbx_audit_revision_category.category 
1  4 'Structure model' chem_comp                     
2  4 'Structure model' entity                        
3  4 'Structure model' pdbx_chem_comp_identifier     
4  4 'Structure model' pdbx_entity_nonpoly           
5  4 'Structure model' struct_site                   
6  4 'Structure model' struct_site_gen               
7  5 'Structure model' chem_comp                     
8  5 'Structure model' chem_comp_atom                
9  5 'Structure model' chem_comp_bond                
10 5 'Structure model' database_2                    
11 5 'Structure model' pdbx_initial_refinement_model 
12 6 'Structure model' pdbx_entry_details            
13 6 'Structure model' pdbx_modification_feature     
# 
loop_
_pdbx_audit_revision_item.ordinal 
_pdbx_audit_revision_item.revision_ordinal 
_pdbx_audit_revision_item.data_content_type 
_pdbx_audit_revision_item.item 
1 4 'Structure model' '_chem_comp.mon_nstd_flag'                     
2 4 'Structure model' '_chem_comp.name'                              
3 4 'Structure model' '_chem_comp.type'                              
4 4 'Structure model' '_entity.pdbx_description'                     
5 4 'Structure model' '_pdbx_entity_nonpoly.name'                    
6 5 'Structure model' '_chem_comp.pdbx_synonyms'                     
7 5 'Structure model' '_database_2.pdbx_DOI'                         
8 5 'Structure model' '_database_2.pdbx_database_accession'          
9 6 'Structure model' '_pdbx_entry_details.has_protein_modification' 
# 
_pdbx_database_status.status_code                     REL 
_pdbx_database_status.entry_id                        3A0D 
_pdbx_database_status.recvd_initial_deposition_date   2009-03-16 
_pdbx_database_status.deposit_site                    PDBJ 
_pdbx_database_status.process_site                    PDBJ 
_pdbx_database_status.status_code_sf                  REL 
_pdbx_database_status.status_code_mr                  ? 
_pdbx_database_status.SG_entry                        ? 
_pdbx_database_status.status_code_cs                  ? 
_pdbx_database_status.pdb_format_compatible           Y 
_pdbx_database_status.status_code_nmr_data            ? 
_pdbx_database_status.methods_development_category    ? 
# 
loop_
_pdbx_database_related.db_name 
_pdbx_database_related.db_id 
_pdbx_database_related.details 
_pdbx_database_related.content_type 
PDB 3A0C 'Crystal Structure of an anti-HIV mannose-binding lectin from Polygonatum cyrtonema Hua' unspecified 
PDB 3A0E 'Crystal Structure of Polygonatum cyrtonema lectin (PCL) complexed with dimannoside'     unspecified 
# 
loop_
_audit_author.name 
_audit_author.pdbx_ordinal 
'Ding, J.'   1 
'Wang, D.C.' 2 
# 
_citation.id                        primary 
_citation.title                     
;Crystal structures of a novel anti-HIV mannose-binding lectin from Polygonatum cyrtonema Hua with unique ligand-binding property and super-structure
;
_citation.journal_abbrev            J.Struct.Biol. 
_citation.journal_volume            171 
_citation.page_first                309 
_citation.page_last                 317 
_citation.year                      2010 
_citation.journal_id_ASTM           JSBIEM 
_citation.country                   US 
_citation.journal_id_ISSN           1047-8477 
_citation.journal_id_CSD            0803 
_citation.book_publisher            ? 
_citation.pdbx_database_id_PubMed   20546901 
_citation.pdbx_database_id_DOI      10.1016/j.jsb.2010.05.009 
# 
loop_
_citation_author.citation_id 
_citation_author.name 
_citation_author.ordinal 
_citation_author.identifier_ORCID 
primary 'Ding, J.'   1 ? 
primary 'Bao, J.'    2 ? 
primary 'Zhu, D.'    3 ? 
primary 'Zhang, Y.'  4 ? 
primary 'Wang, D.C.' 5 ? 
# 
loop_
_entity.id 
_entity.type 
_entity.src_method 
_entity.pdbx_description 
_entity.formula_weight 
_entity.pdbx_number_of_molecules 
_entity.pdbx_ec 
_entity.pdbx_mutation 
_entity.pdbx_fragment 
_entity.details 
1 polymer     nat 'Mannose/sialic acid-binding lectin' 11962.332 1   ? ? 'UNP residues 29-138' ? 
2 non-polymer man 'methyl alpha-D-mannopyranoside'     194.182   1   ? ? ?                     ? 
3 non-polymer syn 'SULFATE ION'                        96.063    5   ? ? ?                     ? 
4 water       nat water                                18.015    113 ? ? ?                     ? 
# 
_entity_poly.entity_id                      1 
_entity_poly.type                           'polypeptide(L)' 
_entity_poly.nstd_linkage                   no 
_entity_poly.nstd_monomer                   no 
_entity_poly.pdbx_seq_one_letter_code       
;VNSLSSPNSLFTGHSLEVGPSYRLIMQGDCNFVLYDSGKPVWASNTGGLGSGCRLTLHNNGNLVIYDQSNRVIWQTKTNG
KEDHYVLVLQQDRNVVIYGPVVWATGSGPA
;
_entity_poly.pdbx_seq_one_letter_code_can   
;VNSLSSPNSLFTGHSLEVGPSYRLIMQGDCNFVLYDSGKPVWASNTGGLGSGCRLTLHNNGNLVIYDQSNRVIWQTKTNG
KEDHYVLVLQQDRNVVIYGPVVWATGSGPA
;
_entity_poly.pdbx_strand_id                 A 
_entity_poly.pdbx_target_identifier         ? 
# 
loop_
_pdbx_entity_nonpoly.entity_id 
_pdbx_entity_nonpoly.name 
_pdbx_entity_nonpoly.comp_id 
2 'methyl alpha-D-mannopyranoside' MMA 
3 'SULFATE ION'                    SO4 
4 water                            HOH 
# 
loop_
_entity_poly_seq.entity_id 
_entity_poly_seq.num 
_entity_poly_seq.mon_id 
_entity_poly_seq.hetero 
1 1   VAL n 
1 2   ASN n 
1 3   SER n 
1 4   LEU n 
1 5   SER n 
1 6   SER n 
1 7   PRO n 
1 8   ASN n 
1 9   SER n 
1 10  LEU n 
1 11  PHE n 
1 12  THR n 
1 13  GLY n 
1 14  HIS n 
1 15  SER n 
1 16  LEU n 
1 17  GLU n 
1 18  VAL n 
1 19  GLY n 
1 20  PRO n 
1 21  SER n 
1 22  TYR n 
1 23  ARG n 
1 24  LEU n 
1 25  ILE n 
1 26  MET n 
1 27  GLN n 
1 28  GLY n 
1 29  ASP n 
1 30  CYS n 
1 31  ASN n 
1 32  PHE n 
1 33  VAL n 
1 34  LEU n 
1 35  TYR n 
1 36  ASP n 
1 37  SER n 
1 38  GLY n 
1 39  LYS n 
1 40  PRO n 
1 41  VAL n 
1 42  TRP n 
1 43  ALA n 
1 44  SER n 
1 45  ASN n 
1 46  THR n 
1 47  GLY n 
1 48  GLY n 
1 49  LEU n 
1 50  GLY n 
1 51  SER n 
1 52  GLY n 
1 53  CYS n 
1 54  ARG n 
1 55  LEU n 
1 56  THR n 
1 57  LEU n 
1 58  HIS n 
1 59  ASN n 
1 60  ASN n 
1 61  GLY n 
1 62  ASN n 
1 63  LEU n 
1 64  VAL n 
1 65  ILE n 
1 66  TYR n 
1 67  ASP n 
1 68  GLN n 
1 69  SER n 
1 70  ASN n 
1 71  ARG n 
1 72  VAL n 
1 73  ILE n 
1 74  TRP n 
1 75  GLN n 
1 76  THR n 
1 77  LYS n 
1 78  THR n 
1 79  ASN n 
1 80  GLY n 
1 81  LYS n 
1 82  GLU n 
1 83  ASP n 
1 84  HIS n 
1 85  TYR n 
1 86  VAL n 
1 87  LEU n 
1 88  VAL n 
1 89  LEU n 
1 90  GLN n 
1 91  GLN n 
1 92  ASP n 
1 93  ARG n 
1 94  ASN n 
1 95  VAL n 
1 96  VAL n 
1 97  ILE n 
1 98  TYR n 
1 99  GLY n 
1 100 PRO n 
1 101 VAL n 
1 102 VAL n 
1 103 TRP n 
1 104 ALA n 
1 105 THR n 
1 106 GLY n 
1 107 SER n 
1 108 GLY n 
1 109 PRO n 
1 110 ALA n 
# 
_entity_src_nat.entity_id                  1 
_entity_src_nat.pdbx_src_id                1 
_entity_src_nat.pdbx_alt_source_flag       sample 
_entity_src_nat.pdbx_beg_seq_num           ? 
_entity_src_nat.pdbx_end_seq_num           ? 
_entity_src_nat.common_name                ? 
_entity_src_nat.pdbx_organism_scientific   'Polygonatum cyrtonema' 
_entity_src_nat.pdbx_ncbi_taxonomy_id      195526 
_entity_src_nat.genus                      ? 
_entity_src_nat.species                    ? 
_entity_src_nat.strain                     HUA 
_entity_src_nat.tissue                     ? 
_entity_src_nat.tissue_fraction            ? 
_entity_src_nat.pdbx_secretion             ? 
_entity_src_nat.pdbx_fragment              ? 
_entity_src_nat.pdbx_variant               ? 
_entity_src_nat.pdbx_cell_line             ? 
_entity_src_nat.pdbx_atcc                  ? 
_entity_src_nat.pdbx_cellular_location     ? 
_entity_src_nat.pdbx_organ                 ? 
_entity_src_nat.pdbx_organelle             ? 
_entity_src_nat.pdbx_cell                  ? 
_entity_src_nat.pdbx_plasmid_name          ? 
_entity_src_nat.pdbx_plasmid_details       ? 
_entity_src_nat.details                    ? 
# 
loop_
_chem_comp.id 
_chem_comp.type 
_chem_comp.mon_nstd_flag 
_chem_comp.name 
_chem_comp.pdbx_synonyms 
_chem_comp.formula 
_chem_comp.formula_weight 
ALA 'L-peptide linking' y ALANINE                          ? 'C3 H7 N O2'     89.093  
ARG 'L-peptide linking' y ARGININE                         ? 'C6 H15 N4 O2 1' 175.209 
ASN 'L-peptide linking' y ASPARAGINE                       ? 'C4 H8 N2 O3'    132.118 
ASP 'L-peptide linking' y 'ASPARTIC ACID'                  ? 'C4 H7 N O4'     133.103 
CYS 'L-peptide linking' y CYSTEINE                         ? 'C3 H7 N O2 S'   121.158 
GLN 'L-peptide linking' y GLUTAMINE                        ? 'C5 H10 N2 O3'   146.144 
GLU 'L-peptide linking' y 'GLUTAMIC ACID'                  ? 'C5 H9 N O4'     147.129 
GLY 'peptide linking'   y GLYCINE                          ? 'C2 H5 N O2'     75.067  
HIS 'L-peptide linking' y HISTIDINE                        ? 'C6 H10 N3 O2 1' 156.162 
HOH non-polymer         . WATER                            ? 'H2 O'           18.015  
ILE 'L-peptide linking' y ISOLEUCINE                       ? 'C6 H13 N O2'    131.173 
LEU 'L-peptide linking' y LEUCINE                          ? 'C6 H13 N O2'    131.173 
LYS 'L-peptide linking' y LYSINE                           ? 'C6 H15 N2 O2 1' 147.195 
MET 'L-peptide linking' y METHIONINE                       ? 'C5 H11 N O2 S'  149.211 
MMA D-saccharide        n 'methyl alpha-D-mannopyranoside' 
'O1-METHYL-MANNOSE; methyl alpha-D-mannoside; methyl D-mannoside; methyl mannoside' 'C7 H14 O6'      194.182 
PHE 'L-peptide linking' y PHENYLALANINE                    ? 'C9 H11 N O2'    165.189 
PRO 'L-peptide linking' y PROLINE                          ? 'C5 H9 N O2'     115.130 
SER 'L-peptide linking' y SERINE                           ? 'C3 H7 N O3'     105.093 
SO4 non-polymer         . 'SULFATE ION'                    ? 'O4 S -2'        96.063  
THR 'L-peptide linking' y THREONINE                        ? 'C4 H9 N O3'     119.119 
TRP 'L-peptide linking' y TRYPTOPHAN                       ? 'C11 H12 N2 O2'  204.225 
TYR 'L-peptide linking' y TYROSINE                         ? 'C9 H11 N O3'    181.189 
VAL 'L-peptide linking' y VALINE                           ? 'C5 H11 N O2'    117.146 
# 
loop_
_pdbx_chem_comp_identifier.comp_id 
_pdbx_chem_comp_identifier.type 
_pdbx_chem_comp_identifier.program 
_pdbx_chem_comp_identifier.program_version 
_pdbx_chem_comp_identifier.identifier 
MMA 'CONDENSED IUPAC CARBOHYDRATE SYMBOL' GMML     1.0 'DManp[1Me]a'              
MMA 'COMMON NAME'                         GMML     1.0 1-methyl-a-D-mannopyranose 
MMA 'IUPAC CARBOHYDRATE SYMBOL'           PDB-CARE 1.0 o1-methyl-mannose          
# 
loop_
_pdbx_poly_seq_scheme.asym_id 
_pdbx_poly_seq_scheme.entity_id 
_pdbx_poly_seq_scheme.seq_id 
_pdbx_poly_seq_scheme.mon_id 
_pdbx_poly_seq_scheme.ndb_seq_num 
_pdbx_poly_seq_scheme.pdb_seq_num 
_pdbx_poly_seq_scheme.auth_seq_num 
_pdbx_poly_seq_scheme.pdb_mon_id 
_pdbx_poly_seq_scheme.auth_mon_id 
_pdbx_poly_seq_scheme.pdb_strand_id 
_pdbx_poly_seq_scheme.pdb_ins_code 
_pdbx_poly_seq_scheme.hetero 
A 1 1   VAL 1   1   1   VAL VAL A . n 
A 1 2   ASN 2   2   2   ASN ASN A . n 
A 1 3   SER 3   3   3   SER SER A . n 
A 1 4   LEU 4   4   4   LEU LEU A . n 
A 1 5   SER 5   5   5   SER SER A . n 
A 1 6   SER 6   6   6   SER SER A . n 
A 1 7   PRO 7   7   7   PRO PRO A . n 
A 1 8   ASN 8   8   8   ASN ASN A . n 
A 1 9   SER 9   9   9   SER SER A . n 
A 1 10  LEU 10  10  10  LEU LEU A . n 
A 1 11  PHE 11  11  11  PHE PHE A . n 
A 1 12  THR 12  12  12  THR THR A . n 
A 1 13  GLY 13  13  13  GLY GLY A . n 
A 1 14  HIS 14  14  14  HIS HIS A . n 
A 1 15  SER 15  15  15  SER SER A . n 
A 1 16  LEU 16  16  16  LEU LEU A . n 
A 1 17  GLU 17  17  17  GLU GLU A . n 
A 1 18  VAL 18  18  18  VAL VAL A . n 
A 1 19  GLY 19  19  19  GLY GLY A . n 
A 1 20  PRO 20  20  20  PRO PRO A . n 
A 1 21  SER 21  21  21  SER SER A . n 
A 1 22  TYR 22  22  22  TYR TYR A . n 
A 1 23  ARG 23  23  23  ARG ARG A . n 
A 1 24  LEU 24  24  24  LEU LEU A . n 
A 1 25  ILE 25  25  25  ILE ILE A . n 
A 1 26  MET 26  26  26  MET MET A . n 
A 1 27  GLN 27  27  27  GLN GLN A . n 
A 1 28  GLY 28  28  28  GLY GLY A . n 
A 1 29  ASP 29  29  29  ASP ASP A . n 
A 1 30  CYS 30  30  30  CYS CYS A . n 
A 1 31  ASN 31  31  31  ASN ASN A . n 
A 1 32  PHE 32  32  32  PHE PHE A . n 
A 1 33  VAL 33  33  33  VAL VAL A . n 
A 1 34  LEU 34  34  34  LEU LEU A . n 
A 1 35  TYR 35  35  35  TYR TYR A . n 
A 1 36  ASP 36  36  36  ASP ASP A . n 
A 1 37  SER 37  37  37  SER SER A . n 
A 1 38  GLY 38  38  38  GLY GLY A . n 
A 1 39  LYS 39  39  39  LYS LYS A . n 
A 1 40  PRO 40  40  40  PRO PRO A . n 
A 1 41  VAL 41  41  41  VAL VAL A . n 
A 1 42  TRP 42  42  42  TRP TRP A . n 
A 1 43  ALA 43  43  43  ALA ALA A . n 
A 1 44  SER 44  44  44  SER SER A . n 
A 1 45  ASN 45  45  45  ASN ASN A . n 
A 1 46  THR 46  46  46  THR THR A . n 
A 1 47  GLY 47  47  47  GLY GLY A . n 
A 1 48  GLY 48  48  48  GLY GLY A . n 
A 1 49  LEU 49  49  49  LEU LEU A . n 
A 1 50  GLY 50  50  50  GLY GLY A . n 
A 1 51  SER 51  51  51  SER SER A . n 
A 1 52  GLY 52  52  52  GLY GLY A . n 
A 1 53  CYS 53  53  53  CYS CYS A . n 
A 1 54  ARG 54  54  54  ARG ARG A . n 
A 1 55  LEU 55  55  55  LEU LEU A . n 
A 1 56  THR 56  56  56  THR THR A . n 
A 1 57  LEU 57  57  57  LEU LEU A . n 
A 1 58  HIS 58  58  58  HIS HIS A . n 
A 1 59  ASN 59  59  59  ASN ASN A . n 
A 1 60  ASN 60  60  60  ASN ASN A . n 
A 1 61  GLY 61  61  61  GLY GLY A . n 
A 1 62  ASN 62  62  62  ASN ASN A . n 
A 1 63  LEU 63  63  63  LEU LEU A . n 
A 1 64  VAL 64  64  64  VAL VAL A . n 
A 1 65  ILE 65  65  65  ILE ILE A . n 
A 1 66  TYR 66  66  66  TYR TYR A . n 
A 1 67  ASP 67  67  67  ASP ASP A . n 
A 1 68  GLN 68  68  68  GLN GLN A . n 
A 1 69  SER 69  69  69  SER SER A . n 
A 1 70  ASN 70  70  70  ASN ASN A . n 
A 1 71  ARG 71  71  71  ARG ARG A . n 
A 1 72  VAL 72  72  72  VAL VAL A . n 
A 1 73  ILE 73  73  73  ILE ILE A . n 
A 1 74  TRP 74  74  74  TRP TRP A . n 
A 1 75  GLN 75  75  75  GLN GLN A . n 
A 1 76  THR 76  76  76  THR THR A . n 
A 1 77  LYS 77  77  77  LYS LYS A . n 
A 1 78  THR 78  78  78  THR THR A . n 
A 1 79  ASN 79  79  79  ASN ASN A . n 
A 1 80  GLY 80  80  80  GLY GLY A . n 
A 1 81  LYS 81  81  81  LYS LYS A . n 
A 1 82  GLU 82  82  82  GLU GLU A . n 
A 1 83  ASP 83  83  83  ASP ASP A . n 
A 1 84  HIS 84  84  84  HIS HIS A . n 
A 1 85  TYR 85  85  85  TYR TYR A . n 
A 1 86  VAL 86  86  86  VAL VAL A . n 
A 1 87  LEU 87  87  87  LEU LEU A . n 
A 1 88  VAL 88  88  88  VAL VAL A . n 
A 1 89  LEU 89  89  89  LEU LEU A . n 
A 1 90  GLN 90  90  90  GLN GLN A . n 
A 1 91  GLN 91  91  91  GLN GLN A . n 
A 1 92  ASP 92  92  92  ASP ASP A . n 
A 1 93  ARG 93  93  93  ARG ARG A . n 
A 1 94  ASN 94  94  94  ASN ASN A . n 
A 1 95  VAL 95  95  95  VAL VAL A . n 
A 1 96  VAL 96  96  96  VAL VAL A . n 
A 1 97  ILE 97  97  97  ILE ILE A . n 
A 1 98  TYR 98  98  98  TYR TYR A . n 
A 1 99  GLY 99  99  99  GLY GLY A . n 
A 1 100 PRO 100 100 100 PRO PRO A . n 
A 1 101 VAL 101 101 101 VAL VAL A . n 
A 1 102 VAL 102 102 102 VAL VAL A . n 
A 1 103 TRP 103 103 103 TRP TRP A . n 
A 1 104 ALA 104 104 104 ALA ALA A . n 
A 1 105 THR 105 105 105 THR THR A . n 
A 1 106 GLY 106 106 106 GLY GLY A . n 
A 1 107 SER 107 107 107 SER SER A . n 
A 1 108 GLY 108 108 108 GLY GLY A . n 
A 1 109 PRO 109 109 109 PRO PRO A . n 
A 1 110 ALA 110 110 110 ALA ALA A . n 
# 
loop_
_pdbx_nonpoly_scheme.asym_id 
_pdbx_nonpoly_scheme.entity_id 
_pdbx_nonpoly_scheme.mon_id 
_pdbx_nonpoly_scheme.ndb_seq_num 
_pdbx_nonpoly_scheme.pdb_seq_num 
_pdbx_nonpoly_scheme.auth_seq_num 
_pdbx_nonpoly_scheme.pdb_mon_id 
_pdbx_nonpoly_scheme.auth_mon_id 
_pdbx_nonpoly_scheme.pdb_strand_id 
_pdbx_nonpoly_scheme.pdb_ins_code 
B 2 MMA 1   111 1   MMA MMA A . 
C 3 SO4 1   112 1   SO4 SO4 A . 
D 3 SO4 1   113 2   SO4 SO4 A . 
E 3 SO4 1   114 3   SO4 SO4 A . 
F 3 SO4 1   115 4   SO4 SO4 A . 
G 3 SO4 1   116 5   SO4 SO4 A . 
H 4 HOH 1   117 1   HOH HOH A . 
H 4 HOH 2   118 2   HOH HOH A . 
H 4 HOH 3   119 3   HOH HOH A . 
H 4 HOH 4   120 4   HOH HOH A . 
H 4 HOH 5   121 5   HOH HOH A . 
H 4 HOH 6   122 6   HOH HOH A . 
H 4 HOH 7   123 7   HOH HOH A . 
H 4 HOH 8   124 8   HOH HOH A . 
H 4 HOH 9   125 9   HOH HOH A . 
H 4 HOH 10  126 10  HOH HOH A . 
H 4 HOH 11  127 11  HOH HOH A . 
H 4 HOH 12  128 12  HOH HOH A . 
H 4 HOH 13  129 13  HOH HOH A . 
H 4 HOH 14  130 14  HOH HOH A . 
H 4 HOH 15  131 15  HOH HOH A . 
H 4 HOH 16  132 16  HOH HOH A . 
H 4 HOH 17  133 17  HOH HOH A . 
H 4 HOH 18  134 18  HOH HOH A . 
H 4 HOH 19  135 19  HOH HOH A . 
H 4 HOH 20  136 20  HOH HOH A . 
H 4 HOH 21  137 21  HOH HOH A . 
H 4 HOH 22  138 22  HOH HOH A . 
H 4 HOH 23  139 23  HOH HOH A . 
H 4 HOH 24  140 24  HOH HOH A . 
H 4 HOH 25  141 25  HOH HOH A . 
H 4 HOH 26  142 26  HOH HOH A . 
H 4 HOH 27  143 27  HOH HOH A . 
H 4 HOH 28  144 28  HOH HOH A . 
H 4 HOH 29  145 29  HOH HOH A . 
H 4 HOH 30  146 30  HOH HOH A . 
H 4 HOH 31  147 31  HOH HOH A . 
H 4 HOH 32  148 32  HOH HOH A . 
H 4 HOH 33  149 33  HOH HOH A . 
H 4 HOH 34  150 34  HOH HOH A . 
H 4 HOH 35  151 35  HOH HOH A . 
H 4 HOH 36  152 36  HOH HOH A . 
H 4 HOH 37  153 37  HOH HOH A . 
H 4 HOH 38  154 38  HOH HOH A . 
H 4 HOH 39  155 39  HOH HOH A . 
H 4 HOH 40  156 40  HOH HOH A . 
H 4 HOH 41  157 41  HOH HOH A . 
H 4 HOH 42  158 42  HOH HOH A . 
H 4 HOH 43  159 43  HOH HOH A . 
H 4 HOH 44  160 44  HOH HOH A . 
H 4 HOH 45  161 45  HOH HOH A . 
H 4 HOH 46  162 46  HOH HOH A . 
H 4 HOH 47  163 47  HOH HOH A . 
H 4 HOH 48  164 48  HOH HOH A . 
H 4 HOH 49  165 49  HOH HOH A . 
H 4 HOH 50  166 50  HOH HOH A . 
H 4 HOH 51  167 51  HOH HOH A . 
H 4 HOH 52  168 52  HOH HOH A . 
H 4 HOH 53  169 53  HOH HOH A . 
H 4 HOH 54  170 54  HOH HOH A . 
H 4 HOH 55  171 55  HOH HOH A . 
H 4 HOH 56  172 56  HOH HOH A . 
H 4 HOH 57  173 57  HOH HOH A . 
H 4 HOH 58  174 58  HOH HOH A . 
H 4 HOH 59  175 59  HOH HOH A . 
H 4 HOH 60  176 60  HOH HOH A . 
H 4 HOH 61  177 61  HOH HOH A . 
H 4 HOH 62  178 62  HOH HOH A . 
H 4 HOH 63  179 63  HOH HOH A . 
H 4 HOH 64  180 64  HOH HOH A . 
H 4 HOH 65  181 65  HOH HOH A . 
H 4 HOH 66  182 66  HOH HOH A . 
H 4 HOH 67  183 67  HOH HOH A . 
H 4 HOH 68  184 68  HOH HOH A . 
H 4 HOH 69  185 69  HOH HOH A . 
H 4 HOH 70  186 70  HOH HOH A . 
H 4 HOH 71  187 71  HOH HOH A . 
H 4 HOH 72  188 72  HOH HOH A . 
H 4 HOH 73  189 73  HOH HOH A . 
H 4 HOH 74  190 74  HOH HOH A . 
H 4 HOH 75  191 75  HOH HOH A . 
H 4 HOH 76  192 76  HOH HOH A . 
H 4 HOH 77  193 77  HOH HOH A . 
H 4 HOH 78  194 78  HOH HOH A . 
H 4 HOH 79  195 79  HOH HOH A . 
H 4 HOH 80  196 80  HOH HOH A . 
H 4 HOH 81  197 81  HOH HOH A . 
H 4 HOH 82  198 82  HOH HOH A . 
H 4 HOH 83  199 83  HOH HOH A . 
H 4 HOH 84  200 84  HOH HOH A . 
H 4 HOH 85  201 85  HOH HOH A . 
H 4 HOH 86  202 87  HOH HOH A . 
H 4 HOH 87  203 88  HOH HOH A . 
H 4 HOH 88  204 89  HOH HOH A . 
H 4 HOH 89  205 90  HOH HOH A . 
H 4 HOH 90  206 91  HOH HOH A . 
H 4 HOH 91  207 92  HOH HOH A . 
H 4 HOH 92  208 93  HOH HOH A . 
H 4 HOH 93  209 94  HOH HOH A . 
H 4 HOH 94  210 95  HOH HOH A . 
H 4 HOH 95  211 96  HOH HOH A . 
H 4 HOH 96  212 97  HOH HOH A . 
H 4 HOH 97  213 98  HOH HOH A . 
H 4 HOH 98  214 99  HOH HOH A . 
H 4 HOH 99  215 100 HOH HOH A . 
H 4 HOH 100 216 101 HOH HOH A . 
H 4 HOH 101 217 102 HOH HOH A . 
H 4 HOH 102 218 103 HOH HOH A . 
H 4 HOH 103 219 104 HOH HOH A . 
H 4 HOH 104 220 105 HOH HOH A . 
H 4 HOH 105 221 106 HOH HOH A . 
H 4 HOH 106 222 107 HOH HOH A . 
H 4 HOH 107 223 108 HOH HOH A . 
H 4 HOH 108 224 109 HOH HOH A . 
H 4 HOH 109 225 110 HOH HOH A . 
H 4 HOH 110 226 111 HOH HOH A . 
H 4 HOH 111 227 112 HOH HOH A . 
H 4 HOH 112 228 113 HOH HOH A . 
H 4 HOH 113 229 114 HOH HOH A . 
# 
loop_
_software.name 
_software.classification 
_software.version 
_software.citation_id 
_software.pdbx_ordinal 
CrystalClear 'data collection' .   ? 1 
PHASER       phasing           .   ? 2 
CNS          refinement        1.2 ? 3 
MOSFLM       'data reduction'  .   ? 4 
SCALA        'data scaling'    .   ? 5 
# 
_cell.entry_id           3A0D 
_cell.length_a           76.460 
_cell.length_b           76.460 
_cell.length_c           61.750 
_cell.angle_alpha        90.00 
_cell.angle_beta         90.00 
_cell.angle_gamma        120.00 
_cell.Z_PDB              6 
_cell.pdbx_unique_axis   ? 
_cell.length_a_esd       ? 
_cell.length_b_esd       ? 
_cell.length_c_esd       ? 
_cell.angle_alpha_esd    ? 
_cell.angle_beta_esd     ? 
_cell.angle_gamma_esd    ? 
# 
_symmetry.entry_id                         3A0D 
_symmetry.space_group_name_H-M             'P 32 2 1' 
_symmetry.pdbx_full_space_group_name_H-M   ? 
_symmetry.cell_setting                     ? 
_symmetry.Int_Tables_number                154 
_symmetry.space_group_name_Hall            ? 
# 
_exptl.entry_id          3A0D 
_exptl.method            'X-RAY DIFFRACTION' 
_exptl.crystals_number   1 
# 
_exptl_crystal.id                    1 
_exptl_crystal.density_meas          ? 
_exptl_crystal.density_Matthews      4.36 
_exptl_crystal.density_percent_sol   71.76 
_exptl_crystal.description           ? 
_exptl_crystal.F_000                 ? 
_exptl_crystal.preparation           ? 
# 
_exptl_crystal_grow.crystal_id      1 
_exptl_crystal_grow.method          'VAPOR DIFFUSION, HANGING DROP' 
_exptl_crystal_grow.temp            293 
_exptl_crystal_grow.temp_details    ? 
_exptl_crystal_grow.pH              ? 
_exptl_crystal_grow.pdbx_details    '1.0M LiSO4, 2% PEG 8000, VAPOR DIFFUSION, HANGING DROP, temperature 293K' 
_exptl_crystal_grow.pdbx_pH_range   . 
# 
_diffrn.id                     1 
_diffrn.ambient_temp           ? 
_diffrn.ambient_temp_details   ? 
_diffrn.crystal_id             1 
# 
_diffrn_detector.diffrn_id              1 
_diffrn_detector.detector               'IMAGE PLATE' 
_diffrn_detector.type                   'RIGAKU RAXIS IV++' 
_diffrn_detector.pdbx_collection_date   2008-02-22 
_diffrn_detector.details                ? 
# 
_diffrn_radiation.diffrn_id                        1 
_diffrn_radiation.wavelength_id                    1 
_diffrn_radiation.pdbx_monochromatic_or_laue_m_l   M 
_diffrn_radiation.monochromator                    ? 
_diffrn_radiation.pdbx_diffrn_protocol             'SINGLE WAVELENGTH' 
_diffrn_radiation.pdbx_scattering_type             x-ray 
# 
_diffrn_radiation_wavelength.id           1 
_diffrn_radiation_wavelength.wavelength   . 
_diffrn_radiation_wavelength.wt           1.0 
# 
_diffrn_source.diffrn_id                   1 
_diffrn_source.source                      'ROTATING ANODE' 
_diffrn_source.type                        'RIGAKU FR-E+ SUPERBRIGHT' 
_diffrn_source.pdbx_synchrotron_site       ? 
_diffrn_source.pdbx_synchrotron_beamline   ? 
_diffrn_source.pdbx_wavelength             ? 
_diffrn_source.pdbx_wavelength_list        ? 
# 
_reflns.entry_id                     3A0D 
_reflns.observed_criterion_sigma_F   0.0 
_reflns.observed_criterion_sigma_I   0.0 
_reflns.d_resolution_high            2.20 
_reflns.d_resolution_low             45.17 
_reflns.number_all                   10912 
_reflns.number_obs                   10885 
_reflns.percent_possible_obs         99.8 
_reflns.pdbx_Rmerge_I_obs            0.080 
_reflns.pdbx_Rsym_value              0.080 
_reflns.pdbx_netI_over_sigmaI        ? 
_reflns.B_iso_Wilson_estimate        32.7 
_reflns.pdbx_redundancy              6.2 
_reflns.R_free_details               ? 
_reflns.limit_h_max                  ? 
_reflns.limit_h_min                  ? 
_reflns.limit_k_max                  ? 
_reflns.limit_k_min                  ? 
_reflns.limit_l_max                  ? 
_reflns.limit_l_min                  ? 
_reflns.observed_criterion_F_max     ? 
_reflns.observed_criterion_F_min     ? 
_reflns.pdbx_chi_squared             ? 
_reflns.pdbx_scaling_rejects         ? 
_reflns.pdbx_ordinal                 1 
_reflns.pdbx_diffrn_id               1 
# 
_reflns_shell.d_res_high             2.20 
_reflns_shell.d_res_low              2.32 
_reflns_shell.percent_possible_all   100 
_reflns_shell.Rmerge_I_obs           0.349 
_reflns_shell.pdbx_Rsym_value        0.349 
_reflns_shell.meanI_over_sigI_obs    4.5 
_reflns_shell.pdbx_redundancy        6.1 
_reflns_shell.percent_possible_obs   ? 
_reflns_shell.number_unique_all      1566 
_reflns_shell.number_measured_all    ? 
_reflns_shell.number_measured_obs    ? 
_reflns_shell.number_unique_obs      ? 
_reflns_shell.pdbx_chi_squared       ? 
_reflns_shell.pdbx_ordinal           1 
_reflns_shell.pdbx_diffrn_id         1 
# 
_refine.entry_id                                 3A0D 
_refine.ls_d_res_high                            2.2 
_refine.ls_d_res_low                             45.16 
_refine.pdbx_ls_sigma_F                          0.0 
_refine.pdbx_ls_sigma_I                          0.0 
_refine.ls_number_reflns_all                     10912 
_refine.ls_number_reflns_obs                     10885 
_refine.ls_number_reflns_R_free                  1120 
_refine.ls_percent_reflns_obs                    99.8 
_refine.ls_R_factor_all                          ? 
_refine.ls_R_factor_obs                          0.198 
_refine.ls_R_factor_R_work                       0.198 
_refine.ls_R_factor_R_free                       0.217 
_refine.ls_redundancy_reflns_obs                 ? 
_refine.pdbx_data_cutoff_high_absF               ? 
_refine.pdbx_data_cutoff_low_absF                ? 
_refine.ls_number_parameters                     ? 
_refine.ls_number_restraints                     ? 
_refine.ls_percent_reflns_R_free                 ? 
_refine.ls_R_factor_R_free_error                 ? 
_refine.ls_R_factor_R_free_error_details         ? 
_refine.pdbx_method_to_determine_struct          'MOLECULAR REPLACEMENT' 
_refine.pdbx_starting_model                      'PDB ENTRY 3A0C' 
_refine.pdbx_ls_cross_valid_method               THROUGHOUT 
_refine.pdbx_R_Free_selection_details            RANDOM 
_refine.pdbx_stereochem_target_val_spec_case     ? 
_refine.pdbx_stereochemistry_target_values       'Engh & Huber' 
_refine.solvent_model_details                    ? 
_refine.solvent_model_param_bsol                 ? 
_refine.solvent_model_param_ksol                 ? 
_refine.occupancy_max                            ? 
_refine.occupancy_min                            ? 
_refine.pdbx_isotropic_thermal_model             Isotropic 
_refine.B_iso_mean                               23.2 
_refine.aniso_B[1][1]                            -1.164 
_refine.aniso_B[2][2]                            -1.164 
_refine.aniso_B[3][3]                            2.328 
_refine.aniso_B[1][2]                            0.000 
_refine.aniso_B[1][3]                            0.000 
_refine.aniso_B[2][3]                            0.000 
_refine.details                                  ? 
_refine.B_iso_min                                2.68 
_refine.B_iso_max                                68.92 
_refine.correlation_coeff_Fo_to_Fc               ? 
_refine.correlation_coeff_Fo_to_Fc_free          ? 
_refine.pdbx_solvent_vdw_probe_radii             ? 
_refine.pdbx_solvent_ion_probe_radii             ? 
_refine.pdbx_solvent_shrinkage_radii             ? 
_refine.overall_SU_R_Cruickshank_DPI             ? 
_refine.overall_SU_R_free                        ? 
_refine.overall_SU_ML                            ? 
_refine.overall_SU_B                             ? 
_refine.pdbx_overall_ESU_R_Free                  ? 
_refine.pdbx_data_cutoff_high_rms_absF           ? 
_refine.ls_wR_factor_R_free                      ? 
_refine.ls_wR_factor_R_work                      ? 
_refine.overall_FOM_free_R_set                   ? 
_refine.overall_FOM_work_R_set                   ? 
_refine.pdbx_refine_id                           'X-RAY DIFFRACTION' 
_refine.pdbx_overall_phase_error                 ? 
_refine.pdbx_overall_ESU_R                       ? 
_refine.pdbx_diffrn_id                           1 
_refine.pdbx_TLS_residual_ADP_flag               ? 
_refine.pdbx_overall_SU_R_free_Cruickshank_DPI   ? 
_refine.pdbx_overall_SU_R_Blow_DPI               ? 
_refine.pdbx_overall_SU_R_free_Blow_DPI          ? 
# 
_refine_analyze.entry_id                        3A0D 
_refine_analyze.Luzzati_coordinate_error_obs    0.23 
_refine_analyze.Luzzati_sigma_a_obs             0.17 
_refine_analyze.Luzzati_d_res_low_obs           5.0 
_refine_analyze.Luzzati_coordinate_error_free   0.27 
_refine_analyze.Luzzati_sigma_a_free            0.20 
_refine_analyze.Luzzati_d_res_low_free          ? 
_refine_analyze.number_disordered_residues      ? 
_refine_analyze.occupancy_sum_non_hydrogen      ? 
_refine_analyze.occupancy_sum_hydrogen          ? 
_refine_analyze.pdbx_Luzzati_d_res_high_obs     ? 
_refine_analyze.pdbx_refine_id                  'X-RAY DIFFRACTION' 
# 
_refine_hist.pdbx_refine_id                   'X-RAY DIFFRACTION' 
_refine_hist.cycle_id                         LAST 
_refine_hist.pdbx_number_atoms_protein        843 
_refine_hist.pdbx_number_atoms_nucleic_acid   0 
_refine_hist.pdbx_number_atoms_ligand         38 
_refine_hist.number_atoms_solvent             113 
_refine_hist.number_atoms_total               994 
_refine_hist.d_res_high                       2.2 
_refine_hist.d_res_low                        45.16 
# 
loop_
_refine_ls_restr.type 
_refine_ls_restr.dev_ideal 
_refine_ls_restr.dev_ideal_target 
_refine_ls_restr.weight 
_refine_ls_restr.number 
_refine_ls_restr.pdbx_refine_id 
_refine_ls_restr.pdbx_restraint_function 
c_bond_d           0.0053 ? ? ? 'X-RAY DIFFRACTION' ? 
c_angle_deg        1.43   ? ? ? 'X-RAY DIFFRACTION' ? 
c_dihedral_angle_d 26.75  ? ? ? 'X-RAY DIFFRACTION' ? 
c_improper_angle_d 0.92   ? ? ? 'X-RAY DIFFRACTION' ? 
# 
_refine_ls_shell.pdbx_total_number_of_bins_used   ? 
_refine_ls_shell.d_res_high                       2.20 
_refine_ls_shell.d_res_low                        2.28 
_refine_ls_shell.number_reflns_R_work             ? 
_refine_ls_shell.R_factor_R_work                  0.246 
_refine_ls_shell.percent_reflns_obs               100 
_refine_ls_shell.R_factor_R_free                  0.309 
_refine_ls_shell.R_factor_R_free_error            ? 
_refine_ls_shell.percent_reflns_R_free            ? 
_refine_ls_shell.number_reflns_R_free             125 
_refine_ls_shell.number_reflns_all                ? 
_refine_ls_shell.R_factor_all                     ? 
_refine_ls_shell.number_reflns_obs                1075 
_refine_ls_shell.redundancy_reflns_obs            ? 
_refine_ls_shell.pdbx_refine_id                   'X-RAY DIFFRACTION' 
# 
_struct.entry_id                  3A0D 
_struct.title                     'Crystal Structure of Polygonatum cyrtonema lectin (PCL) complexed with monomannoside' 
_struct.pdbx_model_details        ? 
_struct.pdbx_CASP_flag            ? 
_struct.pdbx_model_type_details   ? 
# 
_struct_keywords.entry_id        3A0D 
_struct_keywords.pdbx_keywords   'SUGAR BINDING PROTEIN' 
_struct_keywords.text            'beta-prism II, Lectin, SUGAR BINDING PROTEIN' 
# 
loop_
_struct_asym.id 
_struct_asym.pdbx_blank_PDB_chainid_flag 
_struct_asym.pdbx_modified 
_struct_asym.entity_id 
_struct_asym.details 
A N N 1 ? 
B N N 2 ? 
C N N 3 ? 
D N N 3 ? 
E N N 3 ? 
F N N 3 ? 
G N N 3 ? 
H N N 4 ? 
# 
_struct_ref.id                         1 
_struct_ref.db_name                    UNP 
_struct_ref.db_code                    Q8L568_9ASPA 
_struct_ref.pdbx_db_accession          Q8L568 
_struct_ref.entity_id                  1 
_struct_ref.pdbx_seq_one_letter_code   
;VNSLSSPNSLFTGHSLEVGPSYRLIMPGDCNFVLYDSGKPVWASNTGGLGSGCRLTLHNNGNLVIYDQSNRVIWQTKTNG
KEDHYVLVLQQDRNVVIYGPVVWATGSGPA
;
_struct_ref.pdbx_align_begin           29 
_struct_ref.pdbx_db_isoform            ? 
# 
_struct_ref_seq.align_id                      1 
_struct_ref_seq.ref_id                        1 
_struct_ref_seq.pdbx_PDB_id_code              3A0D 
_struct_ref_seq.pdbx_strand_id                A 
_struct_ref_seq.seq_align_beg                 1 
_struct_ref_seq.pdbx_seq_align_beg_ins_code   ? 
_struct_ref_seq.seq_align_end                 110 
_struct_ref_seq.pdbx_seq_align_end_ins_code   ? 
_struct_ref_seq.pdbx_db_accession             Q8L568 
_struct_ref_seq.db_align_beg                  29 
_struct_ref_seq.pdbx_db_align_beg_ins_code    ? 
_struct_ref_seq.db_align_end                  138 
_struct_ref_seq.pdbx_db_align_end_ins_code    ? 
_struct_ref_seq.pdbx_auth_seq_align_beg       1 
_struct_ref_seq.pdbx_auth_seq_align_end       110 
# 
_struct_ref_seq_dif.align_id                     1 
_struct_ref_seq_dif.pdbx_pdb_id_code             3A0D 
_struct_ref_seq_dif.mon_id                       GLN 
_struct_ref_seq_dif.pdbx_pdb_strand_id           A 
_struct_ref_seq_dif.seq_num                      27 
_struct_ref_seq_dif.pdbx_pdb_ins_code            ? 
_struct_ref_seq_dif.pdbx_seq_db_name             UNP 
_struct_ref_seq_dif.pdbx_seq_db_accession_code   Q8L568 
_struct_ref_seq_dif.db_mon_id                    PRO 
_struct_ref_seq_dif.pdbx_seq_db_seq_num          55 
_struct_ref_seq_dif.details                      'SEE REMARK 999' 
_struct_ref_seq_dif.pdbx_auth_seq_num            27 
_struct_ref_seq_dif.pdbx_ordinal                 1 
# 
_pdbx_struct_assembly.id                   1 
_pdbx_struct_assembly.details              author_and_software_defined_assembly 
_pdbx_struct_assembly.method_details       PISA 
_pdbx_struct_assembly.oligomeric_details   dimeric 
_pdbx_struct_assembly.oligomeric_count     2 
# 
loop_
_pdbx_struct_assembly_prop.biol_id 
_pdbx_struct_assembly_prop.type 
_pdbx_struct_assembly_prop.value 
_pdbx_struct_assembly_prop.details 
1 'ABSA (A^2)' 5830 ? 
1 MORE         -119 ? 
1 'SSA (A^2)'  9330 ? 
# 
_pdbx_struct_assembly_gen.assembly_id       1 
_pdbx_struct_assembly_gen.oper_expression   1,2 
_pdbx_struct_assembly_gen.asym_id_list      A,B,C,D,E,F,G,H 
# 
loop_
_pdbx_struct_oper_list.id 
_pdbx_struct_oper_list.type 
_pdbx_struct_oper_list.name 
_pdbx_struct_oper_list.symmetry_operation 
_pdbx_struct_oper_list.matrix[1][1] 
_pdbx_struct_oper_list.matrix[1][2] 
_pdbx_struct_oper_list.matrix[1][3] 
_pdbx_struct_oper_list.vector[1] 
_pdbx_struct_oper_list.matrix[2][1] 
_pdbx_struct_oper_list.matrix[2][2] 
_pdbx_struct_oper_list.matrix[2][3] 
_pdbx_struct_oper_list.vector[2] 
_pdbx_struct_oper_list.matrix[3][1] 
_pdbx_struct_oper_list.matrix[3][2] 
_pdbx_struct_oper_list.matrix[3][3] 
_pdbx_struct_oper_list.vector[3] 
1 'identity operation'         1_555 x,y,z          1.0000000000  0.0000000000 0.0000000000  0.0000000000  0.0000000000 1.0000000000 0.0000000000  0.0000000000 0.0000000000  0.0000000000  1.0000000000  0.0000000000   
2 'crystal symmetry operation' 6_555 -x,-x+y,-z+2/3 -0.2947984843 0.9281400250 -0.2272662484 -9.2081153764 0.9281400250 0.2215570824 -0.2991129440 2.1979739803 -0.2272662484 -0.2991129440 -0.9267585981 -19.5961755296 
# 
_struct_biol.id        1 
_struct_biol.details   ? 
# 
_struct_conn.id                            disulf1 
_struct_conn.conn_type_id                  disulf 
_struct_conn.pdbx_leaving_atom_flag        ? 
_struct_conn.pdbx_PDB_id                   ? 
_struct_conn.ptnr1_label_asym_id           A 
_struct_conn.ptnr1_label_comp_id           CYS 
_struct_conn.ptnr1_label_seq_id            30 
_struct_conn.ptnr1_label_atom_id           SG 
_struct_conn.pdbx_ptnr1_label_alt_id       ? 
_struct_conn.pdbx_ptnr1_PDB_ins_code       ? 
_struct_conn.pdbx_ptnr1_standard_comp_id   ? 
_struct_conn.ptnr1_symmetry                1_555 
_struct_conn.ptnr2_label_asym_id           A 
_struct_conn.ptnr2_label_comp_id           CYS 
_struct_conn.ptnr2_label_seq_id            53 
_struct_conn.ptnr2_label_atom_id           SG 
_struct_conn.pdbx_ptnr2_label_alt_id       ? 
_struct_conn.pdbx_ptnr2_PDB_ins_code       ? 
_struct_conn.ptnr1_auth_asym_id            A 
_struct_conn.ptnr1_auth_comp_id            CYS 
_struct_conn.ptnr1_auth_seq_id             30 
_struct_conn.ptnr2_auth_asym_id            A 
_struct_conn.ptnr2_auth_comp_id            CYS 
_struct_conn.ptnr2_auth_seq_id             53 
_struct_conn.ptnr2_symmetry                1_555 
_struct_conn.pdbx_ptnr3_label_atom_id      ? 
_struct_conn.pdbx_ptnr3_label_seq_id       ? 
_struct_conn.pdbx_ptnr3_label_comp_id      ? 
_struct_conn.pdbx_ptnr3_label_asym_id      ? 
_struct_conn.pdbx_ptnr3_label_alt_id       ? 
_struct_conn.pdbx_ptnr3_PDB_ins_code       ? 
_struct_conn.details                       ? 
_struct_conn.pdbx_dist_value               2.024 
_struct_conn.pdbx_value_order              ? 
_struct_conn.pdbx_role                     ? 
# 
_struct_conn_type.id          disulf 
_struct_conn_type.criteria    ? 
_struct_conn_type.reference   ? 
# 
_pdbx_modification_feature.ordinal                            1 
_pdbx_modification_feature.label_comp_id                      CYS 
_pdbx_modification_feature.label_asym_id                      A 
_pdbx_modification_feature.label_seq_id                       30 
_pdbx_modification_feature.label_alt_id                       ? 
_pdbx_modification_feature.modified_residue_label_comp_id     CYS 
_pdbx_modification_feature.modified_residue_label_asym_id     A 
_pdbx_modification_feature.modified_residue_label_seq_id      53 
_pdbx_modification_feature.modified_residue_label_alt_id      ? 
_pdbx_modification_feature.auth_comp_id                       CYS 
_pdbx_modification_feature.auth_asym_id                       A 
_pdbx_modification_feature.auth_seq_id                        30 
_pdbx_modification_feature.PDB_ins_code                       ? 
_pdbx_modification_feature.symmetry                           1_555 
_pdbx_modification_feature.modified_residue_auth_comp_id      CYS 
_pdbx_modification_feature.modified_residue_auth_asym_id      A 
_pdbx_modification_feature.modified_residue_auth_seq_id       53 
_pdbx_modification_feature.modified_residue_PDB_ins_code      ? 
_pdbx_modification_feature.modified_residue_symmetry          1_555 
_pdbx_modification_feature.comp_id_linking_atom               SG 
_pdbx_modification_feature.modified_residue_id_linking_atom   SG 
_pdbx_modification_feature.modified_residue_id                . 
_pdbx_modification_feature.ref_pcm_id                         . 
_pdbx_modification_feature.ref_comp_id                        . 
_pdbx_modification_feature.type                               None 
_pdbx_modification_feature.category                           'Disulfide bridge' 
# 
loop_
_struct_mon_prot_cis.pdbx_id 
_struct_mon_prot_cis.label_comp_id 
_struct_mon_prot_cis.label_seq_id 
_struct_mon_prot_cis.label_asym_id 
_struct_mon_prot_cis.label_alt_id 
_struct_mon_prot_cis.pdbx_PDB_ins_code 
_struct_mon_prot_cis.auth_comp_id 
_struct_mon_prot_cis.auth_seq_id 
_struct_mon_prot_cis.auth_asym_id 
_struct_mon_prot_cis.pdbx_label_comp_id_2 
_struct_mon_prot_cis.pdbx_label_seq_id_2 
_struct_mon_prot_cis.pdbx_label_asym_id_2 
_struct_mon_prot_cis.pdbx_PDB_ins_code_2 
_struct_mon_prot_cis.pdbx_auth_comp_id_2 
_struct_mon_prot_cis.pdbx_auth_seq_id_2 
_struct_mon_prot_cis.pdbx_auth_asym_id_2 
_struct_mon_prot_cis.pdbx_PDB_model_num 
_struct_mon_prot_cis.pdbx_omega_angle 
1 SER 6   A . ? SER 6   A PRO 7   A ? PRO 7   A 1 0.09 
2 GLY 19  A . ? GLY 19  A PRO 20  A ? PRO 20  A 1 0.03 
3 GLY 99  A . ? GLY 99  A PRO 100 A ? PRO 100 A 1 0.23 
4 GLY 108 A . ? GLY 108 A PRO 109 A ? PRO 109 A 1 0.02 
# 
loop_
_struct_sheet.id 
_struct_sheet.type 
_struct_sheet.number_strands 
_struct_sheet.details 
A ? 3 ? 
B ? 4 ? 
C ? 4 ? 
# 
loop_
_struct_sheet_order.sheet_id 
_struct_sheet_order.range_id_1 
_struct_sheet_order.range_id_2 
_struct_sheet_order.offset 
_struct_sheet_order.sense 
A 1 2 ? anti-parallel 
A 2 3 ? anti-parallel 
B 1 2 ? anti-parallel 
B 2 3 ? anti-parallel 
B 3 4 ? anti-parallel 
C 1 2 ? anti-parallel 
C 2 3 ? anti-parallel 
C 3 4 ? anti-parallel 
# 
loop_
_struct_sheet_range.sheet_id 
_struct_sheet_range.id 
_struct_sheet_range.beg_label_comp_id 
_struct_sheet_range.beg_label_asym_id 
_struct_sheet_range.beg_label_seq_id 
_struct_sheet_range.pdbx_beg_PDB_ins_code 
_struct_sheet_range.end_label_comp_id 
_struct_sheet_range.end_label_asym_id 
_struct_sheet_range.end_label_seq_id 
_struct_sheet_range.pdbx_end_PDB_ins_code 
_struct_sheet_range.beg_auth_comp_id 
_struct_sheet_range.beg_auth_asym_id 
_struct_sheet_range.beg_auth_seq_id 
_struct_sheet_range.end_auth_comp_id 
_struct_sheet_range.end_auth_asym_id 
_struct_sheet_range.end_auth_seq_id 
A 1 SER A 3  ? SER A 5  ? SER A 3  SER A 5  
A 2 VAL A 86 ? LEU A 89 ? VAL A 86 LEU A 89 
A 3 VAL A 95 ? TYR A 98 ? VAL A 95 TYR A 98 
B 1 SER A 9  ? LEU A 10 ? SER A 9  LEU A 10 
B 2 ARG A 54 ? LEU A 57 ? ARG A 54 LEU A 57 
B 3 LEU A 63 ? TYR A 66 ? LEU A 63 TYR A 66 
B 4 VAL A 72 ? GLN A 75 ? VAL A 72 GLN A 75 
C 1 SER A 15 ? VAL A 18 ? SER A 15 VAL A 18 
C 2 TYR A 22 ? MET A 26 ? TYR A 22 MET A 26 
C 3 PHE A 32 ? ASP A 36 ? PHE A 32 ASP A 36 
C 4 LYS A 39 ? ALA A 43 ? LYS A 39 ALA A 43 
# 
loop_
_pdbx_struct_sheet_hbond.sheet_id 
_pdbx_struct_sheet_hbond.range_id_1 
_pdbx_struct_sheet_hbond.range_id_2 
_pdbx_struct_sheet_hbond.range_1_label_atom_id 
_pdbx_struct_sheet_hbond.range_1_label_comp_id 
_pdbx_struct_sheet_hbond.range_1_label_asym_id 
_pdbx_struct_sheet_hbond.range_1_label_seq_id 
_pdbx_struct_sheet_hbond.range_1_PDB_ins_code 
_pdbx_struct_sheet_hbond.range_1_auth_atom_id 
_pdbx_struct_sheet_hbond.range_1_auth_comp_id 
_pdbx_struct_sheet_hbond.range_1_auth_asym_id 
_pdbx_struct_sheet_hbond.range_1_auth_seq_id 
_pdbx_struct_sheet_hbond.range_2_label_atom_id 
_pdbx_struct_sheet_hbond.range_2_label_comp_id 
_pdbx_struct_sheet_hbond.range_2_label_asym_id 
_pdbx_struct_sheet_hbond.range_2_label_seq_id 
_pdbx_struct_sheet_hbond.range_2_PDB_ins_code 
_pdbx_struct_sheet_hbond.range_2_auth_atom_id 
_pdbx_struct_sheet_hbond.range_2_auth_comp_id 
_pdbx_struct_sheet_hbond.range_2_auth_asym_id 
_pdbx_struct_sheet_hbond.range_2_auth_seq_id 
A 1 2 N LEU A 4  ? N LEU A 4  O LEU A 87 ? O LEU A 87 
A 2 3 N VAL A 88 ? N VAL A 88 O VAL A 96 ? O VAL A 96 
B 1 2 N LEU A 10 ? N LEU A 10 O LEU A 55 ? O LEU A 55 
B 2 3 N THR A 56 ? N THR A 56 O VAL A 64 ? O VAL A 64 
B 3 4 N ILE A 65 ? N ILE A 65 O ILE A 73 ? O ILE A 73 
C 1 2 N LEU A 16 ? N LEU A 16 O LEU A 24 ? O LEU A 24 
C 2 3 N ARG A 23 ? N ARG A 23 O TYR A 35 ? O TYR A 35 
C 3 4 N LEU A 34 ? N LEU A 34 O TRP A 42 ? O TRP A 42 
# 
_pdbx_entry_details.entry_id                   3A0D 
_pdbx_entry_details.sequence_details           
;THE CONFLICT BETWEEN THE SEQUENCE OF THE PROTEIN AND DATABASE (UNP Q8L568; Q8L568_9ASP) MAY BE ARISED FROM THE NATURAL MUTATION IN THE PROTEIN OR THE ERRORS IN CDNA SEQEUNCING.
;
_pdbx_entry_details.nonpolymer_details         ? 
_pdbx_entry_details.compound_details           ? 
_pdbx_entry_details.source_details             ? 
_pdbx_entry_details.has_ligand_of_interest     ? 
_pdbx_entry_details.has_protein_modification   Y 
# 
loop_
_pdbx_validate_torsion.id 
_pdbx_validate_torsion.PDB_model_num 
_pdbx_validate_torsion.auth_comp_id 
_pdbx_validate_torsion.auth_asym_id 
_pdbx_validate_torsion.auth_seq_id 
_pdbx_validate_torsion.PDB_ins_code 
_pdbx_validate_torsion.label_alt_id 
_pdbx_validate_torsion.phi 
_pdbx_validate_torsion.psi 
1 1 ASN A 59  ? ? -67.38  2.54    
2 1 THR A 78  ? ? -107.74 75.78   
3 1 ASP A 83  ? ? -172.71 -118.07 
4 1 PRO A 100 ? ? -79.83  -163.77 
# 
loop_
_chem_comp_atom.comp_id 
_chem_comp_atom.atom_id 
_chem_comp_atom.type_symbol 
_chem_comp_atom.pdbx_aromatic_flag 
_chem_comp_atom.pdbx_stereo_config 
_chem_comp_atom.pdbx_ordinal 
ALA N    N N N 1   
ALA CA   C N S 2   
ALA C    C N N 3   
ALA O    O N N 4   
ALA CB   C N N 5   
ALA OXT  O N N 6   
ALA H    H N N 7   
ALA H2   H N N 8   
ALA HA   H N N 9   
ALA HB1  H N N 10  
ALA HB2  H N N 11  
ALA HB3  H N N 12  
ALA HXT  H N N 13  
ARG N    N N N 14  
ARG CA   C N S 15  
ARG C    C N N 16  
ARG O    O N N 17  
ARG CB   C N N 18  
ARG CG   C N N 19  
ARG CD   C N N 20  
ARG NE   N N N 21  
ARG CZ   C N N 22  
ARG NH1  N N N 23  
ARG NH2  N N N 24  
ARG OXT  O N N 25  
ARG H    H N N 26  
ARG H2   H N N 27  
ARG HA   H N N 28  
ARG HB2  H N N 29  
ARG HB3  H N N 30  
ARG HG2  H N N 31  
ARG HG3  H N N 32  
ARG HD2  H N N 33  
ARG HD3  H N N 34  
ARG HE   H N N 35  
ARG HH11 H N N 36  
ARG HH12 H N N 37  
ARG HH21 H N N 38  
ARG HH22 H N N 39  
ARG HXT  H N N 40  
ASN N    N N N 41  
ASN CA   C N S 42  
ASN C    C N N 43  
ASN O    O N N 44  
ASN CB   C N N 45  
ASN CG   C N N 46  
ASN OD1  O N N 47  
ASN ND2  N N N 48  
ASN OXT  O N N 49  
ASN H    H N N 50  
ASN H2   H N N 51  
ASN HA   H N N 52  
ASN HB2  H N N 53  
ASN HB3  H N N 54  
ASN HD21 H N N 55  
ASN HD22 H N N 56  
ASN HXT  H N N 57  
ASP N    N N N 58  
ASP CA   C N S 59  
ASP C    C N N 60  
ASP O    O N N 61  
ASP CB   C N N 62  
ASP CG   C N N 63  
ASP OD1  O N N 64  
ASP OD2  O N N 65  
ASP OXT  O N N 66  
ASP H    H N N 67  
ASP H2   H N N 68  
ASP HA   H N N 69  
ASP HB2  H N N 70  
ASP HB3  H N N 71  
ASP HD2  H N N 72  
ASP HXT  H N N 73  
CYS N    N N N 74  
CYS CA   C N R 75  
CYS C    C N N 76  
CYS O    O N N 77  
CYS CB   C N N 78  
CYS SG   S N N 79  
CYS OXT  O N N 80  
CYS H    H N N 81  
CYS H2   H N N 82  
CYS HA   H N N 83  
CYS HB2  H N N 84  
CYS HB3  H N N 85  
CYS HG   H N N 86  
CYS HXT  H N N 87  
GLN N    N N N 88  
GLN CA   C N S 89  
GLN C    C N N 90  
GLN O    O N N 91  
GLN CB   C N N 92  
GLN CG   C N N 93  
GLN CD   C N N 94  
GLN OE1  O N N 95  
GLN NE2  N N N 96  
GLN OXT  O N N 97  
GLN H    H N N 98  
GLN H2   H N N 99  
GLN HA   H N N 100 
GLN HB2  H N N 101 
GLN HB3  H N N 102 
GLN HG2  H N N 103 
GLN HG3  H N N 104 
GLN HE21 H N N 105 
GLN HE22 H N N 106 
GLN HXT  H N N 107 
GLU N    N N N 108 
GLU CA   C N S 109 
GLU C    C N N 110 
GLU O    O N N 111 
GLU CB   C N N 112 
GLU CG   C N N 113 
GLU CD   C N N 114 
GLU OE1  O N N 115 
GLU OE2  O N N 116 
GLU OXT  O N N 117 
GLU H    H N N 118 
GLU H2   H N N 119 
GLU HA   H N N 120 
GLU HB2  H N N 121 
GLU HB3  H N N 122 
GLU HG2  H N N 123 
GLU HG3  H N N 124 
GLU HE2  H N N 125 
GLU HXT  H N N 126 
GLY N    N N N 127 
GLY CA   C N N 128 
GLY C    C N N 129 
GLY O    O N N 130 
GLY OXT  O N N 131 
GLY H    H N N 132 
GLY H2   H N N 133 
GLY HA2  H N N 134 
GLY HA3  H N N 135 
GLY HXT  H N N 136 
HIS N    N N N 137 
HIS CA   C N S 138 
HIS C    C N N 139 
HIS O    O N N 140 
HIS CB   C N N 141 
HIS CG   C Y N 142 
HIS ND1  N Y N 143 
HIS CD2  C Y N 144 
HIS CE1  C Y N 145 
HIS NE2  N Y N 146 
HIS OXT  O N N 147 
HIS H    H N N 148 
HIS H2   H N N 149 
HIS HA   H N N 150 
HIS HB2  H N N 151 
HIS HB3  H N N 152 
HIS HD1  H N N 153 
HIS HD2  H N N 154 
HIS HE1  H N N 155 
HIS HE2  H N N 156 
HIS HXT  H N N 157 
HOH O    O N N 158 
HOH H1   H N N 159 
HOH H2   H N N 160 
ILE N    N N N 161 
ILE CA   C N S 162 
ILE C    C N N 163 
ILE O    O N N 164 
ILE CB   C N S 165 
ILE CG1  C N N 166 
ILE CG2  C N N 167 
ILE CD1  C N N 168 
ILE OXT  O N N 169 
ILE H    H N N 170 
ILE H2   H N N 171 
ILE HA   H N N 172 
ILE HB   H N N 173 
ILE HG12 H N N 174 
ILE HG13 H N N 175 
ILE HG21 H N N 176 
ILE HG22 H N N 177 
ILE HG23 H N N 178 
ILE HD11 H N N 179 
ILE HD12 H N N 180 
ILE HD13 H N N 181 
ILE HXT  H N N 182 
LEU N    N N N 183 
LEU CA   C N S 184 
LEU C    C N N 185 
LEU O    O N N 186 
LEU CB   C N N 187 
LEU CG   C N N 188 
LEU CD1  C N N 189 
LEU CD2  C N N 190 
LEU OXT  O N N 191 
LEU H    H N N 192 
LEU H2   H N N 193 
LEU HA   H N N 194 
LEU HB2  H N N 195 
LEU HB3  H N N 196 
LEU HG   H N N 197 
LEU HD11 H N N 198 
LEU HD12 H N N 199 
LEU HD13 H N N 200 
LEU HD21 H N N 201 
LEU HD22 H N N 202 
LEU HD23 H N N 203 
LEU HXT  H N N 204 
LYS N    N N N 205 
LYS CA   C N S 206 
LYS C    C N N 207 
LYS O    O N N 208 
LYS CB   C N N 209 
LYS CG   C N N 210 
LYS CD   C N N 211 
LYS CE   C N N 212 
LYS NZ   N N N 213 
LYS OXT  O N N 214 
LYS H    H N N 215 
LYS H2   H N N 216 
LYS HA   H N N 217 
LYS HB2  H N N 218 
LYS HB3  H N N 219 
LYS HG2  H N N 220 
LYS HG3  H N N 221 
LYS HD2  H N N 222 
LYS HD3  H N N 223 
LYS HE2  H N N 224 
LYS HE3  H N N 225 
LYS HZ1  H N N 226 
LYS HZ2  H N N 227 
LYS HZ3  H N N 228 
LYS HXT  H N N 229 
MET N    N N N 230 
MET CA   C N S 231 
MET C    C N N 232 
MET O    O N N 233 
MET CB   C N N 234 
MET CG   C N N 235 
MET SD   S N N 236 
MET CE   C N N 237 
MET OXT  O N N 238 
MET H    H N N 239 
MET H2   H N N 240 
MET HA   H N N 241 
MET HB2  H N N 242 
MET HB3  H N N 243 
MET HG2  H N N 244 
MET HG3  H N N 245 
MET HE1  H N N 246 
MET HE2  H N N 247 
MET HE3  H N N 248 
MET HXT  H N N 249 
MMA C1   C N S 250 
MMA C2   C N S 251 
MMA C3   C N S 252 
MMA C4   C N S 253 
MMA C5   C N R 254 
MMA C6   C N N 255 
MMA C7   C N N 256 
MMA O1   O N N 257 
MMA O2   O N N 258 
MMA O3   O N N 259 
MMA O4   O N N 260 
MMA O5   O N N 261 
MMA O6   O N N 262 
MMA H1   H N N 263 
MMA H2   H N N 264 
MMA H3   H N N 265 
MMA H4   H N N 266 
MMA H5   H N N 267 
MMA H61  H N N 268 
MMA H62  H N N 269 
MMA H71  H N N 270 
MMA H72  H N N 271 
MMA H73  H N N 272 
MMA HO2  H N N 273 
MMA HO3  H N N 274 
MMA HO4  H N N 275 
MMA HO6  H N N 276 
PHE N    N N N 277 
PHE CA   C N S 278 
PHE C    C N N 279 
PHE O    O N N 280 
PHE CB   C N N 281 
PHE CG   C Y N 282 
PHE CD1  C Y N 283 
PHE CD2  C Y N 284 
PHE CE1  C Y N 285 
PHE CE2  C Y N 286 
PHE CZ   C Y N 287 
PHE OXT  O N N 288 
PHE H    H N N 289 
PHE H2   H N N 290 
PHE HA   H N N 291 
PHE HB2  H N N 292 
PHE HB3  H N N 293 
PHE HD1  H N N 294 
PHE HD2  H N N 295 
PHE HE1  H N N 296 
PHE HE2  H N N 297 
PHE HZ   H N N 298 
PHE HXT  H N N 299 
PRO N    N N N 300 
PRO CA   C N S 301 
PRO C    C N N 302 
PRO O    O N N 303 
PRO CB   C N N 304 
PRO CG   C N N 305 
PRO CD   C N N 306 
PRO OXT  O N N 307 
PRO H    H N N 308 
PRO HA   H N N 309 
PRO HB2  H N N 310 
PRO HB3  H N N 311 
PRO HG2  H N N 312 
PRO HG3  H N N 313 
PRO HD2  H N N 314 
PRO HD3  H N N 315 
PRO HXT  H N N 316 
SER N    N N N 317 
SER CA   C N S 318 
SER C    C N N 319 
SER O    O N N 320 
SER CB   C N N 321 
SER OG   O N N 322 
SER OXT  O N N 323 
SER H    H N N 324 
SER H2   H N N 325 
SER HA   H N N 326 
SER HB2  H N N 327 
SER HB3  H N N 328 
SER HG   H N N 329 
SER HXT  H N N 330 
SO4 S    S N N 331 
SO4 O1   O N N 332 
SO4 O2   O N N 333 
SO4 O3   O N N 334 
SO4 O4   O N N 335 
THR N    N N N 336 
THR CA   C N S 337 
THR C    C N N 338 
THR O    O N N 339 
THR CB   C N R 340 
THR OG1  O N N 341 
THR CG2  C N N 342 
THR OXT  O N N 343 
THR H    H N N 344 
THR H2   H N N 345 
THR HA   H N N 346 
THR HB   H N N 347 
THR HG1  H N N 348 
THR HG21 H N N 349 
THR HG22 H N N 350 
THR HG23 H N N 351 
THR HXT  H N N 352 
TRP N    N N N 353 
TRP CA   C N S 354 
TRP C    C N N 355 
TRP O    O N N 356 
TRP CB   C N N 357 
TRP CG   C Y N 358 
TRP CD1  C Y N 359 
TRP CD2  C Y N 360 
TRP NE1  N Y N 361 
TRP CE2  C Y N 362 
TRP CE3  C Y N 363 
TRP CZ2  C Y N 364 
TRP CZ3  C Y N 365 
TRP CH2  C Y N 366 
TRP OXT  O N N 367 
TRP H    H N N 368 
TRP H2   H N N 369 
TRP HA   H N N 370 
TRP HB2  H N N 371 
TRP HB3  H N N 372 
TRP HD1  H N N 373 
TRP HE1  H N N 374 
TRP HE3  H N N 375 
TRP HZ2  H N N 376 
TRP HZ3  H N N 377 
TRP HH2  H N N 378 
TRP HXT  H N N 379 
TYR N    N N N 380 
TYR CA   C N S 381 
TYR C    C N N 382 
TYR O    O N N 383 
TYR CB   C N N 384 
TYR CG   C Y N 385 
TYR CD1  C Y N 386 
TYR CD2  C Y N 387 
TYR CE1  C Y N 388 
TYR CE2  C Y N 389 
TYR CZ   C Y N 390 
TYR OH   O N N 391 
TYR OXT  O N N 392 
TYR H    H N N 393 
TYR H2   H N N 394 
TYR HA   H N N 395 
TYR HB2  H N N 396 
TYR HB3  H N N 397 
TYR HD1  H N N 398 
TYR HD2  H N N 399 
TYR HE1  H N N 400 
TYR HE2  H N N 401 
TYR HH   H N N 402 
TYR HXT  H N N 403 
VAL N    N N N 404 
VAL CA   C N S 405 
VAL C    C N N 406 
VAL O    O N N 407 
VAL CB   C N N 408 
VAL CG1  C N N 409 
VAL CG2  C N N 410 
VAL OXT  O N N 411 
VAL H    H N N 412 
VAL H2   H N N 413 
VAL HA   H N N 414 
VAL HB   H N N 415 
VAL HG11 H N N 416 
VAL HG12 H N N 417 
VAL HG13 H N N 418 
VAL HG21 H N N 419 
VAL HG22 H N N 420 
VAL HG23 H N N 421 
VAL HXT  H N N 422 
# 
loop_
_chem_comp_bond.comp_id 
_chem_comp_bond.atom_id_1 
_chem_comp_bond.atom_id_2 
_chem_comp_bond.value_order 
_chem_comp_bond.pdbx_aromatic_flag 
_chem_comp_bond.pdbx_stereo_config 
_chem_comp_bond.pdbx_ordinal 
ALA N   CA   sing N N 1   
ALA N   H    sing N N 2   
ALA N   H2   sing N N 3   
ALA CA  C    sing N N 4   
ALA CA  CB   sing N N 5   
ALA CA  HA   sing N N 6   
ALA C   O    doub N N 7   
ALA C   OXT  sing N N 8   
ALA CB  HB1  sing N N 9   
ALA CB  HB2  sing N N 10  
ALA CB  HB3  sing N N 11  
ALA OXT HXT  sing N N 12  
ARG N   CA   sing N N 13  
ARG N   H    sing N N 14  
ARG N   H2   sing N N 15  
ARG CA  C    sing N N 16  
ARG CA  CB   sing N N 17  
ARG CA  HA   sing N N 18  
ARG C   O    doub N N 19  
ARG C   OXT  sing N N 20  
ARG CB  CG   sing N N 21  
ARG CB  HB2  sing N N 22  
ARG CB  HB3  sing N N 23  
ARG CG  CD   sing N N 24  
ARG CG  HG2  sing N N 25  
ARG CG  HG3  sing N N 26  
ARG CD  NE   sing N N 27  
ARG CD  HD2  sing N N 28  
ARG CD  HD3  sing N N 29  
ARG NE  CZ   sing N N 30  
ARG NE  HE   sing N N 31  
ARG CZ  NH1  sing N N 32  
ARG CZ  NH2  doub N N 33  
ARG NH1 HH11 sing N N 34  
ARG NH1 HH12 sing N N 35  
ARG NH2 HH21 sing N N 36  
ARG NH2 HH22 sing N N 37  
ARG OXT HXT  sing N N 38  
ASN N   CA   sing N N 39  
ASN N   H    sing N N 40  
ASN N   H2   sing N N 41  
ASN CA  C    sing N N 42  
ASN CA  CB   sing N N 43  
ASN CA  HA   sing N N 44  
ASN C   O    doub N N 45  
ASN C   OXT  sing N N 46  
ASN CB  CG   sing N N 47  
ASN CB  HB2  sing N N 48  
ASN CB  HB3  sing N N 49  
ASN CG  OD1  doub N N 50  
ASN CG  ND2  sing N N 51  
ASN ND2 HD21 sing N N 52  
ASN ND2 HD22 sing N N 53  
ASN OXT HXT  sing N N 54  
ASP N   CA   sing N N 55  
ASP N   H    sing N N 56  
ASP N   H2   sing N N 57  
ASP CA  C    sing N N 58  
ASP CA  CB   sing N N 59  
ASP CA  HA   sing N N 60  
ASP C   O    doub N N 61  
ASP C   OXT  sing N N 62  
ASP CB  CG   sing N N 63  
ASP CB  HB2  sing N N 64  
ASP CB  HB3  sing N N 65  
ASP CG  OD1  doub N N 66  
ASP CG  OD2  sing N N 67  
ASP OD2 HD2  sing N N 68  
ASP OXT HXT  sing N N 69  
CYS N   CA   sing N N 70  
CYS N   H    sing N N 71  
CYS N   H2   sing N N 72  
CYS CA  C    sing N N 73  
CYS CA  CB   sing N N 74  
CYS CA  HA   sing N N 75  
CYS C   O    doub N N 76  
CYS C   OXT  sing N N 77  
CYS CB  SG   sing N N 78  
CYS CB  HB2  sing N N 79  
CYS CB  HB3  sing N N 80  
CYS SG  HG   sing N N 81  
CYS OXT HXT  sing N N 82  
GLN N   CA   sing N N 83  
GLN N   H    sing N N 84  
GLN N   H2   sing N N 85  
GLN CA  C    sing N N 86  
GLN CA  CB   sing N N 87  
GLN CA  HA   sing N N 88  
GLN C   O    doub N N 89  
GLN C   OXT  sing N N 90  
GLN CB  CG   sing N N 91  
GLN CB  HB2  sing N N 92  
GLN CB  HB3  sing N N 93  
GLN CG  CD   sing N N 94  
GLN CG  HG2  sing N N 95  
GLN CG  HG3  sing N N 96  
GLN CD  OE1  doub N N 97  
GLN CD  NE2  sing N N 98  
GLN NE2 HE21 sing N N 99  
GLN NE2 HE22 sing N N 100 
GLN OXT HXT  sing N N 101 
GLU N   CA   sing N N 102 
GLU N   H    sing N N 103 
GLU N   H2   sing N N 104 
GLU CA  C    sing N N 105 
GLU CA  CB   sing N N 106 
GLU CA  HA   sing N N 107 
GLU C   O    doub N N 108 
GLU C   OXT  sing N N 109 
GLU CB  CG   sing N N 110 
GLU CB  HB2  sing N N 111 
GLU CB  HB3  sing N N 112 
GLU CG  CD   sing N N 113 
GLU CG  HG2  sing N N 114 
GLU CG  HG3  sing N N 115 
GLU CD  OE1  doub N N 116 
GLU CD  OE2  sing N N 117 
GLU OE2 HE2  sing N N 118 
GLU OXT HXT  sing N N 119 
GLY N   CA   sing N N 120 
GLY N   H    sing N N 121 
GLY N   H2   sing N N 122 
GLY CA  C    sing N N 123 
GLY CA  HA2  sing N N 124 
GLY CA  HA3  sing N N 125 
GLY C   O    doub N N 126 
GLY C   OXT  sing N N 127 
GLY OXT HXT  sing N N 128 
HIS N   CA   sing N N 129 
HIS N   H    sing N N 130 
HIS N   H2   sing N N 131 
HIS CA  C    sing N N 132 
HIS CA  CB   sing N N 133 
HIS CA  HA   sing N N 134 
HIS C   O    doub N N 135 
HIS C   OXT  sing N N 136 
HIS CB  CG   sing N N 137 
HIS CB  HB2  sing N N 138 
HIS CB  HB3  sing N N 139 
HIS CG  ND1  sing Y N 140 
HIS CG  CD2  doub Y N 141 
HIS ND1 CE1  doub Y N 142 
HIS ND1 HD1  sing N N 143 
HIS CD2 NE2  sing Y N 144 
HIS CD2 HD2  sing N N 145 
HIS CE1 NE2  sing Y N 146 
HIS CE1 HE1  sing N N 147 
HIS NE2 HE2  sing N N 148 
HIS OXT HXT  sing N N 149 
HOH O   H1   sing N N 150 
HOH O   H2   sing N N 151 
ILE N   CA   sing N N 152 
ILE N   H    sing N N 153 
ILE N   H2   sing N N 154 
ILE CA  C    sing N N 155 
ILE CA  CB   sing N N 156 
ILE CA  HA   sing N N 157 
ILE C   O    doub N N 158 
ILE C   OXT  sing N N 159 
ILE CB  CG1  sing N N 160 
ILE CB  CG2  sing N N 161 
ILE CB  HB   sing N N 162 
ILE CG1 CD1  sing N N 163 
ILE CG1 HG12 sing N N 164 
ILE CG1 HG13 sing N N 165 
ILE CG2 HG21 sing N N 166 
ILE CG2 HG22 sing N N 167 
ILE CG2 HG23 sing N N 168 
ILE CD1 HD11 sing N N 169 
ILE CD1 HD12 sing N N 170 
ILE CD1 HD13 sing N N 171 
ILE OXT HXT  sing N N 172 
LEU N   CA   sing N N 173 
LEU N   H    sing N N 174 
LEU N   H2   sing N N 175 
LEU CA  C    sing N N 176 
LEU CA  CB   sing N N 177 
LEU CA  HA   sing N N 178 
LEU C   O    doub N N 179 
LEU C   OXT  sing N N 180 
LEU CB  CG   sing N N 181 
LEU CB  HB2  sing N N 182 
LEU CB  HB3  sing N N 183 
LEU CG  CD1  sing N N 184 
LEU CG  CD2  sing N N 185 
LEU CG  HG   sing N N 186 
LEU CD1 HD11 sing N N 187 
LEU CD1 HD12 sing N N 188 
LEU CD1 HD13 sing N N 189 
LEU CD2 HD21 sing N N 190 
LEU CD2 HD22 sing N N 191 
LEU CD2 HD23 sing N N 192 
LEU OXT HXT  sing N N 193 
LYS N   CA   sing N N 194 
LYS N   H    sing N N 195 
LYS N   H2   sing N N 196 
LYS CA  C    sing N N 197 
LYS CA  CB   sing N N 198 
LYS CA  HA   sing N N 199 
LYS C   O    doub N N 200 
LYS C   OXT  sing N N 201 
LYS CB  CG   sing N N 202 
LYS CB  HB2  sing N N 203 
LYS CB  HB3  sing N N 204 
LYS CG  CD   sing N N 205 
LYS CG  HG2  sing N N 206 
LYS CG  HG3  sing N N 207 
LYS CD  CE   sing N N 208 
LYS CD  HD2  sing N N 209 
LYS CD  HD3  sing N N 210 
LYS CE  NZ   sing N N 211 
LYS CE  HE2  sing N N 212 
LYS CE  HE3  sing N N 213 
LYS NZ  HZ1  sing N N 214 
LYS NZ  HZ2  sing N N 215 
LYS NZ  HZ3  sing N N 216 
LYS OXT HXT  sing N N 217 
MET N   CA   sing N N 218 
MET N   H    sing N N 219 
MET N   H2   sing N N 220 
MET CA  C    sing N N 221 
MET CA  CB   sing N N 222 
MET CA  HA   sing N N 223 
MET C   O    doub N N 224 
MET C   OXT  sing N N 225 
MET CB  CG   sing N N 226 
MET CB  HB2  sing N N 227 
MET CB  HB3  sing N N 228 
MET CG  SD   sing N N 229 
MET CG  HG2  sing N N 230 
MET CG  HG3  sing N N 231 
MET SD  CE   sing N N 232 
MET CE  HE1  sing N N 233 
MET CE  HE2  sing N N 234 
MET CE  HE3  sing N N 235 
MET OXT HXT  sing N N 236 
MMA C1  C2   sing N N 237 
MMA C1  O1   sing N N 238 
MMA C1  O5   sing N N 239 
MMA C1  H1   sing N N 240 
MMA C2  C3   sing N N 241 
MMA C2  O2   sing N N 242 
MMA C2  H2   sing N N 243 
MMA C3  C4   sing N N 244 
MMA C3  O3   sing N N 245 
MMA C3  H3   sing N N 246 
MMA C4  C5   sing N N 247 
MMA C4  O4   sing N N 248 
MMA C4  H4   sing N N 249 
MMA C5  C6   sing N N 250 
MMA C5  O5   sing N N 251 
MMA C5  H5   sing N N 252 
MMA C6  O6   sing N N 253 
MMA C6  H61  sing N N 254 
MMA C6  H62  sing N N 255 
MMA C7  O1   sing N N 256 
MMA C7  H71  sing N N 257 
MMA C7  H72  sing N N 258 
MMA C7  H73  sing N N 259 
MMA O2  HO2  sing N N 260 
MMA O3  HO3  sing N N 261 
MMA O4  HO4  sing N N 262 
MMA O6  HO6  sing N N 263 
PHE N   CA   sing N N 264 
PHE N   H    sing N N 265 
PHE N   H2   sing N N 266 
PHE CA  C    sing N N 267 
PHE CA  CB   sing N N 268 
PHE CA  HA   sing N N 269 
PHE C   O    doub N N 270 
PHE C   OXT  sing N N 271 
PHE CB  CG   sing N N 272 
PHE CB  HB2  sing N N 273 
PHE CB  HB3  sing N N 274 
PHE CG  CD1  doub Y N 275 
PHE CG  CD2  sing Y N 276 
PHE CD1 CE1  sing Y N 277 
PHE CD1 HD1  sing N N 278 
PHE CD2 CE2  doub Y N 279 
PHE CD2 HD2  sing N N 280 
PHE CE1 CZ   doub Y N 281 
PHE CE1 HE1  sing N N 282 
PHE CE2 CZ   sing Y N 283 
PHE CE2 HE2  sing N N 284 
PHE CZ  HZ   sing N N 285 
PHE OXT HXT  sing N N 286 
PRO N   CA   sing N N 287 
PRO N   CD   sing N N 288 
PRO N   H    sing N N 289 
PRO CA  C    sing N N 290 
PRO CA  CB   sing N N 291 
PRO CA  HA   sing N N 292 
PRO C   O    doub N N 293 
PRO C   OXT  sing N N 294 
PRO CB  CG   sing N N 295 
PRO CB  HB2  sing N N 296 
PRO CB  HB3  sing N N 297 
PRO CG  CD   sing N N 298 
PRO CG  HG2  sing N N 299 
PRO CG  HG3  sing N N 300 
PRO CD  HD2  sing N N 301 
PRO CD  HD3  sing N N 302 
PRO OXT HXT  sing N N 303 
SER N   CA   sing N N 304 
SER N   H    sing N N 305 
SER N   H2   sing N N 306 
SER CA  C    sing N N 307 
SER CA  CB   sing N N 308 
SER CA  HA   sing N N 309 
SER C   O    doub N N 310 
SER C   OXT  sing N N 311 
SER CB  OG   sing N N 312 
SER CB  HB2  sing N N 313 
SER CB  HB3  sing N N 314 
SER OG  HG   sing N N 315 
SER OXT HXT  sing N N 316 
SO4 S   O1   doub N N 317 
SO4 S   O2   doub N N 318 
SO4 S   O3   sing N N 319 
SO4 S   O4   sing N N 320 
THR N   CA   sing N N 321 
THR N   H    sing N N 322 
THR N   H2   sing N N 323 
THR CA  C    sing N N 324 
THR CA  CB   sing N N 325 
THR CA  HA   sing N N 326 
THR C   O    doub N N 327 
THR C   OXT  sing N N 328 
THR CB  OG1  sing N N 329 
THR CB  CG2  sing N N 330 
THR CB  HB   sing N N 331 
THR OG1 HG1  sing N N 332 
THR CG2 HG21 sing N N 333 
THR CG2 HG22 sing N N 334 
THR CG2 HG23 sing N N 335 
THR OXT HXT  sing N N 336 
TRP N   CA   sing N N 337 
TRP N   H    sing N N 338 
TRP N   H2   sing N N 339 
TRP CA  C    sing N N 340 
TRP CA  CB   sing N N 341 
TRP CA  HA   sing N N 342 
TRP C   O    doub N N 343 
TRP C   OXT  sing N N 344 
TRP CB  CG   sing N N 345 
TRP CB  HB2  sing N N 346 
TRP CB  HB3  sing N N 347 
TRP CG  CD1  doub Y N 348 
TRP CG  CD2  sing Y N 349 
TRP CD1 NE1  sing Y N 350 
TRP CD1 HD1  sing N N 351 
TRP CD2 CE2  doub Y N 352 
TRP CD2 CE3  sing Y N 353 
TRP NE1 CE2  sing Y N 354 
TRP NE1 HE1  sing N N 355 
TRP CE2 CZ2  sing Y N 356 
TRP CE3 CZ3  doub Y N 357 
TRP CE3 HE3  sing N N 358 
TRP CZ2 CH2  doub Y N 359 
TRP CZ2 HZ2  sing N N 360 
TRP CZ3 CH2  sing Y N 361 
TRP CZ3 HZ3  sing N N 362 
TRP CH2 HH2  sing N N 363 
TRP OXT HXT  sing N N 364 
TYR N   CA   sing N N 365 
TYR N   H    sing N N 366 
TYR N   H2   sing N N 367 
TYR CA  C    sing N N 368 
TYR CA  CB   sing N N 369 
TYR CA  HA   sing N N 370 
TYR C   O    doub N N 371 
TYR C   OXT  sing N N 372 
TYR CB  CG   sing N N 373 
TYR CB  HB2  sing N N 374 
TYR CB  HB3  sing N N 375 
TYR CG  CD1  doub Y N 376 
TYR CG  CD2  sing Y N 377 
TYR CD1 CE1  sing Y N 378 
TYR CD1 HD1  sing N N 379 
TYR CD2 CE2  doub Y N 380 
TYR CD2 HD2  sing N N 381 
TYR CE1 CZ   doub Y N 382 
TYR CE1 HE1  sing N N 383 
TYR CE2 CZ   sing Y N 384 
TYR CE2 HE2  sing N N 385 
TYR CZ  OH   sing N N 386 
TYR OH  HH   sing N N 387 
TYR OXT HXT  sing N N 388 
VAL N   CA   sing N N 389 
VAL N   H    sing N N 390 
VAL N   H2   sing N N 391 
VAL CA  C    sing N N 392 
VAL CA  CB   sing N N 393 
VAL CA  HA   sing N N 394 
VAL C   O    doub N N 395 
VAL C   OXT  sing N N 396 
VAL CB  CG1  sing N N 397 
VAL CB  CG2  sing N N 398 
VAL CB  HB   sing N N 399 
VAL CG1 HG11 sing N N 400 
VAL CG1 HG12 sing N N 401 
VAL CG1 HG13 sing N N 402 
VAL CG2 HG21 sing N N 403 
VAL CG2 HG22 sing N N 404 
VAL CG2 HG23 sing N N 405 
VAL OXT HXT  sing N N 406 
# 
_pdbx_initial_refinement_model.id               1 
_pdbx_initial_refinement_model.entity_id_list   ? 
_pdbx_initial_refinement_model.type             'experimental model' 
_pdbx_initial_refinement_model.source_name      PDB 
_pdbx_initial_refinement_model.accession_code   3A0C 
_pdbx_initial_refinement_model.details          'PDB ENTRY 3A0C' 
# 
_atom_sites.entry_id                    3A0D 
_atom_sites.fract_transf_matrix[1][1]   -0.00451392 
_atom_sites.fract_transf_matrix[1][2]   -0.00009934 
_atom_sites.fract_transf_matrix[1][3]   -0.01441154 
_atom_sites.fract_transf_matrix[2][1]   0.00550929 
_atom_sites.fract_transf_matrix[2][2]   0.01017171 
_atom_sites.fract_transf_matrix[2][3]   -0.00970848 
_atom_sites.fract_transf_matrix[3][1]   0.01209755 
_atom_sites.fract_transf_matrix[3][2]   -0.01010249 
_atom_sites.fract_transf_matrix[3][3]   -0.00371950 
_atom_sites.fract_transf_vector[1]      -0.161884 
_atom_sites.fract_transf_vector[2]      0.384630 
_atom_sites.fract_transf_vector[3]      0.363683 
# 
loop_
_atom_type.symbol 
C 
N 
O 
S 
# 
loop_
_atom_site.group_PDB 
_atom_site.id 
_atom_site.type_symbol 
_atom_site.label_atom_id 
_atom_site.label_alt_id 
_atom_site.label_comp_id 
_atom_site.label_asym_id 
_atom_site.label_entity_id 
_atom_site.label_seq_id 
_atom_site.pdbx_PDB_ins_code 
_atom_site.Cartn_x 
_atom_site.Cartn_y 
_atom_site.Cartn_z 
_atom_site.occupancy 
_atom_site.B_iso_or_equiv 
_atom_site.pdbx_formal_charge 
_atom_site.auth_seq_id 
_atom_site.auth_comp_id 
_atom_site.auth_asym_id 
_atom_site.auth_atom_id 
_atom_site.pdbx_PDB_model_num 
ATOM   1   N N   . VAL A 1 1   ? -10.243 -5.612  -4.761  1.00 16.10 ? 1   VAL A N   1 
ATOM   2   C CA  . VAL A 1 1   ? -9.593  -4.369  -5.254  1.00 17.76 ? 1   VAL A CA  1 
ATOM   3   C C   . VAL A 1 1   ? -8.084  -4.601  -5.286  1.00 17.42 ? 1   VAL A C   1 
ATOM   4   O O   . VAL A 1 1   ? -7.554  -5.332  -4.449  1.00 18.48 ? 1   VAL A O   1 
ATOM   5   C CB  . VAL A 1 1   ? -9.931  -3.171  -4.322  1.00 20.18 ? 1   VAL A CB  1 
ATOM   6   C CG1 . VAL A 1 1   ? -9.446  -3.458  -2.911  1.00 23.20 ? 1   VAL A CG1 1 
ATOM   7   C CG2 . VAL A 1 1   ? -9.304  -1.890  -4.847  1.00 21.36 ? 1   VAL A CG2 1 
ATOM   8   N N   . ASN A 1 2   ? -7.397  -4.010  -6.262  1.00 14.94 ? 2   ASN A N   1 
ATOM   9   C CA  . ASN A 1 2   ? -5.949  -4.174  -6.349  1.00 14.60 ? 2   ASN A CA  1 
ATOM   10  C C   . ASN A 1 2   ? -5.205  -2.839  -6.324  1.00 14.78 ? 2   ASN A C   1 
ATOM   11  O O   . ASN A 1 2   ? -4.060  -2.754  -6.761  1.00 13.04 ? 2   ASN A O   1 
ATOM   12  C CB  . ASN A 1 2   ? -5.560  -4.962  -7.608  1.00 15.19 ? 2   ASN A CB  1 
ATOM   13  C CG  . ASN A 1 2   ? -6.012  -4.290  -8.886  1.00 16.87 ? 2   ASN A CG  1 
ATOM   14  O OD1 . ASN A 1 2   ? -7.205  -4.158  -9.141  1.00 21.83 ? 2   ASN A OD1 1 
ATOM   15  N ND2 . ASN A 1 2   ? -5.057  -3.861  -9.700  1.00 18.40 ? 2   ASN A ND2 1 
ATOM   16  N N   . SER A 1 3   ? -5.856  -1.805  -5.796  1.00 13.92 ? 3   SER A N   1 
ATOM   17  C CA  . SER A 1 3   ? -5.237  -0.487  -5.716  1.00 14.96 ? 3   SER A CA  1 
ATOM   18  C C   . SER A 1 3   ? -5.612  0.272   -4.447  1.00 14.91 ? 3   SER A C   1 
ATOM   19  O O   . SER A 1 3   ? -6.654  0.025   -3.838  1.00 14.15 ? 3   SER A O   1 
ATOM   20  C CB  . SER A 1 3   ? -5.632  0.360   -6.929  1.00 15.74 ? 3   SER A CB  1 
ATOM   21  O OG  . SER A 1 3   ? -7.028  0.619   -6.934  1.00 18.73 ? 3   SER A OG  1 
ATOM   22  N N   . LEU A 1 4   ? -4.739  1.197   -4.058  1.00 14.11 ? 4   LEU A N   1 
ATOM   23  C CA  . LEU A 1 4   ? -4.948  2.043   -2.894  1.00 13.98 ? 4   LEU A CA  1 
ATOM   24  C C   . LEU A 1 4   ? -4.606  3.456   -3.343  1.00 14.38 ? 4   LEU A C   1 
ATOM   25  O O   . LEU A 1 4   ? -3.479  3.729   -3.761  1.00 14.08 ? 4   LEU A O   1 
ATOM   26  C CB  . LEU A 1 4   ? -4.026  1.637   -1.739  1.00 14.02 ? 4   LEU A CB  1 
ATOM   27  C CG  . LEU A 1 4   ? -4.071  2.560   -0.510  1.00 13.91 ? 4   LEU A CG  1 
ATOM   28  C CD1 . LEU A 1 4   ? -5.430  2.454   0.188   1.00 11.95 ? 4   LEU A CD1 1 
ATOM   29  C CD2 . LEU A 1 4   ? -2.967  2.170   0.453   1.00 14.41 ? 4   LEU A CD2 1 
ATOM   30  N N   . SER A 1 5   ? -5.582  4.351   -3.262  1.00 14.09 ? 5   SER A N   1 
ATOM   31  C CA  . SER A 1 5   ? -5.372  5.728   -3.681  1.00 14.07 ? 5   SER A CA  1 
ATOM   32  C C   . SER A 1 5   ? -5.136  6.656   -2.501  1.00 13.01 ? 5   SER A C   1 
ATOM   33  O O   . SER A 1 5   ? -5.794  6.542   -1.467  1.00 12.50 ? 5   SER A O   1 
ATOM   34  C CB  . SER A 1 5   ? -6.580  6.215   -4.486  1.00 14.49 ? 5   SER A CB  1 
ATOM   35  O OG  . SER A 1 5   ? -6.756  5.435   -5.653  1.00 16.24 ? 5   SER A OG  1 
ATOM   36  N N   . SER A 1 6   ? -4.188  7.572   -2.659  1.00 13.00 ? 6   SER A N   1 
ATOM   37  C CA  . SER A 1 6   ? -3.892  8.530   -1.605  1.00 13.89 ? 6   SER A CA  1 
ATOM   38  C C   . SER A 1 6   ? -5.167  9.332   -1.376  1.00 14.73 ? 6   SER A C   1 
ATOM   39  O O   . SER A 1 6   ? -5.945  9.553   -2.307  1.00 14.68 ? 6   SER A O   1 
ATOM   40  C CB  . SER A 1 6   ? -2.760  9.468   -2.035  1.00 15.20 ? 6   SER A CB  1 
ATOM   41  O OG  . SER A 1 6   ? -3.155  10.276  -3.133  1.00 14.46 ? 6   SER A OG  1 
ATOM   42  N N   . PRO A 1 7   ? -5.389  9.802   -0.142  1.00 14.60 ? 7   PRO A N   1 
ATOM   43  C CA  . PRO A 1 7   ? -4.542  9.641   1.045   1.00 14.90 ? 7   PRO A CA  1 
ATOM   44  C C   . PRO A 1 7   ? -4.998  8.483   1.924   1.00 16.21 ? 7   PRO A C   1 
ATOM   45  O O   . PRO A 1 7   ? -4.697  8.446   3.118   1.00 16.92 ? 7   PRO A O   1 
ATOM   46  C CB  . PRO A 1 7   ? -4.722  10.974  1.748   1.00 15.77 ? 7   PRO A CB  1 
ATOM   47  C CG  . PRO A 1 7   ? -6.207  11.201  1.565   1.00 14.96 ? 7   PRO A CG  1 
ATOM   48  C CD  . PRO A 1 7   ? -6.455  10.791  0.108   1.00 14.03 ? 7   PRO A CD  1 
ATOM   49  N N   . ASN A 1 8   ? -5.710  7.535   1.327   1.00 15.66 ? 8   ASN A N   1 
ATOM   50  C CA  . ASN A 1 8   ? -6.250  6.396   2.064   1.00 16.83 ? 8   ASN A CA  1 
ATOM   51  C C   . ASN A 1 8   ? -5.255  5.382   2.602   1.00 16.11 ? 8   ASN A C   1 
ATOM   52  O O   . ASN A 1 8   ? -4.087  5.362   2.216   1.00 15.95 ? 8   ASN A O   1 
ATOM   53  C CB  . ASN A 1 8   ? -7.298  5.699   1.200   1.00 16.64 ? 8   ASN A CB  1 
ATOM   54  C CG  . ASN A 1 8   ? -8.337  6.667   0.689   1.00 20.15 ? 8   ASN A CG  1 
ATOM   55  O OD1 . ASN A 1 8   ? -8.887  7.451   1.462   1.00 22.12 ? 8   ASN A OD1 1 
ATOM   56  N ND2 . ASN A 1 8   ? -8.607  6.632   -0.614  1.00 17.87 ? 8   ASN A ND2 1 
ATOM   57  N N   . SER A 1 9   ? -5.745  4.533   3.501   1.00 15.20 ? 9   SER A N   1 
ATOM   58  C CA  . SER A 1 9   ? -4.921  3.512   4.130   1.00 15.78 ? 9   SER A CA  1 
ATOM   59  C C   . SER A 1 9   ? -5.454  2.098   3.942   1.00 15.78 ? 9   SER A C   1 
ATOM   60  O O   . SER A 1 9   ? -6.644  1.890   3.720   1.00 16.65 ? 9   SER A O   1 
ATOM   61  C CB  . SER A 1 9   ? -4.812  3.783   5.637   1.00 15.31 ? 9   SER A CB  1 
ATOM   62  O OG  . SER A 1 9   ? -4.177  5.021   5.897   1.00 18.27 ? 9   SER A OG  1 
ATOM   63  N N   . LEU A 1 10  ? -4.547  1.133   4.028   1.00 16.60 ? 10  LEU A N   1 
ATOM   64  C CA  . LEU A 1 10  ? -4.892  -0.280  3.938   1.00 17.80 ? 10  LEU A CA  1 
ATOM   65  C C   . LEU A 1 10  ? -4.682  -0.705  5.385   1.00 18.25 ? 10  LEU A C   1 
ATOM   66  O O   . LEU A 1 10  ? -3.544  -0.774  5.856   1.00 16.71 ? 10  LEU A O   1 
ATOM   67  C CB  . LEU A 1 10  ? -3.914  -1.023  3.023   1.00 18.45 ? 10  LEU A CB  1 
ATOM   68  C CG  . LEU A 1 10  ? -4.204  -2.507  2.776   1.00 20.07 ? 10  LEU A CG  1 
ATOM   69  C CD1 . LEU A 1 10  ? -5.568  -2.658  2.100   1.00 19.62 ? 10  LEU A CD1 1 
ATOM   70  C CD2 . LEU A 1 10  ? -3.112  -3.108  1.900   1.00 17.34 ? 10  LEU A CD2 1 
ATOM   71  N N   . PHE A 1 11  ? -5.777  -0.955  6.096   1.00 18.58 ? 11  PHE A N   1 
ATOM   72  C CA  . PHE A 1 11  ? -5.694  -1.322  7.501   1.00 19.25 ? 11  PHE A CA  1 
ATOM   73  C C   . PHE A 1 11  ? -5.342  -2.778  7.779   1.00 19.68 ? 11  PHE A C   1 
ATOM   74  O O   . PHE A 1 11  ? -5.386  -3.628  6.892   1.00 18.12 ? 11  PHE A O   1 
ATOM   75  C CB  . PHE A 1 11  ? -6.996  -0.939  8.213   1.00 21.28 ? 11  PHE A CB  1 
ATOM   76  C CG  . PHE A 1 11  ? -7.269  0.543   8.210   1.00 21.85 ? 11  PHE A CG  1 
ATOM   77  C CD1 . PHE A 1 11  ? -7.941  1.142   7.151   1.00 22.36 ? 11  PHE A CD1 1 
ATOM   78  C CD2 . PHE A 1 11  ? -6.824  1.345   9.259   1.00 23.06 ? 11  PHE A CD2 1 
ATOM   79  C CE1 . PHE A 1 11  ? -8.169  2.525   7.134   1.00 24.54 ? 11  PHE A CE1 1 
ATOM   80  C CE2 . PHE A 1 11  ? -7.043  2.726   9.255   1.00 21.65 ? 11  PHE A CE2 1 
ATOM   81  C CZ  . PHE A 1 11  ? -7.716  3.317   8.192   1.00 22.16 ? 11  PHE A CZ  1 
ATOM   82  N N   . THR A 1 12  ? -4.993  -3.045  9.034   1.00 20.91 ? 12  THR A N   1 
ATOM   83  C CA  . THR A 1 12  ? -4.592  -4.370  9.488   1.00 21.16 ? 12  THR A CA  1 
ATOM   84  C C   . THR A 1 12  ? -5.455  -5.523  8.991   1.00 20.76 ? 12  THR A C   1 
ATOM   85  O O   . THR A 1 12  ? -6.680  -5.495  9.111   1.00 21.62 ? 12  THR A O   1 
ATOM   86  C CB  . THR A 1 12  ? -4.573  -4.437  11.024  1.00 22.00 ? 12  THR A CB  1 
ATOM   87  O OG1 . THR A 1 12  ? -3.906  -3.283  11.545  1.00 26.47 ? 12  THR A OG1 1 
ATOM   88  C CG2 . THR A 1 12  ? -3.842  -5.685  11.489  1.00 20.51 ? 12  THR A CG2 1 
ATOM   89  N N   . GLY A 1 13  ? -4.800  -6.542  8.449   1.00 19.89 ? 13  GLY A N   1 
ATOM   90  C CA  . GLY A 1 13  ? -5.506  -7.711  7.963   1.00 20.02 ? 13  GLY A CA  1 
ATOM   91  C C   . GLY A 1 13  ? -6.107  -7.562  6.584   1.00 21.55 ? 13  GLY A C   1 
ATOM   92  O O   . GLY A 1 13  ? -6.633  -8.525  6.026   1.00 23.25 ? 13  GLY A O   1 
ATOM   93  N N   . HIS A 1 14  ? -6.030  -6.360  6.027   1.00 20.83 ? 14  HIS A N   1 
ATOM   94  C CA  . HIS A 1 14  ? -6.583  -6.106  4.705   1.00 21.02 ? 14  HIS A CA  1 
ATOM   95  C C   . HIS A 1 14  ? -5.511  -6.192  3.633   1.00 20.80 ? 14  HIS A C   1 
ATOM   96  O O   . HIS A 1 14  ? -4.318  -6.061  3.917   1.00 18.75 ? 14  HIS A O   1 
ATOM   97  C CB  . HIS A 1 14  ? -7.255  -4.734  4.677   1.00 21.79 ? 14  HIS A CB  1 
ATOM   98  C CG  . HIS A 1 14  ? -8.436  -4.637  5.586   1.00 25.83 ? 14  HIS A CG  1 
ATOM   99  N ND1 . HIS A 1 14  ? -9.647  -5.221  5.290   1.00 29.12 ? 14  HIS A ND1 1 
ATOM   100 C CD2 . HIS A 1 14  ? -8.570  -4.094  6.819   1.00 26.75 ? 14  HIS A CD2 1 
ATOM   101 C CE1 . HIS A 1 14  ? -10.477 -5.046  6.304   1.00 28.67 ? 14  HIS A CE1 1 
ATOM   102 N NE2 . HIS A 1 14  ? -9.847  -4.366  7.244   1.00 28.99 ? 14  HIS A NE2 1 
ATOM   103 N N   . SER A 1 15  ? -5.942  -6.404  2.395   1.00 19.66 ? 15  SER A N   1 
ATOM   104 C CA  . SER A 1 15  ? -4.996  -6.521  1.307   1.00 20.19 ? 15  SER A CA  1 
ATOM   105 C C   . SER A 1 15  ? -5.539  -6.162  -0.062  1.00 19.72 ? 15  SER A C   1 
ATOM   106 O O   . SER A 1 15  ? -6.741  -5.966  -0.249  1.00 17.51 ? 15  SER A O   1 
ATOM   107 C CB  . SER A 1 15  ? -4.449  -7.947  1.272   1.00 24.28 ? 15  SER A CB  1 
ATOM   108 O OG  . SER A 1 15  ? -5.497  -8.891  1.306   1.00 25.42 ? 15  SER A OG  1 
ATOM   109 N N   . LEU A 1 16  ? -4.620  -6.057  -1.013  1.00 17.90 ? 16  LEU A N   1 
ATOM   110 C CA  . LEU A 1 16  ? -4.956  -5.775  -2.394  1.00 17.73 ? 16  LEU A CA  1 
ATOM   111 C C   . LEU A 1 16  ? -4.803  -7.140  -3.048  1.00 18.24 ? 16  LEU A C   1 
ATOM   112 O O   . LEU A 1 16  ? -3.941  -7.926  -2.651  1.00 17.36 ? 16  LEU A O   1 
ATOM   113 C CB  . LEU A 1 16  ? -3.968  -4.770  -2.997  1.00 15.30 ? 16  LEU A CB  1 
ATOM   114 C CG  . LEU A 1 16  ? -3.870  -3.407  -2.302  1.00 16.34 ? 16  LEU A CG  1 
ATOM   115 C CD1 . LEU A 1 16  ? -2.986  -2.482  -3.124  1.00 16.35 ? 16  LEU A CD1 1 
ATOM   116 C CD2 . LEU A 1 16  ? -5.258  -2.798  -2.140  1.00 14.84 ? 16  LEU A CD2 1 
ATOM   117 N N   . GLU A 1 17  ? -5.636  -7.441  -4.035  1.00 20.30 ? 17  GLU A N   1 
ATOM   118 C CA  . GLU A 1 17  ? -5.549  -8.742  -4.679  1.00 21.35 ? 17  GLU A CA  1 
ATOM   119 C C   . GLU A 1 17  ? -5.815  -8.727  -6.176  1.00 22.37 ? 17  GLU A C   1 
ATOM   120 O O   . GLU A 1 17  ? -6.650  -7.967  -6.672  1.00 22.24 ? 17  GLU A O   1 
ATOM   121 C CB  . GLU A 1 17  ? -6.515  -9.718  -3.998  1.00 22.75 ? 17  GLU A CB  1 
ATOM   122 C CG  . GLU A 1 17  ? -6.173  -9.996  -2.534  1.00 28.17 ? 17  GLU A CG  1 
ATOM   123 C CD  . GLU A 1 17  ? -7.212  -10.849 -1.818  1.00 31.40 ? 17  GLU A CD  1 
ATOM   124 O OE1 . GLU A 1 17  ? -6.994  -11.180 -0.629  1.00 31.40 ? 17  GLU A OE1 1 
ATOM   125 O OE2 . GLU A 1 17  ? -8.244  -11.190 -2.435  1.00 32.43 ? 17  GLU A OE2 1 
ATOM   126 N N   . VAL A 1 18  ? -5.073  -9.568  -6.888  1.00 23.43 ? 18  VAL A N   1 
ATOM   127 C CA  . VAL A 1 18  ? -5.214  -9.734  -8.328  1.00 25.88 ? 18  VAL A CA  1 
ATOM   128 C C   . VAL A 1 18  ? -5.273  -11.241 -8.512  1.00 26.16 ? 18  VAL A C   1 
ATOM   129 O O   . VAL A 1 18  ? -4.251  -11.918 -8.485  1.00 25.19 ? 18  VAL A O   1 
ATOM   130 C CB  . VAL A 1 18  ? -4.007  -9.176  -9.105  1.00 27.26 ? 18  VAL A CB  1 
ATOM   131 C CG1 . VAL A 1 18  ? -4.172  -9.468  -10.589 1.00 29.14 ? 18  VAL A CG1 1 
ATOM   132 C CG2 . VAL A 1 18  ? -3.895  -7.683  -8.886  1.00 26.93 ? 18  VAL A CG2 1 
ATOM   133 N N   . GLY A 1 19  ? -6.488  -11.755 -8.665  1.00 29.86 ? 19  GLY A N   1 
ATOM   134 C CA  . GLY A 1 19  ? -6.696  -13.181 -8.814  1.00 30.06 ? 19  GLY A CA  1 
ATOM   135 C C   . GLY A 1 19  ? -5.817  -13.827 -9.860  1.00 31.94 ? 19  GLY A C   1 
ATOM   136 O O   . GLY A 1 19  ? -5.409  -13.175 -10.821 1.00 34.21 ? 19  GLY A O   1 
ATOM   137 N N   . PRO A 1 20  ? -5.515  -15.122 -9.703  1.00 32.16 ? 20  PRO A N   1 
ATOM   138 C CA  . PRO A 1 20  ? -6.012  -15.899 -8.564  1.00 30.89 ? 20  PRO A CA  1 
ATOM   139 C C   . PRO A 1 20  ? -4.937  -16.188 -7.521  1.00 30.51 ? 20  PRO A C   1 
ATOM   140 O O   . PRO A 1 20  ? -5.201  -16.876 -6.535  1.00 30.68 ? 20  PRO A O   1 
ATOM   141 C CB  . PRO A 1 20  ? -6.488  -17.173 -9.230  1.00 31.47 ? 20  PRO A CB  1 
ATOM   142 C CG  . PRO A 1 20  ? -5.378  -17.412 -10.220 1.00 30.72 ? 20  PRO A CG  1 
ATOM   143 C CD  . PRO A 1 20  ? -5.108  -16.020 -10.801 1.00 31.71 ? 20  PRO A CD  1 
ATOM   144 N N   . SER A 1 21  ? -3.736  -15.652 -7.718  1.00 28.70 ? 21  SER A N   1 
ATOM   145 C CA  . SER A 1 21  ? -2.642  -15.948 -6.799  1.00 27.45 ? 21  SER A CA  1 
ATOM   146 C C   . SER A 1 21  ? -1.887  -14.799 -6.138  1.00 24.80 ? 21  SER A C   1 
ATOM   147 O O   . SER A 1 21  ? -1.053  -15.046 -5.273  1.00 26.76 ? 21  SER A O   1 
ATOM   148 C CB  . SER A 1 21  ? -1.626  -16.834 -7.522  1.00 29.74 ? 21  SER A CB  1 
ATOM   149 O OG  . SER A 1 21  ? -2.276  -17.892 -8.203  1.00 33.50 ? 21  SER A OG  1 
ATOM   150 N N   . TYR A 1 22  ? -2.158  -13.558 -6.526  1.00 21.59 ? 22  TYR A N   1 
ATOM   151 C CA  . TYR A 1 22  ? -1.438  -12.425 -5.944  1.00 20.19 ? 22  TYR A CA  1 
ATOM   152 C C   . TYR A 1 22  ? -2.160  -11.739 -4.784  1.00 19.86 ? 22  TYR A C   1 
ATOM   153 O O   . TYR A 1 22  ? -3.303  -11.297 -4.917  1.00 17.50 ? 22  TYR A O   1 
ATOM   154 C CB  . TYR A 1 22  ? -1.130  -11.396 -7.032  1.00 19.41 ? 22  TYR A CB  1 
ATOM   155 C CG  . TYR A 1 22  ? -0.303  -11.931 -8.186  1.00 19.06 ? 22  TYR A CG  1 
ATOM   156 C CD1 . TYR A 1 22  ? -0.244  -11.241 -9.398  1.00 18.59 ? 22  TYR A CD1 1 
ATOM   157 C CD2 . TYR A 1 22  ? 0.426   -13.120 -8.067  1.00 18.56 ? 22  TYR A CD2 1 
ATOM   158 C CE1 . TYR A 1 22  ? 0.515   -11.717 -10.464 1.00 18.15 ? 22  TYR A CE1 1 
ATOM   159 C CE2 . TYR A 1 22  ? 1.191   -13.606 -9.132  1.00 18.68 ? 22  TYR A CE2 1 
ATOM   160 C CZ  . TYR A 1 22  ? 1.228   -12.894 -10.328 1.00 18.70 ? 22  TYR A CZ  1 
ATOM   161 O OH  . TYR A 1 22  ? 1.974   -13.354 -11.389 1.00 19.75 ? 22  TYR A OH  1 
ATOM   162 N N   . ARG A 1 23  ? -1.477  -11.630 -3.648  1.00 19.02 ? 23  ARG A N   1 
ATOM   163 C CA  . ARG A 1 23  ? -2.067  -10.996 -2.476  1.00 19.36 ? 23  ARG A CA  1 
ATOM   164 C C   . ARG A 1 23  ? -1.049  -10.133 -1.731  1.00 19.02 ? 23  ARG A C   1 
ATOM   165 O O   . ARG A 1 23  ? -0.054  -10.640 -1.210  1.00 19.32 ? 23  ARG A O   1 
ATOM   166 C CB  . ARG A 1 23  ? -2.632  -12.065 -1.532  1.00 19.55 ? 23  ARG A CB  1 
ATOM   167 C CG  . ARG A 1 23  ? -3.441  -11.507 -0.368  1.00 23.73 ? 23  ARG A CG  1 
ATOM   168 C CD  . ARG A 1 23  ? -3.967  -12.624 0.523   1.00 25.81 ? 23  ARG A CD  1 
ATOM   169 N NE  . ARG A 1 23  ? -4.868  -12.132 1.562   1.00 29.00 ? 23  ARG A NE  1 
ATOM   170 C CZ  . ARG A 1 23  ? -5.401  -12.897 2.511   1.00 30.55 ? 23  ARG A CZ  1 
ATOM   171 N NH1 . ARG A 1 23  ? -5.120  -14.194 2.555   1.00 29.74 ? 23  ARG A NH1 1 
ATOM   172 N NH2 . ARG A 1 23  ? -6.219  -12.370 3.414   1.00 29.01 ? 23  ARG A NH2 1 
ATOM   173 N N   . LEU A 1 24  ? -1.304  -8.828  -1.698  1.00 16.96 ? 24  LEU A N   1 
ATOM   174 C CA  . LEU A 1 24  ? -0.436  -7.874  -1.016  1.00 15.10 ? 24  LEU A CA  1 
ATOM   175 C C   . LEU A 1 24  ? -1.182  -7.505  0.262   1.00 16.97 ? 24  LEU A C   1 
ATOM   176 O O   . LEU A 1 24  ? -2.179  -6.787  0.221   1.00 17.76 ? 24  LEU A O   1 
ATOM   177 C CB  . LEU A 1 24  ? -0.226  -6.640  -1.897  1.00 13.21 ? 24  LEU A CB  1 
ATOM   178 C CG  . LEU A 1 24  ? 0.680   -5.532  -1.366  1.00 14.89 ? 24  LEU A CG  1 
ATOM   179 C CD1 . LEU A 1 24  ? 2.078   -6.075  -1.082  1.00 13.26 ? 24  LEU A CD1 1 
ATOM   180 C CD2 . LEU A 1 24  ? 0.734   -4.415  -2.383  1.00 14.16 ? 24  LEU A CD2 1 
ATOM   181 N N   . ILE A 1 25  ? -0.687  -7.978  1.401   1.00 16.01 ? 25  ILE A N   1 
ATOM   182 C CA  . ILE A 1 25  ? -1.379  -7.750  2.662   1.00 18.17 ? 25  ILE A CA  1 
ATOM   183 C C   . ILE A 1 25  ? -0.654  -7.000  3.779   1.00 18.61 ? 25  ILE A C   1 
ATOM   184 O O   . ILE A 1 25  ? 0.521   -7.245  4.051   1.00 19.39 ? 25  ILE A O   1 
ATOM   185 C CB  . ILE A 1 25  ? -1.863  -9.113  3.232   1.00 18.60 ? 25  ILE A CB  1 
ATOM   186 C CG1 . ILE A 1 25  ? -2.580  -8.926  4.570   1.00 19.51 ? 25  ILE A CG1 1 
ATOM   187 C CG2 . ILE A 1 25  ? -0.675  -10.043 3.426   1.00 18.72 ? 25  ILE A CG2 1 
ATOM   188 C CD1 . ILE A 1 25  ? -3.293  -10.184 5.046   1.00 19.80 ? 25  ILE A CD1 1 
ATOM   189 N N   . MET A 1 26  ? -1.382  -6.083  4.415   1.00 18.18 ? 26  MET A N   1 
ATOM   190 C CA  . MET A 1 26  ? -0.872  -5.327  5.558   1.00 19.37 ? 26  MET A CA  1 
ATOM   191 C C   . MET A 1 26  ? -1.205  -6.251  6.729   1.00 19.24 ? 26  MET A C   1 
ATOM   192 O O   . MET A 1 26  ? -2.325  -6.241  7.237   1.00 20.05 ? 26  MET A O   1 
ATOM   193 C CB  . MET A 1 26  ? -1.616  -3.994  5.701   1.00 18.29 ? 26  MET A CB  1 
ATOM   194 C CG  . MET A 1 26  ? -1.289  -3.210  6.972   1.00 19.40 ? 26  MET A CG  1 
ATOM   195 S SD  . MET A 1 26  ? 0.392   -2.530  7.054   1.00 20.67 ? 26  MET A SD  1 
ATOM   196 C CE  . MET A 1 26  ? 1.272   -3.882  7.834   1.00 19.59 ? 26  MET A CE  1 
ATOM   197 N N   . GLN A 1 27  ? -0.231  -7.057  7.137   1.00 18.61 ? 27  GLN A N   1 
ATOM   198 C CA  . GLN A 1 27  ? -0.418  -8.038  8.203   1.00 20.13 ? 27  GLN A CA  1 
ATOM   199 C C   . GLN A 1 27  ? -0.556  -7.525  9.628   1.00 20.73 ? 27  GLN A C   1 
ATOM   200 O O   . GLN A 1 27  ? -0.107  -6.431  9.964   1.00 19.72 ? 27  GLN A O   1 
ATOM   201 C CB  . GLN A 1 27  ? 0.710   -9.070  8.148   1.00 18.33 ? 27  GLN A CB  1 
ATOM   202 C CG  . GLN A 1 27  ? 0.725   -9.848  6.846   1.00 17.12 ? 27  GLN A CG  1 
ATOM   203 C CD  . GLN A 1 27  ? 1.808   -10.901 6.791   1.00 17.93 ? 27  GLN A CD  1 
ATOM   204 O OE1 . GLN A 1 27  ? 1.842   -11.712 5.867   1.00 18.11 ? 27  GLN A OE1 1 
ATOM   205 N NE2 . GLN A 1 27  ? 2.704   -10.893 7.778   1.00 16.30 ? 27  GLN A NE2 1 
ATOM   206 N N   . GLY A 1 28  ? -1.191  -8.347  10.459  1.00 21.76 ? 28  GLY A N   1 
ATOM   207 C CA  . GLY A 1 28  ? -1.390  -8.004  11.853  1.00 21.71 ? 28  GLY A CA  1 
ATOM   208 C C   . GLY A 1 28  ? -0.087  -7.928  12.630  1.00 22.63 ? 28  GLY A C   1 
ATOM   209 O O   . GLY A 1 28  ? -0.048  -7.334  13.707  1.00 23.92 ? 28  GLY A O   1 
ATOM   210 N N   . ASP A 1 29  ? 0.980   -8.528  12.105  1.00 20.86 ? 29  ASP A N   1 
ATOM   211 C CA  . ASP A 1 29  ? 2.264   -8.476  12.796  1.00 20.43 ? 29  ASP A CA  1 
ATOM   212 C C   . ASP A 1 29  ? 3.098   -7.316  12.263  1.00 19.86 ? 29  ASP A C   1 
ATOM   213 O O   . ASP A 1 29  ? 4.297   -7.216  12.524  1.00 19.95 ? 29  ASP A O   1 
ATOM   214 C CB  . ASP A 1 29  ? 3.009   -9.815  12.669  1.00 21.49 ? 29  ASP A CB  1 
ATOM   215 C CG  . ASP A 1 29  ? 3.631   -10.027 11.302  1.00 23.10 ? 29  ASP A CG  1 
ATOM   216 O OD1 . ASP A 1 29  ? 3.213   -9.366  10.324  1.00 19.91 ? 29  ASP A OD1 1 
ATOM   217 O OD2 . ASP A 1 29  ? 4.541   -10.882 11.214  1.00 21.65 ? 29  ASP A OD2 1 
ATOM   218 N N   . CYS A 1 30  ? 2.435   -6.445  11.505  1.00 19.11 ? 30  CYS A N   1 
ATOM   219 C CA  . CYS A 1 30  ? 3.034   -5.235  10.943  1.00 19.52 ? 30  CYS A CA  1 
ATOM   220 C C   . CYS A 1 30  ? 3.894   -5.381  9.693   1.00 19.90 ? 30  CYS A C   1 
ATOM   221 O O   . CYS A 1 30  ? 4.515   -4.412  9.252   1.00 18.69 ? 30  CYS A O   1 
ATOM   222 C CB  . CYS A 1 30  ? 3.844   -4.511  12.016  1.00 22.08 ? 30  CYS A CB  1 
ATOM   223 S SG  . CYS A 1 30  ? 3.927   -2.709  11.789  1.00 28.22 ? 30  CYS A SG  1 
ATOM   224 N N   . ASN A 1 31  ? 3.940   -6.576  9.118   1.00 17.12 ? 31  ASN A N   1 
ATOM   225 C CA  . ASN A 1 31  ? 4.725   -6.779  7.910   1.00 18.17 ? 31  ASN A CA  1 
ATOM   226 C C   . ASN A 1 31  ? 3.823   -6.527  6.689   1.00 17.94 ? 31  ASN A C   1 
ATOM   227 O O   . ASN A 1 31  ? 2.641   -6.873  6.702   1.00 18.10 ? 31  ASN A O   1 
ATOM   228 C CB  . ASN A 1 31  ? 5.280   -8.210  7.883   1.00 16.58 ? 31  ASN A CB  1 
ATOM   229 C CG  . ASN A 1 31  ? 6.526   -8.340  7.026   1.00 17.58 ? 31  ASN A CG  1 
ATOM   230 O OD1 . ASN A 1 31  ? 7.029   -7.352  6.485   1.00 16.79 ? 31  ASN A OD1 1 
ATOM   231 N ND2 . ASN A 1 31  ? 7.037   -9.562  6.904   1.00 17.83 ? 31  ASN A ND2 1 
ATOM   232 N N   . PHE A 1 32  ? 4.380   -5.898  5.656   1.00 18.16 ? 32  PHE A N   1 
ATOM   233 C CA  . PHE A 1 32  ? 3.653   -5.608  4.415   1.00 18.88 ? 32  PHE A CA  1 
ATOM   234 C C   . PHE A 1 32  ? 4.234   -6.599  3.414   1.00 18.07 ? 32  PHE A C   1 
ATOM   235 O O   . PHE A 1 32  ? 5.344   -6.414  2.932   1.00 19.56 ? 32  PHE A O   1 
ATOM   236 C CB  . PHE A 1 32  ? 3.922   -4.158  3.991   1.00 19.58 ? 32  PHE A CB  1 
ATOM   237 C CG  . PHE A 1 32  ? 3.181   -3.726  2.756   1.00 19.09 ? 32  PHE A CG  1 
ATOM   238 C CD1 . PHE A 1 32  ? 1.846   -4.060  2.571   1.00 18.83 ? 32  PHE A CD1 1 
ATOM   239 C CD2 . PHE A 1 32  ? 3.812   -2.940  1.796   1.00 19.75 ? 32  PHE A CD2 1 
ATOM   240 C CE1 . PHE A 1 32  ? 1.150   -3.619  1.451   1.00 20.66 ? 32  PHE A CE1 1 
ATOM   241 C CE2 . PHE A 1 32  ? 3.126   -2.494  0.674   1.00 18.90 ? 32  PHE A CE2 1 
ATOM   242 C CZ  . PHE A 1 32  ? 1.793   -2.834  0.501   1.00 19.50 ? 32  PHE A CZ  1 
ATOM   243 N N   . VAL A 1 33  ? 3.474   -7.648  3.105   1.00 17.75 ? 33  VAL A N   1 
ATOM   244 C CA  . VAL A 1 33  ? 3.960   -8.719  2.238   1.00 16.92 ? 33  VAL A CA  1 
ATOM   245 C C   . VAL A 1 33  ? 3.176   -9.046  0.967   1.00 17.47 ? 33  VAL A C   1 
ATOM   246 O O   . VAL A 1 33  ? 1.941   -9.017  0.948   1.00 18.79 ? 33  VAL A O   1 
ATOM   247 C CB  . VAL A 1 33  ? 4.061   -10.040 3.050   1.00 15.28 ? 33  VAL A CB  1 
ATOM   248 C CG1 . VAL A 1 33  ? 4.827   -11.094 2.262   1.00 14.55 ? 33  VAL A CG1 1 
ATOM   249 C CG2 . VAL A 1 33  ? 4.712   -9.775  4.404   1.00 14.48 ? 33  VAL A CG2 1 
ATOM   250 N N   . LEU A 1 34  ? 3.909   -9.381  -0.089  1.00 13.94 ? 34  LEU A N   1 
ATOM   251 C CA  . LEU A 1 34  ? 3.293   -9.773  -1.344  1.00 15.26 ? 34  LEU A CA  1 
ATOM   252 C C   . LEU A 1 34  ? 3.435   -11.282 -1.462  1.00 16.08 ? 34  LEU A C   1 
ATOM   253 O O   . LEU A 1 34  ? 4.548   -11.808 -1.504  1.00 15.17 ? 34  LEU A O   1 
ATOM   254 C CB  . LEU A 1 34  ? 3.980   -9.108  -2.539  1.00 14.04 ? 34  LEU A CB  1 
ATOM   255 C CG  . LEU A 1 34  ? 3.567   -9.680  -3.906  1.00 15.91 ? 34  LEU A CG  1 
ATOM   256 C CD1 . LEU A 1 34  ? 2.054   -9.556  -4.103  1.00 13.62 ? 34  LEU A CD1 1 
ATOM   257 C CD2 . LEU A 1 34  ? 4.318   -8.946  -5.016  1.00 14.50 ? 34  LEU A CD2 1 
ATOM   258 N N   . TYR A 1 35  ? 2.304   -11.976 -1.504  1.00 17.15 ? 35  TYR A N   1 
ATOM   259 C CA  . TYR A 1 35  ? 2.297   -13.425 -1.621  1.00 17.80 ? 35  TYR A CA  1 
ATOM   260 C C   . TYR A 1 35  ? 1.887   -13.856 -3.019  1.00 19.52 ? 35  TYR A C   1 
ATOM   261 O O   . TYR A 1 35  ? 0.998   -13.264 -3.631  1.00 20.33 ? 35  TYR A O   1 
ATOM   262 C CB  . TYR A 1 35  ? 1.328   -14.038 -0.608  1.00 18.37 ? 35  TYR A CB  1 
ATOM   263 C CG  . TYR A 1 35  ? 1.784   -13.930 0.829   1.00 19.58 ? 35  TYR A CG  1 
ATOM   264 C CD1 . TYR A 1 35  ? 2.679   -14.856 1.369   1.00 19.34 ? 35  TYR A CD1 1 
ATOM   265 C CD2 . TYR A 1 35  ? 1.332   -12.894 1.646   1.00 19.70 ? 35  TYR A CD2 1 
ATOM   266 C CE1 . TYR A 1 35  ? 3.110   -14.750 2.693   1.00 20.37 ? 35  TYR A CE1 1 
ATOM   267 C CE2 . TYR A 1 35  ? 1.762   -12.779 2.969   1.00 19.82 ? 35  TYR A CE2 1 
ATOM   268 C CZ  . TYR A 1 35  ? 2.649   -13.709 3.484   1.00 18.17 ? 35  TYR A CZ  1 
ATOM   269 O OH  . TYR A 1 35  ? 3.079   -13.594 4.782   1.00 19.33 ? 35  TYR A OH  1 
ATOM   270 N N   . ASP A 1 36  ? 2.556   -14.886 -3.520  1.00 20.17 ? 36  ASP A N   1 
ATOM   271 C CA  . ASP A 1 36  ? 2.263   -15.447 -4.831  1.00 21.21 ? 36  ASP A CA  1 
ATOM   272 C C   . ASP A 1 36  ? 1.966   -16.911 -4.543  1.00 22.21 ? 36  ASP A C   1 
ATOM   273 O O   . ASP A 1 36  ? 2.880   -17.697 -4.295  1.00 22.75 ? 36  ASP A O   1 
ATOM   274 C CB  . ASP A 1 36  ? 3.477   -15.332 -5.755  1.00 19.03 ? 36  ASP A CB  1 
ATOM   275 C CG  . ASP A 1 36  ? 3.195   -15.838 -7.160  1.00 20.50 ? 36  ASP A CG  1 
ATOM   276 O OD1 . ASP A 1 36  ? 2.166   -16.524 -7.356  1.00 19.80 ? 36  ASP A OD1 1 
ATOM   277 O OD2 . ASP A 1 36  ? 4.009   -15.558 -8.068  1.00 19.90 ? 36  ASP A OD2 1 
ATOM   278 N N   . SER A 1 37  ? 0.687   -17.267 -4.554  1.00 23.10 ? 37  SER A N   1 
ATOM   279 C CA  . SER A 1 37  ? 0.272   -18.636 -4.270  1.00 25.42 ? 37  SER A CA  1 
ATOM   280 C C   . SER A 1 37  ? 0.780   -19.084 -2.903  1.00 25.31 ? 37  SER A C   1 
ATOM   281 O O   . SER A 1 37  ? 1.249   -20.211 -2.741  1.00 25.33 ? 37  SER A O   1 
ATOM   282 C CB  . SER A 1 37  ? 0.781   -19.590 -5.354  1.00 26.29 ? 37  SER A CB  1 
ATOM   283 O OG  . SER A 1 37  ? 0.183   -19.295 -6.607  1.00 31.43 ? 37  SER A OG  1 
ATOM   284 N N   . GLY A 1 38  ? 0.697   -18.189 -1.924  1.00 25.39 ? 38  GLY A N   1 
ATOM   285 C CA  . GLY A 1 38  ? 1.132   -18.527 -0.580  1.00 25.64 ? 38  GLY A CA  1 
ATOM   286 C C   . GLY A 1 38  ? 2.604   -18.326 -0.277  1.00 25.97 ? 38  GLY A C   1 
ATOM   287 O O   . GLY A 1 38  ? 3.013   -18.435 0.875   1.00 26.85 ? 38  GLY A O   1 
ATOM   288 N N   . LYS A 1 39  ? 3.412   -18.046 -1.292  1.00 26.34 ? 39  LYS A N   1 
ATOM   289 C CA  . LYS A 1 39  ? 4.833   -17.832 -1.056  1.00 26.91 ? 39  LYS A CA  1 
ATOM   290 C C   . LYS A 1 39  ? 5.175   -16.352 -1.122  1.00 25.65 ? 39  LYS A C   1 
ATOM   291 O O   . LYS A 1 39  ? 4.836   -15.670 -2.085  1.00 26.24 ? 39  LYS A O   1 
ATOM   292 C CB  . LYS A 1 39  ? 5.681   -18.591 -2.078  1.00 29.25 ? 39  LYS A CB  1 
ATOM   293 C CG  . LYS A 1 39  ? 7.172   -18.534 -1.764  1.00 33.43 ? 39  LYS A CG  1 
ATOM   294 C CD  . LYS A 1 39  ? 7.993   -19.362 -2.739  1.00 37.99 ? 39  LYS A CD  1 
ATOM   295 C CE  . LYS A 1 39  ? 7.999   -18.746 -4.124  1.00 39.68 ? 39  LYS A CE  1 
ATOM   296 N NZ  . LYS A 1 39  ? 8.618   -17.395 -4.105  1.00 43.23 ? 39  LYS A NZ  1 
ATOM   297 N N   . PRO A 1 40  ? 5.852   -15.835 -0.086  1.00 25.44 ? 40  PRO A N   1 
ATOM   298 C CA  . PRO A 1 40  ? 6.224   -14.419 -0.071  1.00 24.34 ? 40  PRO A CA  1 
ATOM   299 C C   . PRO A 1 40  ? 7.323   -14.128 -1.087  1.00 24.09 ? 40  PRO A C   1 
ATOM   300 O O   . PRO A 1 40  ? 8.385   -14.756 -1.058  1.00 24.35 ? 40  PRO A O   1 
ATOM   301 C CB  . PRO A 1 40  ? 6.669   -14.197 1.374   1.00 25.38 ? 40  PRO A CB  1 
ATOM   302 C CG  . PRO A 1 40  ? 7.224   -15.530 1.763   1.00 25.61 ? 40  PRO A CG  1 
ATOM   303 C CD  . PRO A 1 40  ? 6.222   -16.493 1.180   1.00 25.01 ? 40  PRO A CD  1 
ATOM   304 N N   . VAL A 1 41  ? 7.060   -13.184 -1.987  1.00 21.32 ? 41  VAL A N   1 
ATOM   305 C CA  . VAL A 1 41  ? 8.024   -12.815 -3.017  1.00 20.44 ? 41  VAL A CA  1 
ATOM   306 C C   . VAL A 1 41  ? 8.554   -11.392 -2.849  1.00 19.43 ? 41  VAL A C   1 
ATOM   307 O O   . VAL A 1 41  ? 9.479   -10.980 -3.546  1.00 19.44 ? 41  VAL A O   1 
ATOM   308 C CB  . VAL A 1 41  ? 7.414   -12.969 -4.422  1.00 22.94 ? 41  VAL A CB  1 
ATOM   309 C CG1 . VAL A 1 41  ? 7.020   -14.423 -4.652  1.00 22.61 ? 41  VAL A CG1 1 
ATOM   310 C CG2 . VAL A 1 41  ? 6.206   -12.061 -4.569  1.00 22.28 ? 41  VAL A CG2 1 
ATOM   311 N N   . TRP A 1 42  ? 7.956   -10.644 -1.928  1.00 18.38 ? 42  TRP A N   1 
ATOM   312 C CA  . TRP A 1 42  ? 8.385   -9.279  -1.628  1.00 18.01 ? 42  TRP A CA  1 
ATOM   313 C C   . TRP A 1 42  ? 7.764   -8.852  -0.309  1.00 17.10 ? 42  TRP A C   1 
ATOM   314 O O   . TRP A 1 42  ? 6.658   -9.268  0.018   1.00 17.78 ? 42  TRP A O   1 
ATOM   315 C CB  . TRP A 1 42  ? 7.954   -8.279  -2.708  1.00 17.87 ? 42  TRP A CB  1 
ATOM   316 C CG  . TRP A 1 42  ? 8.458   -6.887  -2.399  1.00 18.04 ? 42  TRP A CG  1 
ATOM   317 C CD1 . TRP A 1 42  ? 9.672   -6.356  -2.749  1.00 18.16 ? 42  TRP A CD1 1 
ATOM   318 C CD2 . TRP A 1 42  ? 7.822   -5.906  -1.564  1.00 15.81 ? 42  TRP A CD2 1 
ATOM   319 N NE1 . TRP A 1 42  ? 9.830   -5.115  -2.178  1.00 18.23 ? 42  TRP A NE1 1 
ATOM   320 C CE2 . TRP A 1 42  ? 8.711   -4.816  -1.445  1.00 16.79 ? 42  TRP A CE2 1 
ATOM   321 C CE3 . TRP A 1 42  ? 6.589   -5.848  -0.901  1.00 16.17 ? 42  TRP A CE3 1 
ATOM   322 C CZ2 . TRP A 1 42  ? 8.408   -3.680  -0.687  1.00 16.73 ? 42  TRP A CZ2 1 
ATOM   323 C CZ3 . TRP A 1 42  ? 6.288   -4.715  -0.143  1.00 15.95 ? 42  TRP A CZ3 1 
ATOM   324 C CH2 . TRP A 1 42  ? 7.196   -3.649  -0.045  1.00 15.97 ? 42  TRP A CH2 1 
ATOM   325 N N   . ALA A 1 43  ? 8.471   -8.022  0.449   1.00 16.11 ? 43  ALA A N   1 
ATOM   326 C CA  . ALA A 1 43  ? 7.951   -7.555  1.730   1.00 17.55 ? 43  ALA A CA  1 
ATOM   327 C C   . ALA A 1 43  ? 8.725   -6.351  2.240   1.00 18.45 ? 43  ALA A C   1 
ATOM   328 O O   . ALA A 1 43  ? 9.857   -6.104  1.824   1.00 18.20 ? 43  ALA A O   1 
ATOM   329 C CB  . ALA A 1 43  ? 8.014   -8.683  2.764   1.00 15.60 ? 43  ALA A CB  1 
ATOM   330 N N   . SER A 1 44  ? 8.104   -5.602  3.146   1.00 18.35 ? 44  SER A N   1 
ATOM   331 C CA  . SER A 1 44  ? 8.753   -4.446  3.741   1.00 18.49 ? 44  SER A CA  1 
ATOM   332 C C   . SER A 1 44  ? 9.725   -4.959  4.810   1.00 20.38 ? 44  SER A C   1 
ATOM   333 O O   . SER A 1 44  ? 10.632  -4.241  5.242   1.00 20.63 ? 44  SER A O   1 
ATOM   334 C CB  . SER A 1 44  ? 7.715   -3.519  4.374   1.00 16.85 ? 44  SER A CB  1 
ATOM   335 O OG  . SER A 1 44  ? 6.958   -4.191  5.365   1.00 18.32 ? 44  SER A OG  1 
ATOM   336 N N   . ASN A 1 45  ? 9.531   -6.213  5.224   1.00 19.26 ? 45  ASN A N   1 
ATOM   337 C CA  . ASN A 1 45  ? 10.382  -6.841  6.233   1.00 20.43 ? 45  ASN A CA  1 
ATOM   338 C C   . ASN A 1 45  ? 10.249  -6.111  7.557   1.00 21.62 ? 45  ASN A C   1 
ATOM   339 O O   . ASN A 1 45  ? 11.247  -5.790  8.202   1.00 22.90 ? 45  ASN A O   1 
ATOM   340 C CB  . ASN A 1 45  ? 11.848  -6.812  5.788   1.00 20.11 ? 45  ASN A CB  1 
ATOM   341 C CG  . ASN A 1 45  ? 12.075  -7.537  4.476   1.00 20.96 ? 45  ASN A CG  1 
ATOM   342 O OD1 . ASN A 1 45  ? 13.016  -7.231  3.744   1.00 22.78 ? 45  ASN A OD1 1 
ATOM   343 N ND2 . ASN A 1 45  ? 11.221  -8.510  4.177   1.00 18.51 ? 45  ASN A ND2 1 
ATOM   344 N N   . THR A 1 46  ? 9.015   -5.849  7.964   1.00 20.12 ? 46  THR A N   1 
ATOM   345 C CA  . THR A 1 46  ? 8.775   -5.149  9.214   1.00 20.99 ? 46  THR A CA  1 
ATOM   346 C C   . THR A 1 46  ? 7.911   -5.974  10.161  1.00 20.15 ? 46  THR A C   1 
ATOM   347 O O   . THR A 1 46  ? 7.286   -5.437  11.072  1.00 20.14 ? 46  THR A O   1 
ATOM   348 C CB  . THR A 1 46  ? 8.102   -3.775  8.958   1.00 21.94 ? 46  THR A CB  1 
ATOM   349 O OG1 . THR A 1 46  ? 6.899   -3.959  8.200   1.00 21.06 ? 46  THR A OG1 1 
ATOM   350 C CG2 . THR A 1 46  ? 9.045   -2.859  8.187   1.00 20.70 ? 46  THR A CG2 1 
ATOM   351 N N   . GLY A 1 47  ? 7.879   -7.284  9.943   1.00 20.44 ? 47  GLY A N   1 
ATOM   352 C CA  . GLY A 1 47  ? 7.096   -8.146  10.810  1.00 20.94 ? 47  GLY A CA  1 
ATOM   353 C C   . GLY A 1 47  ? 7.668   -8.148  12.218  1.00 22.06 ? 47  GLY A C   1 
ATOM   354 O O   . GLY A 1 47  ? 8.884   -8.091  12.397  1.00 19.62 ? 47  GLY A O   1 
ATOM   355 N N   . GLY A 1 48  ? 6.791   -8.197  13.217  1.00 23.72 ? 48  GLY A N   1 
ATOM   356 C CA  . GLY A 1 48  ? 7.232   -8.207  14.600  1.00 28.09 ? 48  GLY A CA  1 
ATOM   357 C C   . GLY A 1 48  ? 7.611   -6.843  15.157  1.00 31.91 ? 48  GLY A C   1 
ATOM   358 O O   . GLY A 1 48  ? 7.788   -6.694  16.366  1.00 30.88 ? 48  GLY A O   1 
ATOM   359 N N   . LEU A 1 49  ? 7.732   -5.843  14.290  1.00 34.52 ? 49  LEU A N   1 
ATOM   360 C CA  . LEU A 1 49  ? 8.108   -4.506  14.734  1.00 36.94 ? 49  LEU A CA  1 
ATOM   361 C C   . LEU A 1 49  ? 6.903   -3.688  15.176  1.00 38.14 ? 49  LEU A C   1 
ATOM   362 O O   . LEU A 1 49  ? 6.990   -2.468  15.303  1.00 40.11 ? 49  LEU A O   1 
ATOM   363 C CB  . LEU A 1 49  ? 8.857   -3.765  13.622  1.00 36.12 ? 49  LEU A CB  1 
ATOM   364 C CG  . LEU A 1 49  ? 10.068  -4.483  13.017  1.00 38.59 ? 49  LEU A CG  1 
ATOM   365 C CD1 . LEU A 1 49  ? 10.724  -3.573  11.988  1.00 38.54 ? 49  LEU A CD1 1 
ATOM   366 C CD2 . LEU A 1 49  ? 11.068  -4.859  14.107  1.00 36.92 ? 49  LEU A CD2 1 
ATOM   367 N N   . GLY A 1 50  ? 5.781   -4.361  15.414  1.00 38.88 ? 50  GLY A N   1 
ATOM   368 C CA  . GLY A 1 50  ? 4.583   -3.667  15.848  1.00 38.56 ? 50  GLY A CA  1 
ATOM   369 C C   . GLY A 1 50  ? 3.325   -4.509  15.760  1.00 40.59 ? 50  GLY A C   1 
ATOM   370 O O   . GLY A 1 50  ? 3.388   -5.733  15.639  1.00 42.41 ? 50  GLY A O   1 
ATOM   371 N N   . SER A 1 51  ? 2.176   -3.845  15.829  1.00 40.38 ? 51  SER A N   1 
ATOM   372 C CA  . SER A 1 51  ? 0.877   -4.508  15.748  1.00 39.33 ? 51  SER A CA  1 
ATOM   373 C C   . SER A 1 51  ? -0.192  -3.439  15.500  1.00 37.17 ? 51  SER A C   1 
ATOM   374 O O   . SER A 1 51  ? 0.009   -2.272  15.835  1.00 37.39 ? 51  SER A O   1 
ATOM   375 C CB  . SER A 1 51  ? 0.585   -5.259  17.048  1.00 41.27 ? 51  SER A CB  1 
ATOM   376 O OG  . SER A 1 51  ? 0.648   -4.385  18.164  1.00 44.72 ? 51  SER A OG  1 
ATOM   377 N N   . GLY A 1 52  ? -1.318  -3.835  14.913  1.00 34.11 ? 52  GLY A N   1 
ATOM   378 C CA  . GLY A 1 52  ? -2.370  -2.873  14.622  1.00 30.05 ? 52  GLY A CA  1 
ATOM   379 C C   . GLY A 1 52  ? -1.859  -1.829  13.643  1.00 27.85 ? 52  GLY A C   1 
ATOM   380 O O   . GLY A 1 52  ? -2.289  -0.672  13.646  1.00 25.42 ? 52  GLY A O   1 
ATOM   381 N N   . CYS A 1 53  ? -0.930  -2.250  12.796  1.00 24.58 ? 53  CYS A N   1 
ATOM   382 C CA  . CYS A 1 53  ? -0.324  -1.365  11.813  1.00 24.60 ? 53  CYS A CA  1 
ATOM   383 C C   . CYS A 1 53  ? -1.206  -1.110  10.597  1.00 22.31 ? 53  CYS A C   1 
ATOM   384 O O   . CYS A 1 53  ? -2.126  -1.876  10.308  1.00 21.21 ? 53  CYS A O   1 
ATOM   385 C CB  . CYS A 1 53  ? 1.014   -1.951  11.358  1.00 25.24 ? 53  CYS A CB  1 
ATOM   386 S SG  . CYS A 1 53  ? 2.243   -2.052  12.698  1.00 29.94 ? 53  CYS A SG  1 
ATOM   387 N N   . ARG A 1 54  ? -0.923  -0.016  9.897   1.00 20.75 ? 54  ARG A N   1 
ATOM   388 C CA  . ARG A 1 54  ? -1.664  0.329   8.691   1.00 19.15 ? 54  ARG A CA  1 
ATOM   389 C C   . ARG A 1 54  ? -0.706  0.898   7.650   1.00 19.09 ? 54  ARG A C   1 
ATOM   390 O O   . ARG A 1 54  ? 0.321   1.486   7.993   1.00 18.05 ? 54  ARG A O   1 
ATOM   391 C CB  . ARG A 1 54  ? -2.772  1.347   8.995   1.00 18.84 ? 54  ARG A CB  1 
ATOM   392 C CG  . ARG A 1 54  ? -2.286  2.744   9.375   1.00 19.10 ? 54  ARG A CG  1 
ATOM   393 C CD  . ARG A 1 54  ? -3.465  3.704   9.516   1.00 21.60 ? 54  ARG A CD  1 
ATOM   394 N NE  . ARG A 1 54  ? -3.054  5.080   9.793   1.00 21.03 ? 54  ARG A NE  1 
ATOM   395 C CZ  . ARG A 1 54  ? -2.483  5.483   10.923  1.00 23.28 ? 54  ARG A CZ  1 
ATOM   396 N NH1 . ARG A 1 54  ? -2.246  4.617   11.898  1.00 24.39 ? 54  ARG A NH1 1 
ATOM   397 N NH2 . ARG A 1 54  ? -2.153  6.757   11.084  1.00 24.22 ? 54  ARG A NH2 1 
ATOM   398 N N   . LEU A 1 55  ? -1.047  0.701   6.381   1.00 18.20 ? 55  LEU A N   1 
ATOM   399 C CA  . LEU A 1 55  ? -0.246  1.188   5.266   1.00 17.90 ? 55  LEU A CA  1 
ATOM   400 C C   . LEU A 1 55  ? -0.960  2.416   4.702   1.00 17.15 ? 55  LEU A C   1 
ATOM   401 O O   . LEU A 1 55  ? -2.157  2.371   4.434   1.00 17.02 ? 55  LEU A O   1 
ATOM   402 C CB  . LEU A 1 55  ? -0.138  0.109   4.187   1.00 18.42 ? 55  LEU A CB  1 
ATOM   403 C CG  . LEU A 1 55  ? 0.608   0.498   2.906   1.00 19.42 ? 55  LEU A CG  1 
ATOM   404 C CD1 . LEU A 1 55  ? 2.105   0.227   3.072   1.00 16.25 ? 55  LEU A CD1 1 
ATOM   405 C CD2 . LEU A 1 55  ? 0.052   -0.298  1.735   1.00 18.13 ? 55  LEU A CD2 1 
ATOM   406 N N   . THR A 1 56  ? -0.227  3.507   4.513   1.00 16.31 ? 56  THR A N   1 
ATOM   407 C CA  . THR A 1 56  ? -0.824  4.738   4.009   1.00 16.18 ? 56  THR A CA  1 
ATOM   408 C C   . THR A 1 56  ? -0.060  5.360   2.849   1.00 16.56 ? 56  THR A C   1 
ATOM   409 O O   . THR A 1 56  ? 1.159   5.519   2.920   1.00 16.63 ? 56  THR A O   1 
ATOM   410 C CB  . THR A 1 56  ? -0.913  5.803   5.137   1.00 17.20 ? 56  THR A CB  1 
ATOM   411 O OG1 . THR A 1 56  ? -1.652  5.271   6.241   1.00 16.91 ? 56  THR A OG1 1 
ATOM   412 C CG2 . THR A 1 56  ? -1.594  7.073   4.635   1.00 14.21 ? 56  THR A CG2 1 
ATOM   413 N N   . LEU A 1 57  ? -0.781  5.699   1.780   1.00 15.28 ? 57  LEU A N   1 
ATOM   414 C CA  . LEU A 1 57  ? -0.181  6.365   0.625   1.00 14.35 ? 57  LEU A CA  1 
ATOM   415 C C   . LEU A 1 57  ? -0.601  7.825   0.763   1.00 15.87 ? 57  LEU A C   1 
ATOM   416 O O   . LEU A 1 57  ? -1.796  8.126   0.841   1.00 14.78 ? 57  LEU A O   1 
ATOM   417 C CB  . LEU A 1 57  ? -0.716  5.801   -0.697  1.00 13.46 ? 57  LEU A CB  1 
ATOM   418 C CG  . LEU A 1 57  ? -0.179  6.515   -1.948  1.00 12.78 ? 57  LEU A CG  1 
ATOM   419 C CD1 . LEU A 1 57  ? 1.344   6.381   -2.007  1.00 10.42 ? 57  LEU A CD1 1 
ATOM   420 C CD2 . LEU A 1 57  ? -0.819  5.933   -3.201  1.00 11.73 ? 57  LEU A CD2 1 
ATOM   421 N N   . HIS A 1 58  ? 0.378   8.721   0.792   1.00 15.23 ? 58  HIS A N   1 
ATOM   422 C CA  . HIS A 1 58  ? 0.124   10.151  0.960   1.00 15.79 ? 58  HIS A CA  1 
ATOM   423 C C   . HIS A 1 58  ? -0.106  10.904  -0.343  1.00 16.17 ? 58  HIS A C   1 
ATOM   424 O O   . HIS A 1 58  ? 0.316   10.457  -1.411  1.00 14.41 ? 58  HIS A O   1 
ATOM   425 C CB  . HIS A 1 58  ? 1.293   10.778  1.722   1.00 15.13 ? 58  HIS A CB  1 
ATOM   426 C CG  . HIS A 1 58  ? 1.409   10.299  3.134   1.00 16.82 ? 58  HIS A CG  1 
ATOM   427 N ND1 . HIS A 1 58  ? 0.820   10.957  4.193   1.00 17.49 ? 58  HIS A ND1 1 
ATOM   428 C CD2 . HIS A 1 58  ? 1.991   9.191   3.654   1.00 15.03 ? 58  HIS A CD2 1 
ATOM   429 C CE1 . HIS A 1 58  ? 1.031   10.274  5.305   1.00 17.59 ? 58  HIS A CE1 1 
ATOM   430 N NE2 . HIS A 1 58  ? 1.739   9.198   5.005   1.00 18.04 ? 58  HIS A NE2 1 
ATOM   431 N N   . ASN A 1 59  ? -0.768  12.056  -0.248  1.00 14.45 ? 59  ASN A N   1 
ATOM   432 C CA  . ASN A 1 59  ? -1.047  12.858  -1.429  1.00 16.06 ? 59  ASN A CA  1 
ATOM   433 C C   . ASN A 1 59  ? 0.204   13.459  -2.067  1.00 17.30 ? 59  ASN A C   1 
ATOM   434 O O   . ASN A 1 59  ? 0.109   14.198  -3.047  1.00 18.63 ? 59  ASN A O   1 
ATOM   435 C CB  . ASN A 1 59  ? -2.055  13.972  -1.113  1.00 15.16 ? 59  ASN A CB  1 
ATOM   436 C CG  . ASN A 1 59  ? -3.468  13.441  -0.917  1.00 16.44 ? 59  ASN A CG  1 
ATOM   437 O OD1 . ASN A 1 59  ? -3.854  12.445  -1.526  1.00 15.02 ? 59  ASN A OD1 1 
ATOM   438 N ND2 . ASN A 1 59  ? -4.251  14.115  -0.074  1.00 14.37 ? 59  ASN A ND2 1 
ATOM   439 N N   . ASN A 1 60  ? 1.376   13.148  -1.522  1.00 16.87 ? 60  ASN A N   1 
ATOM   440 C CA  . ASN A 1 60  ? 2.610   13.659  -2.108  1.00 18.76 ? 60  ASN A CA  1 
ATOM   441 C C   . ASN A 1 60  ? 3.432   12.496  -2.674  1.00 17.97 ? 60  ASN A C   1 
ATOM   442 O O   . ASN A 1 60  ? 4.540   12.688  -3.172  1.00 18.61 ? 60  ASN A O   1 
ATOM   443 C CB  . ASN A 1 60  ? 3.417   14.461  -1.071  1.00 17.59 ? 60  ASN A CB  1 
ATOM   444 C CG  . ASN A 1 60  ? 4.193   13.581  -0.114  1.00 19.02 ? 60  ASN A CG  1 
ATOM   445 O OD1 . ASN A 1 60  ? 3.789   12.459  0.192   1.00 16.83 ? 60  ASN A OD1 1 
ATOM   446 N ND2 . ASN A 1 60  ? 5.312   14.099  0.379   1.00 19.95 ? 60  ASN A ND2 1 
ATOM   447 N N   . GLY A 1 61  ? 2.872   11.288  -2.598  1.00 16.64 ? 61  GLY A N   1 
ATOM   448 C CA  . GLY A 1 61  ? 3.547   10.115  -3.133  1.00 14.10 ? 61  GLY A CA  1 
ATOM   449 C C   . GLY A 1 61  ? 4.301   9.232   -2.153  1.00 14.93 ? 61  GLY A C   1 
ATOM   450 O O   . GLY A 1 61  ? 4.766   8.151   -2.519  1.00 15.04 ? 61  GLY A O   1 
ATOM   451 N N   . ASN A 1 62  ? 4.425   9.667   -0.906  1.00 14.00 ? 62  ASN A N   1 
ATOM   452 C CA  . ASN A 1 62  ? 5.150   8.874   0.079   1.00 15.79 ? 62  ASN A CA  1 
ATOM   453 C C   . ASN A 1 62  ? 4.289   7.741   0.638   1.00 16.17 ? 62  ASN A C   1 
ATOM   454 O O   . ASN A 1 62  ? 3.148   7.961   1.048   1.00 16.72 ? 62  ASN A O   1 
ATOM   455 C CB  . ASN A 1 62  ? 5.647   9.781   1.212   1.00 15.32 ? 62  ASN A CB  1 
ATOM   456 C CG  . ASN A 1 62  ? 6.693   9.109   2.082   1.00 17.35 ? 62  ASN A CG  1 
ATOM   457 O OD1 . ASN A 1 62  ? 7.478   8.291   1.602   1.00 17.68 ? 62  ASN A OD1 1 
ATOM   458 N ND2 . ASN A 1 62  ? 6.723   9.467   3.364   1.00 14.94 ? 62  ASN A ND2 1 
ATOM   459 N N   . LEU A 1 63  ? 4.836   6.527   0.626   1.00 14.69 ? 63  LEU A N   1 
ATOM   460 C CA  . LEU A 1 63  ? 4.139   5.350   1.139   1.00 14.66 ? 63  LEU A CA  1 
ATOM   461 C C   . LEU A 1 63  ? 4.732   5.017   2.509   1.00 15.28 ? 63  LEU A C   1 
ATOM   462 O O   . LEU A 1 63  ? 5.942   4.830   2.645   1.00 14.64 ? 63  LEU A O   1 
ATOM   463 C CB  . LEU A 1 63  ? 4.320   4.166   0.180   1.00 13.52 ? 63  LEU A CB  1 
ATOM   464 C CG  . LEU A 1 63  ? 3.577   2.874   0.534   1.00 13.25 ? 63  LEU A CG  1 
ATOM   465 C CD1 . LEU A 1 63  ? 2.069   3.112   0.493   1.00 8.39  ? 63  LEU A CD1 1 
ATOM   466 C CD2 . LEU A 1 63  ? 3.974   1.772   -0.441  1.00 10.97 ? 63  LEU A CD2 1 
ATOM   467 N N   . VAL A 1 64  ? 3.874   4.922   3.519   1.00 15.96 ? 64  VAL A N   1 
ATOM   468 C CA  . VAL A 1 64  ? 4.327   4.666   4.881   1.00 17.49 ? 64  VAL A CA  1 
ATOM   469 C C   . VAL A 1 64  ? 3.536   3.600   5.641   1.00 17.86 ? 64  VAL A C   1 
ATOM   470 O O   . VAL A 1 64  ? 2.369   3.343   5.356   1.00 18.56 ? 64  VAL A O   1 
ATOM   471 C CB  . VAL A 1 64  ? 4.263   5.981   5.714   1.00 16.65 ? 64  VAL A CB  1 
ATOM   472 C CG1 . VAL A 1 64  ? 4.751   5.741   7.122   1.00 18.74 ? 64  VAL A CG1 1 
ATOM   473 C CG2 . VAL A 1 64  ? 5.087   7.065   5.043   1.00 17.34 ? 64  VAL A CG2 1 
ATOM   474 N N   . ILE A 1 65  ? 4.195   2.980   6.613   1.00 18.35 ? 65  ILE A N   1 
ATOM   475 C CA  . ILE A 1 65  ? 3.550   1.994   7.470   1.00 19.39 ? 65  ILE A CA  1 
ATOM   476 C C   . ILE A 1 65  ? 3.603   2.569   8.885   1.00 20.47 ? 65  ILE A C   1 
ATOM   477 O O   . ILE A 1 65  ? 4.679   2.883   9.395   1.00 20.68 ? 65  ILE A O   1 
ATOM   478 C CB  . ILE A 1 65  ? 4.284   0.638   7.464   1.00 17.03 ? 65  ILE A CB  1 
ATOM   479 C CG1 . ILE A 1 65  ? 4.133   -0.040  6.101   1.00 15.09 ? 65  ILE A CG1 1 
ATOM   480 C CG2 . ILE A 1 65  ? 3.714   -0.259  8.555   1.00 17.59 ? 65  ILE A CG2 1 
ATOM   481 C CD1 . ILE A 1 65  ? 4.873   -1.356  5.991   1.00 14.27 ? 65  ILE A CD1 1 
ATOM   482 N N   . TYR A 1 66  ? 2.442   2.731   9.505   1.00 20.34 ? 66  TYR A N   1 
ATOM   483 C CA  . TYR A 1 66  ? 2.371   3.259   10.864  1.00 22.09 ? 66  TYR A CA  1 
ATOM   484 C C   . TYR A 1 66  ? 2.038   2.125   11.814  1.00 22.36 ? 66  TYR A C   1 
ATOM   485 O O   . TYR A 1 66  ? 1.276   1.225   11.465  1.00 23.08 ? 66  TYR A O   1 
ATOM   486 C CB  . TYR A 1 66  ? 1.269   4.318   10.981  1.00 21.25 ? 66  TYR A CB  1 
ATOM   487 C CG  . TYR A 1 66  ? 1.488   5.548   10.137  1.00 22.34 ? 66  TYR A CG  1 
ATOM   488 C CD1 . TYR A 1 66  ? 2.513   6.445   10.429  1.00 21.46 ? 66  TYR A CD1 1 
ATOM   489 C CD2 . TYR A 1 66  ? 0.676   5.810   9.035   1.00 21.99 ? 66  TYR A CD2 1 
ATOM   490 C CE1 . TYR A 1 66  ? 2.725   7.574   9.642   1.00 23.54 ? 66  TYR A CE1 1 
ATOM   491 C CE2 . TYR A 1 66  ? 0.880   6.936   8.241   1.00 23.12 ? 66  TYR A CE2 1 
ATOM   492 C CZ  . TYR A 1 66  ? 1.905   7.812   8.548   1.00 23.67 ? 66  TYR A CZ  1 
ATOM   493 O OH  . TYR A 1 66  ? 2.122   8.915   7.757   1.00 24.91 ? 66  TYR A OH  1 
ATOM   494 N N   . ASP A 1 67  ? 2.600   2.163   13.016  1.00 23.12 ? 67  ASP A N   1 
ATOM   495 C CA  . ASP A 1 67  ? 2.283   1.130   13.986  1.00 25.37 ? 67  ASP A CA  1 
ATOM   496 C C   . ASP A 1 67  ? 1.088   1.602   14.801  1.00 27.00 ? 67  ASP A C   1 
ATOM   497 O O   . ASP A 1 67  ? 0.535   2.671   14.547  1.00 24.90 ? 67  ASP A O   1 
ATOM   498 C CB  . ASP A 1 67  ? 3.469   0.837   14.910  1.00 24.23 ? 67  ASP A CB  1 
ATOM   499 C CG  . ASP A 1 67  ? 3.972   2.064   15.640  1.00 25.47 ? 67  ASP A CG  1 
ATOM   500 O OD1 . ASP A 1 67  ? 3.176   2.992   15.908  1.00 22.68 ? 67  ASP A OD1 1 
ATOM   501 O OD2 . ASP A 1 67  ? 5.177   2.089   15.964  1.00 26.30 ? 67  ASP A OD2 1 
ATOM   502 N N   . GLN A 1 68  ? 0.698   0.794   15.777  1.00 30.30 ? 68  GLN A N   1 
ATOM   503 C CA  . GLN A 1 68  ? -0.433  1.102   16.643  1.00 33.54 ? 68  GLN A CA  1 
ATOM   504 C C   . GLN A 1 68  ? -0.241  2.438   17.364  1.00 33.21 ? 68  GLN A C   1 
ATOM   505 O O   . GLN A 1 68  ? -1.207  3.153   17.628  1.00 33.16 ? 68  GLN A O   1 
ATOM   506 C CB  . GLN A 1 68  ? -0.604  -0.030  17.659  1.00 37.44 ? 68  GLN A CB  1 
ATOM   507 C CG  . GLN A 1 68  ? -1.874  0.019   18.473  1.00 42.59 ? 68  GLN A CG  1 
ATOM   508 C CD  . GLN A 1 68  ? -2.113  -1.281  19.216  1.00 46.01 ? 68  GLN A CD  1 
ATOM   509 O OE1 . GLN A 1 68  ? -2.277  -2.337  18.603  1.00 46.99 ? 68  GLN A OE1 1 
ATOM   510 N NE2 . GLN A 1 68  ? -2.126  -1.215  20.543  1.00 48.51 ? 68  GLN A NE2 1 
ATOM   511 N N   . SER A 1 69  ? 1.008   2.770   17.676  1.00 32.13 ? 69  SER A N   1 
ATOM   512 C CA  . SER A 1 69  ? 1.316   4.021   18.365  1.00 33.70 ? 69  SER A CA  1 
ATOM   513 C C   . SER A 1 69  ? 1.318   5.188   17.388  1.00 33.39 ? 69  SER A C   1 
ATOM   514 O O   . SER A 1 69  ? 1.653   6.312   17.750  1.00 32.36 ? 69  SER A O   1 
ATOM   515 C CB  . SER A 1 69  ? 2.681   3.929   19.048  1.00 33.11 ? 69  SER A CB  1 
ATOM   516 O OG  . SER A 1 69  ? 2.684   2.901   20.020  1.00 35.40 ? 69  SER A OG  1 
ATOM   517 N N   . ASN A 1 70  ? 0.951   4.902   16.145  1.00 34.04 ? 70  ASN A N   1 
ATOM   518 C CA  . ASN A 1 70  ? 0.893   5.907   15.094  1.00 34.10 ? 70  ASN A CA  1 
ATOM   519 C C   . ASN A 1 70  ? 2.263   6.489   14.754  1.00 33.75 ? 70  ASN A C   1 
ATOM   520 O O   . ASN A 1 70  ? 2.385   7.672   14.448  1.00 34.80 ? 70  ASN A O   1 
ATOM   521 C CB  . ASN A 1 70  ? -0.063  7.030   15.497  1.00 35.65 ? 70  ASN A CB  1 
ATOM   522 C CG  . ASN A 1 70  ? -0.559  7.825   14.306  1.00 37.64 ? 70  ASN A CG  1 
ATOM   523 O OD1 . ASN A 1 70  ? -1.097  7.259   13.351  1.00 37.02 ? 70  ASN A OD1 1 
ATOM   524 N ND2 . ASN A 1 70  ? -0.390  9.141   14.358  1.00 39.01 ? 70  ASN A ND2 1 
ATOM   525 N N   . ARG A 1 71  ? 3.294   5.652   14.817  1.00 32.90 ? 71  ARG A N   1 
ATOM   526 C CA  . ARG A 1 71  ? 4.652   6.073   14.486  1.00 32.62 ? 71  ARG A CA  1 
ATOM   527 C C   . ARG A 1 71  ? 5.082   5.369   13.204  1.00 31.81 ? 71  ARG A C   1 
ATOM   528 O O   . ARG A 1 71  ? 4.604   4.277   12.897  1.00 30.28 ? 71  ARG A O   1 
ATOM   529 C CB  . ARG A 1 71  ? 5.621   5.722   15.618  1.00 35.08 ? 71  ARG A CB  1 
ATOM   530 C CG  . ARG A 1 71  ? 6.089   6.920   16.445  1.00 41.23 ? 71  ARG A CG  1 
ATOM   531 C CD  . ARG A 1 71  ? 7.084   7.805   15.677  1.00 44.15 ? 71  ARG A CD  1 
ATOM   532 N NE  . ARG A 1 71  ? 6.511   8.384   14.458  1.00 45.40 ? 71  ARG A NE  1 
ATOM   533 C CZ  . ARG A 1 71  ? 7.156   9.217   13.647  1.00 44.04 ? 71  ARG A CZ  1 
ATOM   534 N NH1 . ARG A 1 71  ? 8.403   9.576   13.919  1.00 45.06 ? 71  ARG A NH1 1 
ATOM   535 N NH2 . ARG A 1 71  ? 6.549   9.700   12.570  1.00 43.02 ? 71  ARG A NH2 1 
ATOM   536 N N   . VAL A 1 72  ? 5.982   5.998   12.459  1.00 30.26 ? 72  VAL A N   1 
ATOM   537 C CA  . VAL A 1 72  ? 6.466   5.431   11.210  1.00 29.64 ? 72  VAL A CA  1 
ATOM   538 C C   . VAL A 1 72  ? 7.466   4.314   11.466  1.00 29.56 ? 72  VAL A C   1 
ATOM   539 O O   . VAL A 1 72  ? 8.442   4.506   12.188  1.00 31.16 ? 72  VAL A O   1 
ATOM   540 C CB  . VAL A 1 72  ? 7.153   6.509   10.343  1.00 30.53 ? 72  VAL A CB  1 
ATOM   541 C CG1 . VAL A 1 72  ? 7.690   5.887   9.058   1.00 26.78 ? 72  VAL A CG1 1 
ATOM   542 C CG2 . VAL A 1 72  ? 6.166   7.623   10.028  1.00 30.14 ? 72  VAL A CG2 1 
ATOM   543 N N   . ILE A 1 73  ? 7.222   3.145   10.882  1.00 27.23 ? 73  ILE A N   1 
ATOM   544 C CA  . ILE A 1 73  ? 8.140   2.030   11.053  1.00 26.73 ? 73  ILE A CA  1 
ATOM   545 C C   . ILE A 1 73  ? 8.763   1.641   9.712   1.00 25.41 ? 73  ILE A C   1 
ATOM   546 O O   . ILE A 1 73  ? 9.693   0.837   9.665   1.00 25.65 ? 73  ILE A O   1 
ATOM   547 C CB  . ILE A 1 73  ? 7.441   0.794   11.708  1.00 29.33 ? 73  ILE A CB  1 
ATOM   548 C CG1 . ILE A 1 73  ? 6.335   0.254   10.809  1.00 29.47 ? 73  ILE A CG1 1 
ATOM   549 C CG2 . ILE A 1 73  ? 6.867   1.174   13.067  1.00 29.63 ? 73  ILE A CG2 1 
ATOM   550 C CD1 . ILE A 1 73  ? 6.840   -0.688  9.745   1.00 34.42 ? 73  ILE A CD1 1 
ATOM   551 N N   . TRP A 1 74  ? 8.261   2.232   8.628   1.00 22.71 ? 74  TRP A N   1 
ATOM   552 C CA  . TRP A 1 74  ? 8.769   1.952   7.282   1.00 20.73 ? 74  TRP A CA  1 
ATOM   553 C C   . TRP A 1 74  ? 8.192   2.962   6.294   1.00 19.40 ? 74  TRP A C   1 
ATOM   554 O O   . TRP A 1 74  ? 7.043   3.369   6.428   1.00 20.55 ? 74  TRP A O   1 
ATOM   555 C CB  . TRP A 1 74  ? 8.354   0.545   6.848   1.00 20.19 ? 74  TRP A CB  1 
ATOM   556 C CG  . TRP A 1 74  ? 8.872   0.124   5.500   1.00 20.93 ? 74  TRP A CG  1 
ATOM   557 C CD1 . TRP A 1 74  ? 10.054  -0.506  5.238   1.00 21.32 ? 74  TRP A CD1 1 
ATOM   558 C CD2 . TRP A 1 74  ? 8.211   0.276   4.233   1.00 19.49 ? 74  TRP A CD2 1 
ATOM   559 N NE1 . TRP A 1 74  ? 10.169  -0.762  3.890   1.00 21.77 ? 74  TRP A NE1 1 
ATOM   560 C CE2 . TRP A 1 74  ? 9.053   -0.291  3.250   1.00 20.42 ? 74  TRP A CE2 1 
ATOM   561 C CE3 . TRP A 1 74  ? 6.989   0.836   3.833   1.00 20.96 ? 74  TRP A CE3 1 
ATOM   562 C CZ2 . TRP A 1 74  ? 8.713   -0.318  1.890   1.00 20.15 ? 74  TRP A CZ2 1 
ATOM   563 C CZ3 . TRP A 1 74  ? 6.649   0.809   2.474   1.00 19.49 ? 74  TRP A CZ3 1 
ATOM   564 C CH2 . TRP A 1 74  ? 7.511   0.236   1.524   1.00 20.32 ? 74  TRP A CH2 1 
ATOM   565 N N   . GLN A 1 75  ? 8.981   3.358   5.300   1.00 19.04 ? 75  GLN A N   1 
ATOM   566 C CA  . GLN A 1 75  ? 8.508   4.309   4.293   1.00 18.89 ? 75  GLN A CA  1 
ATOM   567 C C   . GLN A 1 75  ? 9.381   4.288   3.046   1.00 17.55 ? 75  GLN A C   1 
ATOM   568 O O   . GLN A 1 75  ? 10.552  3.929   3.110   1.00 18.58 ? 75  GLN A O   1 
ATOM   569 C CB  . GLN A 1 75  ? 8.475   5.732   4.863   1.00 21.11 ? 75  GLN A CB  1 
ATOM   570 C CG  . GLN A 1 75  ? 9.844   6.357   5.087   1.00 20.84 ? 75  GLN A CG  1 
ATOM   571 C CD  . GLN A 1 75  ? 9.752   7.788   5.585   1.00 23.31 ? 75  GLN A CD  1 
ATOM   572 O OE1 . GLN A 1 75  ? 9.056   8.619   4.999   1.00 23.20 ? 75  GLN A OE1 1 
ATOM   573 N NE2 . GLN A 1 75  ? 10.460  8.084   6.668   1.00 23.03 ? 75  GLN A NE2 1 
ATOM   574 N N   . THR A 1 76  ? 8.804   4.678   1.913   1.00 17.54 ? 76  THR A N   1 
ATOM   575 C CA  . THR A 1 76  ? 9.531   4.706   0.648   1.00 15.63 ? 76  THR A CA  1 
ATOM   576 C C   . THR A 1 76  ? 10.329  5.998   0.489   1.00 16.97 ? 76  THR A C   1 
ATOM   577 O O   . THR A 1 76  ? 11.232  6.079   -0.342  1.00 17.72 ? 76  THR A O   1 
ATOM   578 C CB  . THR A 1 76  ? 8.569   4.585   -0.554  1.00 14.45 ? 76  THR A CB  1 
ATOM   579 O OG1 . THR A 1 76  ? 7.569   5.610   -0.471  1.00 13.57 ? 76  THR A OG1 1 
ATOM   580 C CG2 . THR A 1 76  ? 7.897   3.216   -0.572  1.00 13.86 ? 76  THR A CG2 1 
ATOM   581 N N   . LYS A 1 77  ? 9.989   7.002   1.291   1.00 16.98 ? 77  LYS A N   1 
ATOM   582 C CA  . LYS A 1 77  ? 10.658  8.297   1.241   1.00 20.28 ? 77  LYS A CA  1 
ATOM   583 C C   . LYS A 1 77  ? 10.545  8.920   -0.144  1.00 21.57 ? 77  LYS A C   1 
ATOM   584 O O   . LYS A 1 77  ? 11.503  9.495   -0.663  1.00 21.53 ? 77  LYS A O   1 
ATOM   585 C CB  . LYS A 1 77  ? 12.136  8.163   1.626   1.00 22.79 ? 77  LYS A CB  1 
ATOM   586 C CG  . LYS A 1 77  ? 12.361  7.686   3.053   1.00 28.05 ? 77  LYS A CG  1 
ATOM   587 C CD  . LYS A 1 77  ? 13.839  7.704   3.423   1.00 32.30 ? 77  LYS A CD  1 
ATOM   588 C CE  . LYS A 1 77  ? 14.060  7.230   4.853   1.00 34.51 ? 77  LYS A CE  1 
ATOM   589 N NZ  . LYS A 1 77  ? 15.494  7.329   5.254   1.00 37.01 ? 77  LYS A NZ  1 
ATOM   590 N N   . THR A 1 78  ? 9.369   8.796   -0.745  1.00 20.41 ? 78  THR A N   1 
ATOM   591 C CA  . THR A 1 78  ? 9.139   9.365   -2.064  1.00 18.69 ? 78  THR A CA  1 
ATOM   592 C C   . THR A 1 78  ? 8.229   10.577  -1.913  1.00 20.06 ? 78  THR A C   1 
ATOM   593 O O   . THR A 1 78  ? 7.033   10.526  -2.207  1.00 20.40 ? 78  THR A O   1 
ATOM   594 C CB  . THR A 1 78  ? 8.511   8.319   -3.012  1.00 17.75 ? 78  THR A CB  1 
ATOM   595 O OG1 . THR A 1 78  ? 7.454   7.627   -2.334  1.00 16.49 ? 78  THR A OG1 1 
ATOM   596 C CG2 . THR A 1 78  ? 9.567   7.308   -3.458  1.00 13.64 ? 78  THR A CG2 1 
ATOM   597 N N   . ASN A 1 79  ? 8.817   11.667  -1.432  1.00 20.12 ? 79  ASN A N   1 
ATOM   598 C CA  . ASN A 1 79  ? 8.104   12.914  -1.208  1.00 21.35 ? 79  ASN A CA  1 
ATOM   599 C C   . ASN A 1 79  ? 8.192   13.798  -2.444  1.00 21.94 ? 79  ASN A C   1 
ATOM   600 O O   . ASN A 1 79  ? 9.254   14.347  -2.753  1.00 21.02 ? 79  ASN A O   1 
ATOM   601 C CB  . ASN A 1 79  ? 8.706   13.636  -0.001  1.00 21.07 ? 79  ASN A CB  1 
ATOM   602 C CG  . ASN A 1 79  ? 8.605   12.815  1.268   1.00 23.92 ? 79  ASN A CG  1 
ATOM   603 O OD1 . ASN A 1 79  ? 7.507   12.540  1.757   1.00 23.57 ? 79  ASN A OD1 1 
ATOM   604 N ND2 . ASN A 1 79  ? 9.751   12.407  1.805   1.00 25.01 ? 79  ASN A ND2 1 
ATOM   605 N N   . GLY A 1 80  ? 7.072   13.934  -3.147  1.00 20.58 ? 80  GLY A N   1 
ATOM   606 C CA  . GLY A 1 80  ? 7.059   14.740  -4.354  1.00 21.35 ? 80  GLY A CA  1 
ATOM   607 C C   . GLY A 1 80  ? 6.034   15.852  -4.337  1.00 22.05 ? 80  GLY A C   1 
ATOM   608 O O   . GLY A 1 80  ? 5.692   16.382  -3.281  1.00 20.96 ? 80  GLY A O   1 
ATOM   609 N N   . LYS A 1 81  ? 5.537   16.205  -5.515  1.00 23.40 ? 81  LYS A N   1 
ATOM   610 C CA  . LYS A 1 81  ? 4.549   17.263  -5.632  1.00 25.35 ? 81  LYS A CA  1 
ATOM   611 C C   . LYS A 1 81  ? 3.240   16.878  -4.949  1.00 25.21 ? 81  LYS A C   1 
ATOM   612 O O   . LYS A 1 81  ? 2.817   15.721  -4.990  1.00 22.81 ? 81  LYS A O   1 
ATOM   613 C CB  . LYS A 1 81  ? 4.295   17.584  -7.109  1.00 29.28 ? 81  LYS A CB  1 
ATOM   614 C CG  . LYS A 1 81  ? 3.447   18.827  -7.333  1.00 34.46 ? 81  LYS A CG  1 
ATOM   615 C CD  . LYS A 1 81  ? 2.043   18.491  -7.821  1.00 39.66 ? 81  LYS A CD  1 
ATOM   616 C CE  . LYS A 1 81  ? 2.052   17.986  -9.259  1.00 41.94 ? 81  LYS A CE  1 
ATOM   617 N NZ  . LYS A 1 81  ? 0.675   17.670  -9.749  1.00 44.85 ? 81  LYS A NZ  1 
ATOM   618 N N   . GLU A 1 82  ? 2.612   17.862  -4.314  1.00 25.07 ? 82  GLU A N   1 
ATOM   619 C CA  . GLU A 1 82  ? 1.345   17.666  -3.623  1.00 25.98 ? 82  GLU A CA  1 
ATOM   620 C C   . GLU A 1 82  ? 0.259   17.507  -4.687  1.00 25.21 ? 82  GLU A C   1 
ATOM   621 O O   . GLU A 1 82  ? 0.094   18.372  -5.547  1.00 23.81 ? 82  GLU A O   1 
ATOM   622 C CB  . GLU A 1 82  ? 1.054   18.886  -2.746  1.00 28.95 ? 82  GLU A CB  1 
ATOM   623 C CG  . GLU A 1 82  ? -0.111  18.731  -1.788  1.00 33.85 ? 82  GLU A CG  1 
ATOM   624 C CD  . GLU A 1 82  ? 0.056   17.552  -0.849  1.00 35.12 ? 82  GLU A CD  1 
ATOM   625 O OE1 . GLU A 1 82  ? 1.204   17.271  -0.430  1.00 34.53 ? 82  GLU A OE1 1 
ATOM   626 O OE2 . GLU A 1 82  ? -0.967  16.918  -0.518  1.00 36.51 ? 82  GLU A OE2 1 
ATOM   627 N N   . ASP A 1 83  ? -0.475  16.400  -4.630  1.00 24.16 ? 83  ASP A N   1 
ATOM   628 C CA  . ASP A 1 83  ? -1.529  16.127  -5.603  1.00 22.54 ? 83  ASP A CA  1 
ATOM   629 C C   . ASP A 1 83  ? -2.286  14.877  -5.143  1.00 20.33 ? 83  ASP A C   1 
ATOM   630 O O   . ASP A 1 83  ? -2.894  14.869  -4.074  1.00 19.93 ? 83  ASP A O   1 
ATOM   631 C CB  . ASP A 1 83  ? -0.896  15.889  -6.980  1.00 23.19 ? 83  ASP A CB  1 
ATOM   632 C CG  . ASP A 1 83  ? -1.889  16.045  -8.112  1.00 26.18 ? 83  ASP A CG  1 
ATOM   633 O OD1 . ASP A 1 83  ? -2.082  15.081  -8.886  1.00 22.76 ? 83  ASP A OD1 1 
ATOM   634 O OD2 . ASP A 1 83  ? -2.479  17.139  -8.225  1.00 30.37 ? 83  ASP A OD2 1 
ATOM   635 N N   . HIS A 1 84  ? -2.250  13.831  -5.962  1.00 17.79 ? 84  HIS A N   1 
ATOM   636 C CA  . HIS A 1 84  ? -2.885  12.557  -5.634  1.00 17.62 ? 84  HIS A CA  1 
ATOM   637 C C   . HIS A 1 84  ? -2.130  11.433  -6.329  1.00 17.37 ? 84  HIS A C   1 
ATOM   638 O O   . HIS A 1 84  ? -1.667  11.585  -7.461  1.00 16.82 ? 84  HIS A O   1 
ATOM   639 C CB  . HIS A 1 84  ? -4.358  12.537  -6.055  1.00 17.18 ? 84  HIS A CB  1 
ATOM   640 C CG  . HIS A 1 84  ? -5.260  13.275  -5.117  1.00 16.85 ? 84  HIS A CG  1 
ATOM   641 N ND1 . HIS A 1 84  ? -5.588  14.602  -5.290  1.00 16.88 ? 84  HIS A ND1 1 
ATOM   642 C CD2 . HIS A 1 84  ? -5.855  12.887  -3.964  1.00 16.62 ? 84  HIS A CD2 1 
ATOM   643 C CE1 . HIS A 1 84  ? -6.344  15.001  -4.282  1.00 17.86 ? 84  HIS A CE1 1 
ATOM   644 N NE2 . HIS A 1 84  ? -6.520  13.980  -3.463  1.00 17.85 ? 84  HIS A NE2 1 
ATOM   645 N N   . TYR A 1 85  ? -1.995  10.308  -5.638  1.00 17.32 ? 85  TYR A N   1 
ATOM   646 C CA  . TYR A 1 85  ? -1.273  9.166   -6.183  1.00 16.17 ? 85  TYR A CA  1 
ATOM   647 C C   . TYR A 1 85  ? -2.029  7.871   -5.945  1.00 14.70 ? 85  TYR A C   1 
ATOM   648 O O   . TYR A 1 85  ? -3.059  7.853   -5.270  1.00 14.66 ? 85  TYR A O   1 
ATOM   649 C CB  . TYR A 1 85  ? 0.116   9.072   -5.543  1.00 16.49 ? 85  TYR A CB  1 
ATOM   650 C CG  . TYR A 1 85  ? 0.982   10.288  -5.790  1.00 16.96 ? 85  TYR A CG  1 
ATOM   651 C CD1 . TYR A 1 85  ? 0.717   11.502  -5.155  1.00 16.01 ? 85  TYR A CD1 1 
ATOM   652 C CD2 . TYR A 1 85  ? 2.043   10.235  -6.692  1.00 16.08 ? 85  TYR A CD2 1 
ATOM   653 C CE1 . TYR A 1 85  ? 1.483   12.633  -5.417  1.00 15.33 ? 85  TYR A CE1 1 
ATOM   654 C CE2 . TYR A 1 85  ? 2.814   11.355  -6.962  1.00 15.84 ? 85  TYR A CE2 1 
ATOM   655 C CZ  . TYR A 1 85  ? 2.529   12.552  -6.324  1.00 17.20 ? 85  TYR A CZ  1 
ATOM   656 O OH  . TYR A 1 85  ? 3.276   13.669  -6.618  1.00 16.93 ? 85  TYR A OH  1 
ATOM   657 N N   . VAL A 1 86  ? -1.509  6.789   -6.507  1.00 13.81 ? 86  VAL A N   1 
ATOM   658 C CA  . VAL A 1 86  ? -2.130  5.484   -6.355  1.00 13.45 ? 86  VAL A CA  1 
ATOM   659 C C   . VAL A 1 86  ? -1.061  4.402   -6.231  1.00 13.58 ? 86  VAL A C   1 
ATOM   660 O O   . VAL A 1 86  ? 0.015   4.506   -6.827  1.00 12.56 ? 86  VAL A O   1 
ATOM   661 C CB  . VAL A 1 86  ? -3.044  5.153   -7.567  1.00 13.39 ? 86  VAL A CB  1 
ATOM   662 C CG1 . VAL A 1 86  ? -2.198  4.863   -8.798  1.00 11.17 ? 86  VAL A CG1 1 
ATOM   663 C CG2 . VAL A 1 86  ? -3.947  3.973   -7.241  1.00 11.88 ? 86  VAL A CG2 1 
ATOM   664 N N   . LEU A 1 87  ? -1.364  3.388   -5.428  1.00 12.70 ? 87  LEU A N   1 
ATOM   665 C CA  . LEU A 1 87  ? -0.484  2.243   -5.222  1.00 13.85 ? 87  LEU A CA  1 
ATOM   666 C C   . LEU A 1 87  ? -1.217  1.097   -5.905  1.00 14.45 ? 87  LEU A C   1 
ATOM   667 O O   . LEU A 1 87  ? -2.400  0.881   -5.652  1.00 15.81 ? 87  LEU A O   1 
ATOM   668 C CB  . LEU A 1 87  ? -0.333  1.931   -3.734  1.00 14.12 ? 87  LEU A CB  1 
ATOM   669 C CG  . LEU A 1 87  ? 0.388   0.608   -3.458  1.00 14.91 ? 87  LEU A CG  1 
ATOM   670 C CD1 . LEU A 1 87  ? 1.845   0.719   -3.906  1.00 13.20 ? 87  LEU A CD1 1 
ATOM   671 C CD2 . LEU A 1 87  ? 0.293   0.266   -1.984  1.00 12.40 ? 87  LEU A CD2 1 
ATOM   672 N N   . VAL A 1 88  ? -0.526  0.354   -6.758  1.00 14.19 ? 88  VAL A N   1 
ATOM   673 C CA  . VAL A 1 88  ? -1.184  -0.723  -7.484  1.00 14.60 ? 88  VAL A CA  1 
ATOM   674 C C   . VAL A 1 88  ? -0.457  -2.063  -7.515  1.00 14.11 ? 88  VAL A C   1 
ATOM   675 O O   . VAL A 1 88  ? 0.748   -2.122  -7.763  1.00 15.66 ? 88  VAL A O   1 
ATOM   676 C CB  . VAL A 1 88  ? -1.433  -0.292  -8.952  1.00 14.61 ? 88  VAL A CB  1 
ATOM   677 C CG1 . VAL A 1 88  ? -2.145  -1.390  -9.710  1.00 16.17 ? 88  VAL A CG1 1 
ATOM   678 C CG2 . VAL A 1 88  ? -2.245  0.994   -8.986  1.00 15.94 ? 88  VAL A CG2 1 
ATOM   679 N N   . LEU A 1 89  ? -1.202  -3.132  -7.250  1.00 12.53 ? 89  LEU A N   1 
ATOM   680 C CA  . LEU A 1 89  ? -0.675  -4.493  -7.328  1.00 12.68 ? 89  LEU A CA  1 
ATOM   681 C C   . LEU A 1 89  ? -1.120  -4.899  -8.732  1.00 13.91 ? 89  LEU A C   1 
ATOM   682 O O   . LEU A 1 89  ? -2.309  -5.091  -8.979  1.00 13.39 ? 89  LEU A O   1 
ATOM   683 C CB  . LEU A 1 89  ? -1.336  -5.408  -6.297  1.00 10.93 ? 89  LEU A CB  1 
ATOM   684 C CG  . LEU A 1 89  ? -1.202  -6.909  -6.580  1.00 11.77 ? 89  LEU A CG  1 
ATOM   685 C CD1 . LEU A 1 89  ? 0.275   -7.302  -6.673  1.00 8.57  ? 89  LEU A CD1 1 
ATOM   686 C CD2 . LEU A 1 89  ? -1.904  -7.698  -5.482  1.00 12.19 ? 89  LEU A CD2 1 
ATOM   687 N N   . GLN A 1 90  ? -0.167  -5.015  -9.646  1.00 14.92 ? 90  GLN A N   1 
ATOM   688 C CA  . GLN A 1 90  ? -0.474  -5.331  -11.033 1.00 16.24 ? 90  GLN A CA  1 
ATOM   689 C C   . GLN A 1 90  ? -0.561  -6.809  -11.388 1.00 18.44 ? 90  GLN A C   1 
ATOM   690 O O   . GLN A 1 90  ? -0.022  -7.669  -10.685 1.00 19.32 ? 90  GLN A O   1 
ATOM   691 C CB  . GLN A 1 90  ? 0.552   -4.642  -11.934 1.00 14.66 ? 90  GLN A CB  1 
ATOM   692 C CG  . GLN A 1 90  ? 0.584   -3.129  -11.740 1.00 14.47 ? 90  GLN A CG  1 
ATOM   693 C CD  . GLN A 1 90  ? 1.559   -2.420  -12.664 1.00 15.95 ? 90  GLN A CD  1 
ATOM   694 O OE1 . GLN A 1 90  ? 1.435   -1.219  -12.896 1.00 14.22 ? 90  GLN A OE1 1 
ATOM   695 N NE2 . GLN A 1 90  ? 2.538   -3.155  -13.186 1.00 14.53 ? 90  GLN A NE2 1 
ATOM   696 N N   . GLN A 1 91  ? -1.248  -7.102  -12.486 1.00 20.34 ? 91  GLN A N   1 
ATOM   697 C CA  . GLN A 1 91  ? -1.378  -8.480  -12.931 1.00 22.77 ? 91  GLN A CA  1 
ATOM   698 C C   . GLN A 1 91  ? -0.024  -9.034  -13.352 1.00 19.88 ? 91  GLN A C   1 
ATOM   699 O O   . GLN A 1 91  ? 0.137   -10.245 -13.458 1.00 21.28 ? 91  GLN A O   1 
ATOM   700 C CB  . GLN A 1 91  ? -2.388  -8.609  -14.077 1.00 26.24 ? 91  GLN A CB  1 
ATOM   701 C CG  . GLN A 1 91  ? -2.555  -7.383  -14.934 1.00 34.21 ? 91  GLN A CG  1 
ATOM   702 C CD  . GLN A 1 91  ? -3.275  -6.267  -14.208 1.00 39.12 ? 91  GLN A CD  1 
ATOM   703 O OE1 . GLN A 1 91  ? -2.691  -5.564  -13.384 1.00 39.75 ? 91  GLN A OE1 1 
ATOM   704 N NE2 . GLN A 1 91  ? -4.561  -6.105  -14.505 1.00 42.59 ? 91  GLN A NE2 1 
ATOM   705 N N   . ASP A 1 92  ? 0.948   -8.155  -13.594 1.00 17.64 ? 92  ASP A N   1 
ATOM   706 C CA  . ASP A 1 92  ? 2.281   -8.623  -13.961 1.00 16.80 ? 92  ASP A CA  1 
ATOM   707 C C   . ASP A 1 92  ? 3.076   -8.866  -12.676 1.00 16.92 ? 92  ASP A C   1 
ATOM   708 O O   . ASP A 1 92  ? 4.271   -9.154  -12.709 1.00 18.36 ? 92  ASP A O   1 
ATOM   709 C CB  . ASP A 1 92  ? 2.993   -7.617  -14.889 1.00 15.46 ? 92  ASP A CB  1 
ATOM   710 C CG  . ASP A 1 92  ? 3.455   -6.352  -14.175 1.00 17.38 ? 92  ASP A CG  1 
ATOM   711 O OD1 . ASP A 1 92  ? 2.998   -6.074  -13.049 1.00 18.20 ? 92  ASP A OD1 1 
ATOM   712 O OD2 . ASP A 1 92  ? 4.280   -5.619  -14.765 1.00 17.28 ? 92  ASP A OD2 1 
ATOM   713 N N   . ARG A 1 93  ? 2.373   -8.747  -11.548 1.00 16.55 ? 93  ARG A N   1 
ATOM   714 C CA  . ARG A 1 93  ? 2.909   -8.963  -10.199 1.00 16.53 ? 93  ARG A CA  1 
ATOM   715 C C   . ARG A 1 93  ? 3.789   -7.862  -9.618  1.00 17.04 ? 93  ARG A C   1 
ATOM   716 O O   . ARG A 1 93  ? 4.308   -7.994  -8.504  1.00 16.81 ? 93  ARG A O   1 
ATOM   717 C CB  . ARG A 1 93  ? 3.661   -10.299 -10.118 1.00 16.37 ? 93  ARG A CB  1 
ATOM   718 C CG  . ARG A 1 93  ? 3.655   -10.898 -8.721  1.00 16.03 ? 93  ARG A CG  1 
ATOM   719 C CD  . ARG A 1 93  ? 4.462   -12.190 -8.625  1.00 18.95 ? 93  ARG A CD  1 
ATOM   720 N NE  . ARG A 1 93  ? 5.899   -11.942 -8.662  1.00 19.31 ? 93  ARG A NE  1 
ATOM   721 C CZ  . ARG A 1 93  ? 6.823   -12.878 -8.476  1.00 22.51 ? 93  ARG A CZ  1 
ATOM   722 N NH1 . ARG A 1 93  ? 6.465   -14.134 -8.242  1.00 20.77 ? 93  ARG A NH1 1 
ATOM   723 N NH2 . ARG A 1 93  ? 8.111   -12.556 -8.516  1.00 22.75 ? 93  ARG A NH2 1 
ATOM   724 N N   . ASN A 1 94  ? 3.969   -6.777  -10.359 1.00 17.27 ? 94  ASN A N   1 
ATOM   725 C CA  . ASN A 1 94  ? 4.773   -5.673  -9.857  1.00 16.52 ? 94  ASN A CA  1 
ATOM   726 C C   . ASN A 1 94  ? 3.842   -4.827  -8.986  1.00 16.13 ? 94  ASN A C   1 
ATOM   727 O O   . ASN A 1 94  ? 2.631   -4.815  -9.211  1.00 16.17 ? 94  ASN A O   1 
ATOM   728 C CB  . ASN A 1 94  ? 5.315   -4.838  -11.021 1.00 15.75 ? 94  ASN A CB  1 
ATOM   729 C CG  . ASN A 1 94  ? 6.567   -4.056  -10.650 1.00 16.59 ? 94  ASN A CG  1 
ATOM   730 O OD1 . ASN A 1 94  ? 7.038   -4.121  -9.517  1.00 18.47 ? 94  ASN A OD1 1 
ATOM   731 N ND2 . ASN A 1 94  ? 7.112   -3.316  -11.611 1.00 16.76 ? 94  ASN A ND2 1 
ATOM   732 N N   . VAL A 1 95  ? 4.398   -4.164  -7.976  1.00 15.62 ? 95  VAL A N   1 
ATOM   733 C CA  . VAL A 1 95  ? 3.628   -3.295  -7.083  1.00 15.73 ? 95  VAL A CA  1 
ATOM   734 C C   . VAL A 1 95  ? 4.204   -1.913  -7.353  1.00 16.99 ? 95  VAL A C   1 
ATOM   735 O O   . VAL A 1 95  ? 5.394   -1.675  -7.144  1.00 17.65 ? 95  VAL A O   1 
ATOM   736 C CB  . VAL A 1 95  ? 3.818   -3.688  -5.597  1.00 15.78 ? 95  VAL A CB  1 
ATOM   737 C CG1 . VAL A 1 95  ? 3.134   -2.673  -4.692  1.00 13.44 ? 95  VAL A CG1 1 
ATOM   738 C CG2 . VAL A 1 95  ? 3.222   -5.075  -5.352  1.00 13.68 ? 95  VAL A CG2 1 
ATOM   739 N N   . VAL A 1 96  ? 3.356   -0.999  -7.809  1.00 16.73 ? 96  VAL A N   1 
ATOM   740 C CA  . VAL A 1 96  ? 3.825   0.319   -8.202  1.00 15.77 ? 96  VAL A CA  1 
ATOM   741 C C   . VAL A 1 96  ? 3.043   1.527   -7.707  1.00 14.46 ? 96  VAL A C   1 
ATOM   742 O O   . VAL A 1 96  ? 1.824   1.488   -7.584  1.00 13.82 ? 96  VAL A O   1 
ATOM   743 C CB  . VAL A 1 96  ? 3.856   0.399   -9.749  1.00 15.96 ? 96  VAL A CB  1 
ATOM   744 C CG1 . VAL A 1 96  ? 4.581   1.660   -10.208 1.00 15.63 ? 96  VAL A CG1 1 
ATOM   745 C CG2 . VAL A 1 96  ? 4.497   -0.857  -10.315 1.00 13.63 ? 96  VAL A CG2 1 
ATOM   746 N N   . ILE A 1 97  ? 3.771   2.605   -7.435  1.00 14.40 ? 97  ILE A N   1 
ATOM   747 C CA  . ILE A 1 97  ? 3.167   3.863   -7.022  1.00 15.30 ? 97  ILE A CA  1 
ATOM   748 C C   . ILE A 1 97  ? 3.223   4.766   -8.255  1.00 15.61 ? 97  ILE A C   1 
ATOM   749 O O   . ILE A 1 97  ? 4.299   4.980   -8.820  1.00 15.96 ? 97  ILE A O   1 
ATOM   750 C CB  . ILE A 1 97  ? 3.958   4.555   -5.888  1.00 16.29 ? 97  ILE A CB  1 
ATOM   751 C CG1 . ILE A 1 97  ? 3.900   3.715   -4.610  1.00 16.64 ? 97  ILE A CG1 1 
ATOM   752 C CG2 . ILE A 1 97  ? 3.377   5.945   -5.626  1.00 15.32 ? 97  ILE A CG2 1 
ATOM   753 C CD1 . ILE A 1 97  ? 4.671   4.319   -3.448  1.00 16.79 ? 97  ILE A CD1 1 
ATOM   754 N N   . TYR A 1 98  ? 2.069   5.269   -8.683  1.00 14.93 ? 98  TYR A N   1 
ATOM   755 C CA  . TYR A 1 98  ? 2.000   6.158   -9.843  1.00 14.89 ? 98  TYR A CA  1 
ATOM   756 C C   . TYR A 1 98  ? 1.438   7.509   -9.436  1.00 15.03 ? 98  TYR A C   1 
ATOM   757 O O   . TYR A 1 98  ? 0.618   7.598   -8.527  1.00 14.12 ? 98  TYR A O   1 
ATOM   758 C CB  . TYR A 1 98  ? 1.084   5.601   -10.934 1.00 12.63 ? 98  TYR A CB  1 
ATOM   759 C CG  . TYR A 1 98  ? 1.550   4.342   -11.612 1.00 12.68 ? 98  TYR A CG  1 
ATOM   760 C CD1 . TYR A 1 98  ? 1.161   3.089   -11.137 1.00 11.15 ? 98  TYR A CD1 1 
ATOM   761 C CD2 . TYR A 1 98  ? 2.313   4.399   -12.776 1.00 12.80 ? 98  TYR A CD2 1 
ATOM   762 C CE1 . TYR A 1 98  ? 1.513   1.926   -11.813 1.00 11.09 ? 98  TYR A CE1 1 
ATOM   763 C CE2 . TYR A 1 98  ? 2.671   3.240   -13.459 1.00 11.97 ? 98  TYR A CE2 1 
ATOM   764 C CZ  . TYR A 1 98  ? 2.264   2.009   -12.972 1.00 12.18 ? 98  TYR A CZ  1 
ATOM   765 O OH  . TYR A 1 98  ? 2.606   0.860   -13.647 1.00 11.81 ? 98  TYR A OH  1 
ATOM   766 N N   . GLY A 1 99  ? 1.859   8.554   -10.137 1.00 16.15 ? 99  GLY A N   1 
ATOM   767 C CA  . GLY A 1 99  ? 1.371   9.885   -9.836  1.00 16.15 ? 99  GLY A CA  1 
ATOM   768 C C   . GLY A 1 99  ? 2.282   10.931  -10.436 1.00 16.96 ? 99  GLY A C   1 
ATOM   769 O O   . GLY A 1 99  ? 3.409   10.612  -10.811 1.00 16.68 ? 99  GLY A O   1 
ATOM   770 N N   . PRO A 1 100 ? 1.840   12.197  -10.515 1.00 16.54 ? 100 PRO A N   1 
ATOM   771 C CA  . PRO A 1 100 ? 0.534   12.678  -10.062 1.00 16.31 ? 100 PRO A CA  1 
ATOM   772 C C   . PRO A 1 100 ? -0.602  12.390  -11.042 1.00 16.54 ? 100 PRO A C   1 
ATOM   773 O O   . PRO A 1 100 ? -0.466  11.568  -11.952 1.00 16.78 ? 100 PRO A O   1 
ATOM   774 C CB  . PRO A 1 100 ? 0.774   14.168  -9.887  1.00 16.59 ? 100 PRO A CB  1 
ATOM   775 C CG  . PRO A 1 100 ? 1.674   14.464  -11.042 1.00 17.77 ? 100 PRO A CG  1 
ATOM   776 C CD  . PRO A 1 100 ? 2.667   13.315  -11.004 1.00 15.40 ? 100 PRO A CD  1 
ATOM   777 N N   . VAL A 1 101 ? -1.718  13.082  -10.849 1.00 16.12 ? 101 VAL A N   1 
ATOM   778 C CA  . VAL A 1 101 ? -2.885  12.911  -11.705 1.00 16.91 ? 101 VAL A CA  1 
ATOM   779 C C   . VAL A 1 101 ? -2.642  13.448  -13.111 1.00 18.08 ? 101 VAL A C   1 
ATOM   780 O O   . VAL A 1 101 ? -2.174  14.572  -13.289 1.00 19.38 ? 101 VAL A O   1 
ATOM   781 C CB  . VAL A 1 101 ? -4.124  13.624  -11.121 1.00 15.75 ? 101 VAL A CB  1 
ATOM   782 C CG1 . VAL A 1 101 ? -5.286  13.526  -12.095 1.00 17.09 ? 101 VAL A CG1 1 
ATOM   783 C CG2 . VAL A 1 101 ? -4.506  13.004  -9.787  1.00 14.72 ? 101 VAL A CG2 1 
ATOM   784 N N   . VAL A 1 102 ? -2.962  12.629  -14.105 1.00 17.92 ? 102 VAL A N   1 
ATOM   785 C CA  . VAL A 1 102 ? -2.804  13.005  -15.501 1.00 18.13 ? 102 VAL A CA  1 
ATOM   786 C C   . VAL A 1 102 ? -4.158  13.372  -16.101 1.00 18.39 ? 102 VAL A C   1 
ATOM   787 O O   . VAL A 1 102 ? -4.266  14.299  -16.902 1.00 17.93 ? 102 VAL A O   1 
ATOM   788 C CB  . VAL A 1 102 ? -2.201  11.838  -16.322 1.00 18.88 ? 102 VAL A CB  1 
ATOM   789 C CG1 . VAL A 1 102 ? -2.402  12.081  -17.816 1.00 17.14 ? 102 VAL A CG1 1 
ATOM   790 C CG2 . VAL A 1 102 ? -0.719  11.695  -16.008 1.00 17.69 ? 102 VAL A CG2 1 
ATOM   791 N N   . TRP A 1 103 ? -5.192  12.644  -15.691 1.00 18.30 ? 103 TRP A N   1 
ATOM   792 C CA  . TRP A 1 103 ? -6.540  12.848  -16.209 1.00 17.99 ? 103 TRP A CA  1 
ATOM   793 C C   . TRP A 1 103 ? -7.535  12.163  -15.281 1.00 17.30 ? 103 TRP A C   1 
ATOM   794 O O   . TRP A 1 103 ? -7.194  11.189  -14.615 1.00 17.04 ? 103 TRP A O   1 
ATOM   795 C CB  . TRP A 1 103 ? -6.631  12.221  -17.605 1.00 19.13 ? 103 TRP A CB  1 
ATOM   796 C CG  . TRP A 1 103 ? -7.975  12.286  -18.263 1.00 19.68 ? 103 TRP A CG  1 
ATOM   797 C CD1 . TRP A 1 103 ? -8.481  13.321  -19.000 1.00 21.06 ? 103 TRP A CD1 1 
ATOM   798 C CD2 . TRP A 1 103 ? -8.972  11.258  -18.277 1.00 20.17 ? 103 TRP A CD2 1 
ATOM   799 N NE1 . TRP A 1 103 ? -9.729  12.997  -19.478 1.00 20.76 ? 103 TRP A NE1 1 
ATOM   800 C CE2 . TRP A 1 103 ? -10.055 11.736  -19.048 1.00 22.18 ? 103 TRP A CE2 1 
ATOM   801 C CE3 . TRP A 1 103 ? -9.056  9.977   -17.715 1.00 22.63 ? 103 TRP A CE3 1 
ATOM   802 C CZ2 . TRP A 1 103 ? -11.210 10.977  -19.270 1.00 21.89 ? 103 TRP A CZ2 1 
ATOM   803 C CZ3 . TRP A 1 103 ? -10.207 9.220   -17.938 1.00 21.25 ? 103 TRP A CZ3 1 
ATOM   804 C CH2 . TRP A 1 103 ? -11.266 9.725   -18.709 1.00 22.04 ? 103 TRP A CH2 1 
ATOM   805 N N   . ALA A 1 104 ? -8.763  12.669  -15.246 1.00 18.43 ? 104 ALA A N   1 
ATOM   806 C CA  . ALA A 1 104 ? -9.811  12.086  -14.411 1.00 18.92 ? 104 ALA A CA  1 
ATOM   807 C C   . ALA A 1 104 ? -11.177 12.335  -15.042 1.00 19.69 ? 104 ALA A C   1 
ATOM   808 O O   . ALA A 1 104 ? -11.393 13.355  -15.689 1.00 20.65 ? 104 ALA A O   1 
ATOM   809 C CB  . ALA A 1 104 ? -9.765  12.686  -13.013 1.00 18.43 ? 104 ALA A CB  1 
ATOM   810 N N   . THR A 1 105 ? -12.096 11.393  -14.856 1.00 20.51 ? 105 THR A N   1 
ATOM   811 C CA  . THR A 1 105 ? -13.443 11.518  -15.404 1.00 20.21 ? 105 THR A CA  1 
ATOM   812 C C   . THR A 1 105 ? -14.261 12.475  -14.552 1.00 20.70 ? 105 THR A C   1 
ATOM   813 O O   . THR A 1 105 ? -15.178 13.131  -15.040 1.00 21.07 ? 105 THR A O   1 
ATOM   814 C CB  . THR A 1 105 ? -14.184 10.176  -15.392 1.00 19.41 ? 105 THR A CB  1 
ATOM   815 O OG1 . THR A 1 105 ? -14.240 9.687   -14.045 1.00 16.03 ? 105 THR A OG1 1 
ATOM   816 C CG2 . THR A 1 105 ? -13.487 9.163   -16.289 1.00 17.90 ? 105 THR A CG2 1 
ATOM   817 N N   . GLY A 1 106 ? -13.925 12.538  -13.269 1.00 20.72 ? 106 GLY A N   1 
ATOM   818 C CA  . GLY A 1 106 ? -14.655 13.398  -12.362 1.00 20.79 ? 106 GLY A CA  1 
ATOM   819 C C   . GLY A 1 106 ? -15.945 12.728  -11.929 1.00 20.89 ? 106 GLY A C   1 
ATOM   820 O O   . GLY A 1 106 ? -16.845 13.385  -11.413 1.00 20.91 ? 106 GLY A O   1 
ATOM   821 N N   . SER A 1 107 ? -16.040 11.417  -12.139 1.00 20.19 ? 107 SER A N   1 
ATOM   822 C CA  . SER A 1 107 ? -17.235 10.667  -11.760 1.00 20.54 ? 107 SER A CA  1 
ATOM   823 C C   . SER A 1 107 ? -17.238 10.341  -10.265 1.00 21.67 ? 107 SER A C   1 
ATOM   824 O O   . SER A 1 107 ? -18.129 9.651   -9.765  1.00 21.10 ? 107 SER A O   1 
ATOM   825 C CB  . SER A 1 107 ? -17.344 9.377   -12.585 1.00 19.79 ? 107 SER A CB  1 
ATOM   826 O OG  . SER A 1 107 ? -16.175 8.580   -12.488 1.00 18.71 ? 107 SER A OG  1 
ATOM   827 N N   . GLY A 1 108 ? -16.229 10.847  -9.565  1.00 22.90 ? 108 GLY A N   1 
ATOM   828 C CA  . GLY A 1 108 ? -16.113 10.635  -8.134  1.00 24.41 ? 108 GLY A CA  1 
ATOM   829 C C   . GLY A 1 108 ? -15.261 11.756  -7.566  1.00 26.80 ? 108 GLY A C   1 
ATOM   830 O O   . GLY A 1 108 ? -14.679 12.515  -8.339  1.00 26.99 ? 108 GLY A O   1 
ATOM   831 N N   . PRO A 1 109 ? -15.156 11.893  -6.234  1.00 28.76 ? 109 PRO A N   1 
ATOM   832 C CA  . PRO A 1 109 ? -15.793 11.054  -5.216  1.00 32.53 ? 109 PRO A CA  1 
ATOM   833 C C   . PRO A 1 109 ? -17.314 11.162  -5.197  1.00 36.23 ? 109 PRO A C   1 
ATOM   834 O O   . PRO A 1 109 ? -17.880 12.254  -5.272  1.00 35.72 ? 109 PRO A O   1 
ATOM   835 C CB  . PRO A 1 109 ? -15.151 11.540  -3.918  1.00 30.75 ? 109 PRO A CB  1 
ATOM   836 C CG  . PRO A 1 109 ? -14.877 12.977  -4.203  1.00 30.44 ? 109 PRO A CG  1 
ATOM   837 C CD  . PRO A 1 109 ? -14.318 12.927  -5.602  1.00 28.75 ? 109 PRO A CD  1 
ATOM   838 N N   . ALA A 1 110 ? -17.967 10.009  -5.100  1.00 40.11 ? 110 ALA A N   1 
ATOM   839 C CA  . ALA A 1 110 ? -19.420 9.940   -5.073  1.00 43.51 ? 110 ALA A CA  1 
ATOM   840 C C   . ALA A 1 110 ? -19.835 8.542   -4.643  1.00 44.95 ? 110 ALA A C   1 
ATOM   841 O O   . ALA A 1 110 ? -20.585 7.897   -5.403  1.00 46.31 ? 110 ALA A O   1 
ATOM   842 C CB  . ALA A 1 110 ? -19.984 10.251  -6.454  1.00 44.27 ? 110 ALA A CB  1 
ATOM   843 O OXT . ALA A 1 110 ? -19.401 8.112   -3.552  1.00 47.59 ? 110 ALA A OXT 1 
HETATM 844 C C1  . MMA B 2 .   ? 7.647   -2.544  -15.331 1.00 17.88 ? 111 MMA A C1  1 
HETATM 845 C C2  . MMA B 2 .   ? 6.109   -2.755  -15.394 1.00 18.56 ? 111 MMA A C2  1 
HETATM 846 C C3  . MMA B 2 .   ? 5.422   -1.375  -15.432 1.00 17.60 ? 111 MMA A C3  1 
HETATM 847 C C4  . MMA B 2 .   ? 5.807   -0.608  -14.157 1.00 15.94 ? 111 MMA A C4  1 
HETATM 848 C C5  . MMA B 2 .   ? 7.341   -0.456  -14.115 1.00 16.84 ? 111 MMA A C5  1 
HETATM 849 C C6  . MMA B 2 .   ? 7.734   0.285   -12.827 1.00 18.03 ? 111 MMA A C6  1 
HETATM 850 C C7  . MMA B 2 .   ? 9.533   -1.685  -16.462 1.00 20.42 ? 111 MMA A C7  1 
HETATM 851 O O1  . MMA B 2 .   ? 8.100   -1.849  -16.521 1.00 23.84 ? 111 MMA A O1  1 
HETATM 852 O O2  . MMA B 2 .   ? 5.675   -3.461  -14.218 1.00 20.09 ? 111 MMA A O2  1 
HETATM 853 O O3  . MMA B 2 .   ? 3.999   -1.547  -15.478 1.00 16.04 ? 111 MMA A O3  1 
HETATM 854 O O4  . MMA B 2 .   ? 5.194   0.682   -14.174 1.00 14.03 ? 111 MMA A O4  1 
HETATM 855 O O5  . MMA B 2 .   ? 7.977   -1.771  -14.120 1.00 18.44 ? 111 MMA A O5  1 
HETATM 856 O O6  . MMA B 2 .   ? 9.152   0.430   -12.760 1.00 20.61 ? 111 MMA A O6  1 
HETATM 857 S S   . SO4 C 3 .   ? 5.915   -12.669 8.584   1.00 18.72 ? 112 SO4 A S   1 
HETATM 858 O O1  . SO4 C 3 .   ? 4.638   -13.360 8.360   1.00 19.30 ? 112 SO4 A O1  1 
HETATM 859 O O2  . SO4 C 3 .   ? 6.716   -12.687 7.348   1.00 18.47 ? 112 SO4 A O2  1 
HETATM 860 O O3  . SO4 C 3 .   ? 5.662   -11.277 8.981   1.00 19.34 ? 112 SO4 A O3  1 
HETATM 861 O O4  . SO4 C 3 .   ? 6.665   -13.348 9.662   1.00 21.73 ? 112 SO4 A O4  1 
HETATM 862 S S   . SO4 D 3 .   ? -8.022  15.049  -0.555  1.00 54.69 ? 113 SO4 A S   1 
HETATM 863 O O1  . SO4 D 3 .   ? -8.650  15.507  -1.809  1.00 56.10 ? 113 SO4 A O1  1 
HETATM 864 O O2  . SO4 D 3 .   ? -7.154  16.119  -0.026  1.00 55.36 ? 113 SO4 A O2  1 
HETATM 865 O O3  . SO4 D 3 .   ? -9.068  14.727  0.432   1.00 55.64 ? 113 SO4 A O3  1 
HETATM 866 O O4  . SO4 D 3 .   ? -7.217  13.841  -0.816  1.00 53.74 ? 113 SO4 A O4  1 
HETATM 867 S S   . SO4 E 3 .   ? -9.704  -10.170 -9.434  1.00 50.25 ? 114 SO4 A S   1 
HETATM 868 O O1  . SO4 E 3 .   ? -8.766  -10.568 -8.371  1.00 51.60 ? 114 SO4 A O1  1 
HETATM 869 O O2  . SO4 E 3 .   ? -10.305 -8.876  -9.067  1.00 50.36 ? 114 SO4 A O2  1 
HETATM 870 O O3  . SO4 E 3 .   ? -8.988  -10.057 -10.722 1.00 48.01 ? 114 SO4 A O3  1 
HETATM 871 O O4  . SO4 E 3 .   ? -10.766 -11.187 -9.552  1.00 51.63 ? 114 SO4 A O4  1 
HETATM 872 S S   . SO4 F 3 .   ? -9.933  -7.990  2.438   1.00 60.50 ? 115 SO4 A S   1 
HETATM 873 O O1  . SO4 F 3 .   ? -11.189 -7.637  3.129   1.00 61.71 ? 115 SO4 A O1  1 
HETATM 874 O O2  . SO4 F 3 .   ? -10.212 -8.267  1.017   1.00 62.16 ? 115 SO4 A O2  1 
HETATM 875 O O3  . SO4 F 3 .   ? -8.984  -6.867  2.545   1.00 60.87 ? 115 SO4 A O3  1 
HETATM 876 O O4  . SO4 F 3 .   ? -9.353  -9.194  3.060   1.00 61.03 ? 115 SO4 A O4  1 
HETATM 877 S S   . SO4 G 3 .   ? 9.745   -15.800 -7.345  1.00 68.64 ? 116 SO4 A S   1 
HETATM 878 O O1  . SO4 G 3 .   ? 9.968   -14.452 -6.787  1.00 68.12 ? 116 SO4 A O1  1 
HETATM 879 O O2  . SO4 G 3 .   ? 10.244  -16.809 -6.393  1.00 67.97 ? 116 SO4 A O2  1 
HETATM 880 O O3  . SO4 G 3 .   ? 8.305   -16.018 -7.578  1.00 68.17 ? 116 SO4 A O3  1 
HETATM 881 O O4  . SO4 G 3 .   ? 10.467  -15.922 -8.627  1.00 68.92 ? 116 SO4 A O4  1 
HETATM 882 O O   . HOH H 4 .   ? -2.783  -4.261  -16.667 1.00 2.68  ? 117 HOH A O   1 
HETATM 883 O O   . HOH H 4 .   ? 4.814   11.244  5.148   1.00 13.27 ? 118 HOH A O   1 
HETATM 884 O O   . HOH H 4 .   ? 9.520   -10.277 5.347   1.00 14.72 ? 119 HOH A O   1 
HETATM 885 O O   . HOH H 4 .   ? -5.452  7.216   5.453   1.00 14.75 ? 120 HOH A O   1 
HETATM 886 O O   . HOH H 4 .   ? -2.480  10.437  4.390   1.00 16.07 ? 121 HOH A O   1 
HETATM 887 O O   . HOH H 4 .   ? -2.473  -10.739 9.230   1.00 25.30 ? 122 HOH A O   1 
HETATM 888 O O   . HOH H 4 .   ? 0.227   15.229  -14.487 1.00 17.29 ? 123 HOH A O   1 
HETATM 889 O O   . HOH H 4 .   ? 2.480   0.511   -16.481 1.00 20.54 ? 124 HOH A O   1 
HETATM 890 O O   . HOH H 4 .   ? -7.701  2.872   -5.476  1.00 18.17 ? 125 HOH A O   1 
HETATM 891 O O   . HOH H 4 .   ? -2.219  15.713  -18.324 1.00 23.48 ? 126 HOH A O   1 
HETATM 892 O O   . HOH H 4 .   ? 3.646   12.744  3.088   1.00 23.02 ? 127 HOH A O   1 
HETATM 893 O O   . HOH H 4 .   ? -1.159  -15.761 -2.460  1.00 24.50 ? 128 HOH A O   1 
HETATM 894 O O   . HOH H 4 .   ? -3.079  16.504  1.186   1.00 23.72 ? 129 HOH A O   1 
HETATM 895 O O   . HOH H 4 .   ? 9.983   -9.177  8.866   1.00 15.71 ? 130 HOH A O   1 
HETATM 896 O O   . HOH H 4 .   ? -5.727  17.470  1.935   1.00 19.78 ? 131 HOH A O   1 
HETATM 897 O O   . HOH H 4 .   ? 6.628   16.417  -0.666  1.00 14.37 ? 132 HOH A O   1 
HETATM 898 O O   . HOH H 4 .   ? 4.461   10.084  7.726   1.00 25.42 ? 133 HOH A O   1 
HETATM 899 O O   . HOH H 4 .   ? 10.013  -2.146  -11.534 1.00 26.42 ? 134 HOH A O   1 
HETATM 900 O O   . HOH H 4 .   ? 10.271  2.377   -14.245 1.00 26.82 ? 135 HOH A O   1 
HETATM 901 O O   . HOH H 4 .   ? -5.981  -4.875  -16.253 1.00 34.05 ? 136 HOH A O   1 
HETATM 902 O O   . HOH H 4 .   ? 2.167   14.894  4.326   1.00 23.32 ? 137 HOH A O   1 
HETATM 903 O O   . HOH H 4 .   ? -8.169  -3.684  10.521  1.00 31.59 ? 138 HOH A O   1 
HETATM 904 O O   . HOH H 4 .   ? -8.381  5.051   4.366   1.00 22.81 ? 139 HOH A O   1 
HETATM 905 O O   . HOH H 4 .   ? -3.433  17.141  -2.664  1.00 24.54 ? 140 HOH A O   1 
HETATM 906 O O   . HOH H 4 .   ? 4.364   -8.251  15.804  1.00 26.13 ? 141 HOH A O   1 
HETATM 907 O O   . HOH H 4 .   ? -8.306  -1.292  4.503   1.00 24.97 ? 142 HOH A O   1 
HETATM 908 O O   . HOH H 4 .   ? 4.587   -5.829  -17.579 1.00 27.20 ? 143 HOH A O   1 
HETATM 909 O O   . HOH H 4 .   ? -8.580  10.109  -2.737  1.00 26.85 ? 144 HOH A O   1 
HETATM 910 O O   . HOH H 4 .   ? 5.958   11.506  -10.368 1.00 20.96 ? 145 HOH A O   1 
HETATM 911 O O   . HOH H 4 .   ? 1.265   15.364  1.428   1.00 26.92 ? 146 HOH A O   1 
HETATM 912 O O   . HOH H 4 .   ? 6.565   15.098  -7.812  1.00 28.99 ? 147 HOH A O   1 
HETATM 913 O O   . HOH H 4 .   ? 11.424  -7.893  -0.141  1.00 29.79 ? 148 HOH A O   1 
HETATM 914 O O   . HOH H 4 .   ? -5.216  -0.944  11.214  1.00 33.12 ? 149 HOH A O   1 
HETATM 915 O O   . HOH H 4 .   ? -2.354  16.663  -11.619 1.00 23.33 ? 150 HOH A O   1 
HETATM 916 O O   . HOH H 4 .   ? 1.319   -18.214 -9.630  1.00 35.24 ? 151 HOH A O   1 
HETATM 917 O O   . HOH H 4 .   ? 3.328   20.597  -4.595  1.00 30.00 ? 152 HOH A O   1 
HETATM 918 O O   . HOH H 4 .   ? -2.749  -13.901 -9.967  1.00 34.57 ? 153 HOH A O   1 
HETATM 919 O O   . HOH H 4 .   ? -6.222  15.932  -18.057 1.00 26.72 ? 154 HOH A O   1 
HETATM 920 O O   . HOH H 4 .   ? 2.010   -12.250 -13.903 1.00 31.47 ? 155 HOH A O   1 
HETATM 921 O O   . HOH H 4 .   ? 6.221   11.468  -5.282  1.00 20.78 ? 156 HOH A O   1 
HETATM 922 O O   . HOH H 4 .   ? 10.778  -13.593 -0.052  1.00 26.37 ? 157 HOH A O   1 
HETATM 923 O O   . HOH H 4 .   ? -0.432  -4.773  12.367  1.00 31.38 ? 158 HOH A O   1 
HETATM 924 O O   . HOH H 4 .   ? -5.841  -8.083  -15.803 1.00 37.85 ? 159 HOH A O   1 
HETATM 925 O O   . HOH H 4 .   ? -4.968  15.844  -7.525  1.00 26.42 ? 160 HOH A O   1 
HETATM 926 O O   . HOH H 4 .   ? 11.667  -10.080 2.006   1.00 26.37 ? 161 HOH A O   1 
HETATM 927 O O   . HOH H 4 .   ? -2.684  1.979   12.640  1.00 38.57 ? 162 HOH A O   1 
HETATM 928 O O   . HOH H 4 .   ? 12.130  -8.312  10.303  1.00 34.89 ? 163 HOH A O   1 
HETATM 929 O O   . HOH H 4 .   ? 7.062   -3.508  -18.623 1.00 39.36 ? 164 HOH A O   1 
HETATM 930 O O   . HOH H 4 .   ? 9.949   10.917  4.370   1.00 23.27 ? 165 HOH A O   1 
HETATM 931 O O   . HOH H 4 .   ? 11.767  -3.679  1.677   1.00 41.09 ? 166 HOH A O   1 
HETATM 932 O O   . HOH H 4 .   ? -10.910 14.610  2.396   1.00 34.06 ? 167 HOH A O   1 
HETATM 933 O O   . HOH H 4 .   ? -8.745  -7.551  -1.268  1.00 36.56 ? 168 HOH A O   1 
HETATM 934 O O   . HOH H 4 .   ? -11.279 -4.390  9.927   1.00 46.27 ? 169 HOH A O   1 
HETATM 935 O O   . HOH H 4 .   ? 11.336  0.868   11.827  1.00 36.55 ? 170 HOH A O   1 
HETATM 936 O O   . HOH H 4 .   ? 10.379  -8.891  -5.531  1.00 40.40 ? 171 HOH A O   1 
HETATM 937 O O   . HOH H 4 .   ? -13.229 14.731  -8.610  1.00 32.33 ? 172 HOH A O   1 
HETATM 938 O O   . HOH H 4 .   ? -6.832  -9.571  3.736   1.00 27.30 ? 173 HOH A O   1 
HETATM 939 O O   . HOH H 4 .   ? -10.165 10.035  1.317   1.00 33.37 ? 174 HOH A O   1 
HETATM 940 O O   . HOH H 4 .   ? -9.104  -1.451  1.175   1.00 53.20 ? 175 HOH A O   1 
HETATM 941 O O   . HOH H 4 .   ? 8.628   -12.215 3.769   1.00 17.75 ? 176 HOH A O   1 
HETATM 942 O O   . HOH H 4 .   ? 9.309   -11.505 1.116   1.00 25.97 ? 177 HOH A O   1 
HETATM 943 O O   . HOH H 4 .   ? 6.509   12.460  -7.833  1.00 28.06 ? 178 HOH A O   1 
HETATM 944 O O   . HOH H 4 .   ? 6.251   13.908  -11.950 1.00 26.41 ? 179 HOH A O   1 
HETATM 945 O O   . HOH H 4 .   ? 12.350  13.386  0.807   1.00 36.72 ? 180 HOH A O   1 
HETATM 946 O O   . HOH H 4 .   ? 1.407   20.943  -6.308  1.00 33.68 ? 181 HOH A O   1 
HETATM 947 O O   . HOH H 4 .   ? -0.518  14.649  -20.266 1.00 30.65 ? 182 HOH A O   1 
HETATM 948 O O   . HOH H 4 .   ? 5.587   16.053  -10.282 1.00 27.63 ? 183 HOH A O   1 
HETATM 949 O O   . HOH H 4 .   ? 10.447  -15.878 1.400   1.00 31.41 ? 184 HOH A O   1 
HETATM 950 O O   . HOH H 4 .   ? 7.267   10.015  7.179   1.00 37.49 ? 185 HOH A O   1 
HETATM 951 O O   . HOH H 4 .   ? 1.938   -5.021  -17.608 1.00 36.39 ? 186 HOH A O   1 
HETATM 952 O O   . HOH H 4 .   ? -8.769  15.630  -16.289 1.00 40.28 ? 187 HOH A O   1 
HETATM 953 O O   . HOH H 4 .   ? -3.231  17.967  -19.638 1.00 37.88 ? 188 HOH A O   1 
HETATM 954 O O   . HOH H 4 .   ? 4.844   -4.019  -20.363 1.00 38.91 ? 189 HOH A O   1 
HETATM 955 O O   . HOH H 4 .   ? 1.286   17.445  -13.204 1.00 30.45 ? 190 HOH A O   1 
HETATM 956 O O   . HOH H 4 .   ? 0.229   16.001  -17.034 1.00 42.27 ? 191 HOH A O   1 
HETATM 957 O O   . HOH H 4 .   ? -5.018  -16.212 0.096   1.00 46.99 ? 192 HOH A O   1 
HETATM 958 O O   . HOH H 4 .   ? -13.232 16.439  -6.221  1.00 29.88 ? 193 HOH A O   1 
HETATM 959 O O   . HOH H 4 .   ? 12.353  -2.103  -9.753  1.00 33.08 ? 194 HOH A O   1 
HETATM 960 O O   . HOH H 4 .   ? 10.848  -11.025 -8.288  1.00 40.19 ? 195 HOH A O   1 
HETATM 961 O O   . HOH H 4 .   ? 10.658  -12.177 -12.014 1.00 44.56 ? 196 HOH A O   1 
HETATM 962 O O   . HOH H 4 .   ? -6.305  -11.319 7.621   1.00 40.10 ? 197 HOH A O   1 
HETATM 963 O O   . HOH H 4 .   ? -5.989  17.566  -2.037  1.00 41.78 ? 198 HOH A O   1 
HETATM 964 O O   . HOH H 4 .   ? 11.642  12.409  -1.494  1.00 43.30 ? 199 HOH A O   1 
HETATM 965 O O   . HOH H 4 .   ? -3.174  -19.420 -6.033  1.00 50.39 ? 200 HOH A O   1 
HETATM 966 O O   . HOH H 4 .   ? 8.268   -5.284  -20.085 1.00 51.07 ? 201 HOH A O   1 
HETATM 967 O O   . HOH H 4 .   ? 9.253   15.989  -7.607  1.00 48.50 ? 202 HOH A O   1 
HETATM 968 O O   . HOH H 4 .   ? 10.566  13.304  -4.868  1.00 44.77 ? 203 HOH A O   1 
HETATM 969 O O   . HOH H 4 .   ? 12.057  -9.325  -3.012  1.00 47.99 ? 204 HOH A O   1 
HETATM 970 O O   . HOH H 4 .   ? -0.044  -5.532  -15.473 1.00 18.40 ? 205 HOH A O   1 
HETATM 971 O O   . HOH H 4 .   ? -1.663  -14.377 5.136   1.00 39.29 ? 206 HOH A O   1 
HETATM 972 O O   . HOH H 4 .   ? -7.091  -15.593 5.169   1.00 42.53 ? 207 HOH A O   1 
HETATM 973 O O   . HOH H 4 .   ? -9.368  -7.625  8.720   1.00 34.60 ? 208 HOH A O   1 
HETATM 974 O O   . HOH H 4 .   ? -4.178  17.780  -15.066 1.00 38.80 ? 209 HOH A O   1 
HETATM 975 O O   . HOH H 4 .   ? -6.428  16.862  -14.004 1.00 37.55 ? 210 HOH A O   1 
HETATM 976 O O   . HOH H 4 .   ? -10.672 16.408  -19.221 1.00 44.89 ? 211 HOH A O   1 
HETATM 977 O O   . HOH H 4 .   ? -12.871 14.433  -17.977 1.00 44.41 ? 212 HOH A O   1 
HETATM 978 O O   . HOH H 4 .   ? 13.448  11.051  6.054   1.00 36.79 ? 213 HOH A O   1 
HETATM 979 O O   . HOH H 4 .   ? -2.514  -15.956 0.556   1.00 36.74 ? 214 HOH A O   1 
HETATM 980 O O   . HOH H 4 .   ? -10.464 0.274   10.842  1.00 35.27 ? 215 HOH A O   1 
HETATM 981 O O   . HOH H 4 .   ? -10.815 5.443   7.674   1.00 38.28 ? 216 HOH A O   1 
HETATM 982 O O   . HOH H 4 .   ? -8.755  4.052   12.009  1.00 49.18 ? 217 HOH A O   1 
HETATM 983 O O   . HOH H 4 .   ? -13.616 7.482   6.778   1.00 48.58 ? 218 HOH A O   1 
HETATM 984 O O   . HOH H 4 .   ? -13.004 -3.709  3.448   1.00 50.19 ? 219 HOH A O   1 
HETATM 985 O O   . HOH H 4 .   ? -10.747 3.521   0.700   1.00 38.40 ? 220 HOH A O   1 
HETATM 986 O O   . HOH H 4 .   ? -12.626 5.145   -0.579  1.00 47.19 ? 221 HOH A O   1 
HETATM 987 O O   . HOH H 4 .   ? -11.337 18.538  -8.437  1.00 43.08 ? 222 HOH A O   1 
HETATM 988 O O   . HOH H 4 .   ? -4.506  8.149   14.901  1.00 42.93 ? 223 HOH A O   1 
HETATM 989 O O   . HOH H 4 .   ? 3.139   -0.555  18.348  1.00 34.51 ? 224 HOH A O   1 
HETATM 990 O O   . HOH H 4 .   ? -1.928  6.128   19.642  1.00 45.07 ? 225 HOH A O   1 
HETATM 991 O O   . HOH H 4 .   ? 12.036  1.716   1.414   1.00 37.64 ? 226 HOH A O   1 
HETATM 992 O O   . HOH H 4 .   ? 12.204  3.152   5.865   1.00 37.60 ? 227 HOH A O   1 
HETATM 993 O O   . HOH H 4 .   ? 11.979  5.879   8.530   1.00 42.70 ? 228 HOH A O   1 
HETATM 994 O O   . HOH H 4 .   ? 11.421  7.837   10.554  1.00 38.23 ? 229 HOH A O   1 
# 
